data_8Y0C
#
_entry.id   8Y0C
#
_cell.length_a   124.283
_cell.length_b   124.283
_cell.length_c   268.523
_cell.angle_alpha   90.000
_cell.angle_beta   90.000
_cell.angle_gamma   90.000
#
_symmetry.space_group_name_H-M   'P 43 21 2'
#
loop_
_entity.id
_entity.type
_entity.pdbx_description
1 polymer 'RNA (42-MER)'
2 polymer 'DNA (27-MER)'
3 polymer "DNA (5'-D(P*AP*GP*TP*CP*CP*TP*TP*TP*AP*CP*T)-3')"
4 polymer 'CRISPR-associated endonuclease Cas12a'
5 non-polymer 'MAGNESIUM ION'
6 water water
#
loop_
_entity_poly.entity_id
_entity_poly.type
_entity_poly.pdbx_seq_one_letter_code
_entity_poly.pdbx_strand_id
1 'polyribonucleotide' GGAAUUUCUACUGUUGUAGAUGAGAAGUCAUUUAAUAAGGCCGUCUAAGAACUUUAUC B
2 'polydeoxyribonucleotide'
;(DC)(DT)(DT)(DA)(DT)(DT)(DA)(DA)(DA)(DT)(DG)(DA)(DC)(DT)(DT)(DC)(DT)(DC)(DT)(DA)
(DA)(DA)(DG)(DG)(DA)(DC)(DT)
;
C
3 'polydeoxyribonucleotide' (DA)(DG)(DT)(DC)(DC)(DT)(DT)(DT)(DA)(DC)(DT) D
4 'polypeptide(L)'
;MSIYQEFVNKYSLSKTLRFELIPQGKTLENIKARGLILDDEKRAKDYKKAKQIIDKYHQFFIEEILSSVCISEDLLQNYS
DVYFKLKKSDDDNLQKDFKSAKDTIKKQISEYIKDSEKFKNLFNQNLIDAKKGQESDLILWLKQSKDNGIELFKANSDIT
DIDEALEIIKSFKGWTTYFKGFHENRKNVYSSNDIPTSIIYRIVDDNLPKFLENKAKYESLKDKAPEAINYEQIKKDLAE
ELTFDIDYKTSEVNQRVFSLDEVFEIANFNNYLNQSGITKFNTIIGGKFVNGENTKRKGINEYINLYSQQINDKTLKKYK
MSVLFKQILSDTESKSFVIDKLEDDSDVVTTMQSFYEQIAAFKTVEEKSIKETLSLLFDDLKAQKLDLSKIYFKNDKSLT
DLSQQVFDDYSVIGTAVLEYITQQIAPKNLDNPSKKEQELIAKKTEKAKYLSLETIKLALEEFNKHRDIDKQCRFEEILA
NFAAIPMIFDEIAQNKDNLAQISIKYQNQGKKDLLQASAEDDVKAIKDLLDQTNNLLHKLKIFHISQSEDKANILDKDEH
FYLVFEECYFELANIVPLYNKIRNYITQKPYSDEKFKLNFENSTLANGWDKNKEPDNTAILFIKDDKYYLGVMNKKNNKI
FDDKAIKENKGEGYKKIVYKLLPGANKMLPKVFFSAKSIKFYNPSEDILRIRNHSTHTKNGSPQKGYEKFEFNIEDCRKF
IDFYKQSISKHPEWKDFGFRFSDTQRYNSIDEFYREVENQGYKLTFENISESYIDSVVNQGKLYLFQIYNKDFSAYSKGR
PNLHTLYWKALFDERNLQDVVYKLNGEAELFYRKQSIPKKITHPAKEAIANKNKDNPKKESVFEYDLIKDKRFTEDKFFF
HCPITINFKSSGANKFNDEINLLLKEKANDVHILSIDRGERHLAYYTLVDGKGNIIKQDTFNIIGNDRMKTNYHDKLAAI
EKDRDSARKDWKKINNIKEMKEGYLSQVVHEIAKLVIEYNAIVVFADLNFGFKRGRFKVEKQVYQKLEKMLIEKLNYLVF
KDNEFDKTGGVLRAYQLTAPFETFKKMGKQTGIIYYVPAGFTSKICPVTGFVNQLYPKYESVSKSQEFFSKFDKICYNLD
KGYFEFSFDYKNFGDKAAKGKWTIASFGSRLINFRNSDKNHNWDTREVYPTKELEKLLKDYSIEYGHGECIKAAICGESD
KKFFAKLTSVLNTILQMRNSKTGTELDYLISPVADVNGNFFDSRQAPKNMPQDADANGAYHIGLKGLMLLGRIKNNQEGK
KLNLVIKNEEYFEFVQNRNN
;
A
#
loop_
_chem_comp.id
_chem_comp.type
_chem_comp.name
_chem_comp.formula
A RNA linking ADENOSINE-5'-MONOPHOSPHATE 'C10 H14 N5 O7 P'
C RNA linking CYTIDINE-5'-MONOPHOSPHATE 'C9 H14 N3 O8 P'
DA DNA linking 2'-DEOXYADENOSINE-5'-MONOPHOSPHATE 'C10 H14 N5 O6 P'
DC DNA linking 2'-DEOXYCYTIDINE-5'-MONOPHOSPHATE 'C9 H14 N3 O7 P'
DG DNA linking 2'-DEOXYGUANOSINE-5'-MONOPHOSPHATE 'C10 H14 N5 O7 P'
DT DNA linking THYMIDINE-5'-MONOPHOSPHATE 'C10 H15 N2 O8 P'
G RNA linking GUANOSINE-5'-MONOPHOSPHATE 'C10 H14 N5 O8 P'
MG non-polymer 'MAGNESIUM ION' 'Mg 2'
U RNA linking URIDINE-5'-MONOPHOSPHATE 'C9 H13 N2 O9 P'
#
# COMPACT_ATOMS: atom_id res chain seq x y z
N MET D 1 -28.76 -14.17 24.97
CA MET D 1 -27.45 -14.79 25.13
C MET D 1 -26.25 -13.85 24.80
N SER D 2 -26.34 -13.05 23.74
CA SER D 2 -25.18 -12.28 23.27
C SER D 2 -24.93 -11.11 24.18
N ILE D 3 -23.65 -10.82 24.44
CA ILE D 3 -23.33 -9.72 25.33
C ILE D 3 -23.36 -8.39 24.62
N TYR D 4 -23.51 -8.36 23.30
CA TYR D 4 -23.55 -7.12 22.56
C TYR D 4 -24.96 -6.70 22.18
N GLN D 5 -25.98 -7.05 22.96
CA GLN D 5 -27.34 -6.69 22.54
C GLN D 5 -27.52 -5.18 22.52
N GLU D 6 -26.63 -4.46 23.22
CA GLU D 6 -26.66 -3.02 23.40
C GLU D 6 -25.72 -2.24 22.48
N PHE D 7 -24.79 -2.91 21.80
CA PHE D 7 -23.90 -2.20 20.88
C PHE D 7 -24.53 -2.24 19.49
N VAL D 8 -25.46 -1.30 19.30
CA VAL D 8 -26.27 -1.14 18.10
C VAL D 8 -26.48 0.36 17.96
N ASN D 9 -26.69 0.82 16.73
CA ASN D 9 -26.99 2.24 16.51
C ASN D 9 -26.09 3.15 17.34
N LYS D 10 -24.79 2.83 17.38
CA LYS D 10 -23.82 3.58 18.18
C LYS D 10 -23.42 4.89 17.51
N TYR D 11 -23.23 4.84 16.19
CA TYR D 11 -22.86 6.01 15.41
C TYR D 11 -23.35 5.87 13.97
N SER D 12 -23.32 6.99 13.25
CA SER D 12 -23.66 7.03 11.85
C SER D 12 -22.41 6.85 11.02
N LEU D 13 -22.60 6.27 9.82
CA LEU D 13 -21.53 6.27 8.84
C LEU D 13 -22.13 6.43 7.45
N SER D 14 -21.23 6.67 6.51
CA SER D 14 -21.54 6.87 5.10
C SER D 14 -21.29 5.59 4.30
N LYS D 15 -22.18 5.31 3.36
CA LYS D 15 -22.01 4.24 2.40
C LYS D 15 -22.59 4.71 1.08
N THR D 16 -22.26 3.99 0.00
CA THR D 16 -22.88 4.19 -1.30
C THR D 16 -23.27 2.84 -1.89
N LEU D 17 -24.45 2.78 -2.49
CA LEU D 17 -24.95 1.60 -3.17
C LEU D 17 -24.86 1.76 -4.68
N ARG D 18 -24.60 0.66 -5.36
CA ARG D 18 -24.55 0.65 -6.81
C ARG D 18 -25.66 -0.25 -7.33
N PHE D 19 -26.31 0.20 -8.41
CA PHE D 19 -27.31 -0.56 -9.15
C PHE D 19 -27.03 -0.44 -10.63
N GLU D 20 -27.70 -1.28 -11.43
CA GLU D 20 -27.82 -1.12 -12.88
C GLU D 20 -29.12 -0.38 -13.23
N LEU D 21 -29.02 0.63 -14.09
CA LEU D 21 -30.21 1.27 -14.64
C LEU D 21 -30.59 0.50 -15.91
N ILE D 22 -31.71 -0.21 -15.89
CA ILE D 22 -32.29 -0.75 -17.11
C ILE D 22 -33.23 0.33 -17.67
N PRO D 23 -32.92 0.91 -18.82
CA PRO D 23 -33.87 1.87 -19.39
C PRO D 23 -35.19 1.16 -19.70
N GLN D 24 -36.25 1.98 -19.81
CA GLN D 24 -37.63 1.55 -19.90
C GLN D 24 -38.24 2.13 -21.15
N GLY D 25 -38.88 1.29 -21.96
CA GLY D 25 -39.57 1.82 -23.13
C GLY D 25 -38.66 2.63 -24.03
N LYS D 26 -39.16 3.75 -24.54
CA LYS D 26 -38.47 4.48 -25.60
C LYS D 26 -37.31 5.37 -25.13
N THR D 27 -36.85 5.27 -23.87
CA THR D 27 -35.82 6.18 -23.36
C THR D 27 -34.50 6.02 -24.11
N LEU D 28 -34.13 4.77 -24.41
CA LEU D 28 -32.86 4.53 -25.09
C LEU D 28 -32.90 5.03 -26.54
N GLU D 29 -34.02 4.85 -27.25
CA GLU D 29 -34.12 5.43 -28.58
C GLU D 29 -34.06 6.96 -28.50
N ASN D 30 -34.71 7.54 -27.49
CA ASN D 30 -34.79 8.98 -27.33
C ASN D 30 -33.46 9.58 -26.91
N ILE D 31 -32.70 8.85 -26.08
CA ILE D 31 -31.36 9.31 -25.71
C ILE D 31 -30.50 9.44 -26.94
N LYS D 32 -30.31 8.34 -27.68
CA LYS D 32 -29.38 8.39 -28.82
C LYS D 32 -29.90 9.29 -29.95
N ALA D 33 -31.23 9.38 -30.13
CA ALA D 33 -31.79 10.38 -31.05
C ALA D 33 -31.28 11.77 -30.72
N ARG D 34 -30.97 12.03 -29.45
CA ARG D 34 -30.31 13.24 -29.03
C ARG D 34 -28.81 13.02 -28.80
N GLY D 35 -28.30 11.82 -29.11
CA GLY D 35 -26.88 11.53 -28.99
C GLY D 35 -26.36 12.12 -27.71
N LEU D 36 -27.03 11.77 -26.61
CA LEU D 36 -26.60 12.26 -25.31
C LEU D 36 -25.45 11.43 -24.79
N ILE D 37 -25.39 10.16 -25.14
CA ILE D 37 -24.29 9.33 -24.66
C ILE D 37 -22.98 9.75 -25.33
N LEU D 38 -22.94 9.79 -26.66
CA LEU D 38 -21.66 10.16 -27.30
C LEU D 38 -21.21 11.52 -26.84
N ASP D 39 -22.17 12.38 -26.53
CA ASP D 39 -21.84 13.73 -26.12
C ASP D 39 -21.18 13.73 -24.74
N ASP D 40 -21.65 12.89 -23.82
CA ASP D 40 -21.08 12.86 -22.48
C ASP D 40 -19.70 12.24 -22.50
N GLU D 41 -19.53 11.20 -23.36
CA GLU D 41 -18.23 10.60 -23.62
C GLU D 41 -17.21 11.69 -23.89
N LYS D 42 -17.55 12.60 -24.80
CA LYS D 42 -16.60 13.64 -25.18
C LYS D 42 -16.41 14.64 -24.06
N ARG D 43 -17.38 14.76 -23.15
CA ARG D 43 -17.29 15.80 -22.14
C ARG D 43 -16.53 15.30 -20.93
N ALA D 44 -16.55 13.99 -20.67
CA ALA D 44 -15.51 13.44 -19.82
C ALA D 44 -14.13 13.69 -20.43
N LYS D 45 -13.94 13.29 -21.71
CA LYS D 45 -12.62 13.42 -22.34
C LYS D 45 -12.12 14.86 -22.33
N ASP D 46 -13.02 15.83 -22.36
CA ASP D 46 -12.58 17.22 -22.20
C ASP D 46 -12.37 17.58 -20.73
N TYR D 47 -13.30 17.21 -19.85
CA TYR D 47 -13.15 17.51 -18.41
C TYR D 47 -11.77 17.10 -17.91
N LYS D 48 -11.29 15.93 -18.32
CA LYS D 48 -9.91 15.55 -18.01
C LYS D 48 -8.94 16.60 -18.49
N LYS D 49 -8.96 16.91 -19.80
CA LYS D 49 -8.03 17.91 -20.35
C LYS D 49 -8.24 19.25 -19.66
N ALA D 50 -9.49 19.56 -19.26
CA ALA D 50 -9.73 20.83 -18.58
C ALA D 50 -8.97 20.91 -17.26
N LYS D 51 -9.05 19.86 -16.43
CA LYS D 51 -8.35 19.90 -15.15
C LYS D 51 -6.83 19.75 -15.34
N GLN D 52 -6.42 19.02 -16.38
CA GLN D 52 -5.01 19.04 -16.79
C GLN D 52 -4.58 20.46 -17.08
N ILE D 53 -5.31 21.18 -17.94
CA ILE D 53 -4.96 22.57 -18.27
C ILE D 53 -4.87 23.41 -17.01
N ILE D 54 -5.87 23.31 -16.13
CA ILE D 54 -5.84 24.09 -14.89
C ILE D 54 -4.57 23.82 -14.11
N ASP D 55 -4.26 22.53 -13.91
CA ASP D 55 -3.14 22.14 -13.07
C ASP D 55 -1.83 22.79 -13.53
N LYS D 56 -1.65 22.94 -14.84
CA LYS D 56 -0.43 23.53 -15.40
C LYS D 56 -0.23 24.93 -14.84
N TYR D 57 -1.32 25.61 -14.48
CA TYR D 57 -1.32 26.94 -13.88
C TYR D 57 -1.21 26.89 -12.33
N HIS D 58 -1.89 25.95 -11.66
CA HIS D 58 -1.59 25.66 -10.26
C HIS D 58 -0.15 25.26 -10.10
N GLN D 59 0.43 24.64 -11.14
CA GLN D 59 1.86 24.37 -11.14
C GLN D 59 2.65 25.67 -11.16
N PHE D 60 2.37 26.55 -12.12
CA PHE D 60 3.05 27.84 -12.08
C PHE D 60 2.77 28.55 -10.76
N PHE D 61 1.54 28.41 -10.25
CA PHE D 61 1.23 29.17 -9.05
C PHE D 61 1.97 28.63 -7.84
N ILE D 62 2.18 27.32 -7.76
CA ILE D 62 2.97 26.78 -6.66
C ILE D 62 4.40 27.29 -6.71
N GLU D 63 5.01 27.37 -7.91
CA GLU D 63 6.46 27.66 -7.98
C GLU D 63 6.76 29.12 -7.68
N GLU D 64 5.93 30.04 -8.16
CA GLU D 64 6.23 31.44 -7.86
C GLU D 64 5.85 31.80 -6.43
N ILE D 65 4.90 31.06 -5.85
CA ILE D 65 4.56 31.30 -4.45
C ILE D 65 5.68 30.85 -3.54
N LEU D 66 6.52 29.93 -3.99
CA LEU D 66 7.45 29.29 -3.08
C LEU D 66 8.88 29.74 -3.26
N SER D 67 9.25 30.29 -4.41
CA SER D 67 10.55 30.93 -4.42
C SER D 67 10.47 32.30 -3.74
N SER D 68 9.25 32.84 -3.61
CA SER D 68 9.01 34.01 -2.79
C SER D 68 9.12 33.70 -1.30
N VAL D 69 8.73 32.49 -0.90
CA VAL D 69 8.73 32.11 0.51
C VAL D 69 10.13 32.16 1.10
N CYS D 70 10.22 32.60 2.36
CA CYS D 70 11.39 32.43 3.22
C CYS D 70 10.94 32.19 4.66
N ILE D 71 11.59 31.26 5.33
CA ILE D 71 11.35 31.00 6.74
C ILE D 71 12.50 31.56 7.57
N SER D 72 12.17 32.48 8.47
CA SER D 72 13.09 33.05 9.46
C SER D 72 13.94 31.96 10.11
N GLU D 73 15.28 32.00 9.93
CA GLU D 73 16.13 30.96 10.49
C GLU D 73 15.79 30.64 11.95
N ASP D 74 15.69 31.66 12.80
CA ASP D 74 15.44 31.36 14.20
C ASP D 74 14.06 30.73 14.46
N LEU D 75 13.22 30.59 13.43
CA LEU D 75 11.96 29.82 13.50
C LEU D 75 12.21 28.34 13.29
N LEU D 76 13.01 28.02 12.28
CA LEU D 76 13.52 26.67 12.08
C LEU D 76 14.26 26.19 13.32
N GLN D 77 15.26 26.95 13.76
CA GLN D 77 15.99 26.59 14.96
C GLN D 77 15.06 26.31 16.13
N ASN D 78 13.94 27.03 16.22
CA ASN D 78 12.95 26.71 17.24
C ASN D 78 12.30 25.34 16.99
N TYR D 79 12.10 24.96 15.73
CA TYR D 79 11.51 23.65 15.45
C TYR D 79 12.49 22.55 15.80
N SER D 80 13.71 22.67 15.28
CA SER D 80 14.74 21.65 15.43
C SER D 80 14.96 21.31 16.91
N ASP D 81 15.41 22.31 17.68
CA ASP D 81 15.70 22.08 19.09
C ASP D 81 14.52 21.40 19.78
N VAL D 82 13.30 21.84 19.48
CA VAL D 82 12.15 21.21 20.11
C VAL D 82 11.88 19.84 19.50
N TYR D 83 12.12 19.68 18.19
CA TYR D 83 11.78 18.41 17.56
C TYR D 83 12.60 17.24 18.12
N PHE D 84 13.91 17.46 18.33
CA PHE D 84 14.72 16.40 18.93
C PHE D 84 14.36 16.17 20.37
N LYS D 85 13.89 17.22 21.04
CA LYS D 85 13.48 17.07 22.44
C LYS D 85 12.27 16.15 22.55
N LEU D 86 11.38 16.16 21.54
CA LEU D 86 10.28 15.17 21.50
C LEU D 86 10.79 13.74 21.51
N LYS D 87 11.94 13.49 20.89
CA LYS D 87 12.60 12.20 21.04
C LYS D 87 13.35 12.15 22.37
N LYS D 88 13.16 11.06 23.11
CA LYS D 88 13.71 10.82 24.46
C LYS D 88 13.18 11.79 25.51
N SER D 89 12.12 12.54 25.23
CA SER D 89 11.39 13.28 26.26
C SER D 89 9.92 13.35 25.88
N ASP D 90 9.05 13.06 26.83
CA ASP D 90 7.60 13.00 26.67
C ASP D 90 6.88 14.26 27.15
N ASP D 91 7.61 15.28 27.57
CA ASP D 91 7.02 16.39 28.31
C ASP D 91 6.05 17.21 27.47
N ASP D 92 5.05 17.78 28.13
CA ASP D 92 4.03 18.59 27.48
C ASP D 92 4.36 20.09 27.47
N ASN D 93 5.41 20.55 28.15
CA ASN D 93 6.08 21.78 27.70
C ASN D 93 6.54 21.59 26.27
N LEU D 94 7.11 20.42 26.00
CA LEU D 94 7.61 20.11 24.67
C LEU D 94 6.48 20.08 23.65
N GLN D 95 5.42 19.32 23.93
CA GLN D 95 4.35 19.18 22.97
C GLN D 95 3.74 20.54 22.65
N LYS D 96 3.68 21.43 23.64
CA LYS D 96 3.08 22.75 23.42
C LYS D 96 4.02 23.65 22.65
N ASP D 97 5.31 23.66 23.02
CA ASP D 97 6.31 24.42 22.30
C ASP D 97 6.66 23.81 20.94
N PHE D 98 6.11 22.64 20.60
CA PHE D 98 6.27 22.05 19.27
C PHE D 98 5.06 22.36 18.39
N LYS D 99 3.85 22.12 18.90
CA LYS D 99 2.68 22.52 18.11
C LYS D 99 2.69 24.01 17.86
N SER D 100 3.36 24.80 18.72
CA SER D 100 3.47 26.24 18.48
C SER D 100 4.63 26.58 17.55
N ALA D 101 5.62 25.70 17.46
CA ALA D 101 6.72 25.90 16.51
C ALA D 101 6.36 25.38 15.13
N LYS D 102 5.49 24.37 15.05
CA LYS D 102 4.96 23.85 13.80
C LYS D 102 3.87 24.74 13.22
N ASP D 103 3.02 25.29 14.09
CA ASP D 103 1.88 26.07 13.61
C ASP D 103 2.31 27.46 13.15
N THR D 104 3.43 27.97 13.66
CA THR D 104 3.85 29.32 13.27
C THR D 104 4.53 29.31 11.91
N ILE D 105 5.26 28.25 11.58
CA ILE D 105 5.85 28.17 10.24
C ILE D 105 4.75 27.96 9.19
N LYS D 106 3.72 27.16 9.52
CA LYS D 106 2.59 26.98 8.59
C LYS D 106 1.78 28.26 8.45
N LYS D 107 1.58 29.00 9.54
CA LYS D 107 1.00 30.34 9.45
C LYS D 107 1.84 31.23 8.56
N GLN D 108 3.17 31.15 8.69
CA GLN D 108 4.03 32.03 7.91
C GLN D 108 3.92 31.73 6.43
N ILE D 109 3.74 30.45 6.07
CA ILE D 109 3.60 30.06 4.66
C ILE D 109 2.17 30.25 4.16
N SER D 110 1.18 30.15 5.06
CA SER D 110 -0.20 30.25 4.62
C SER D 110 -0.60 31.70 4.39
N GLU D 111 -0.12 32.62 5.23
CA GLU D 111 -0.31 34.05 4.97
C GLU D 111 0.21 34.43 3.60
N TYR D 112 1.34 33.84 3.23
CA TYR D 112 2.04 34.23 2.03
C TYR D 112 1.24 33.88 0.78
N ILE D 113 0.69 32.67 0.74
CA ILE D 113 -0.10 32.22 -0.40
C ILE D 113 -1.52 32.74 -0.36
N LYS D 114 -1.97 33.26 0.77
CA LYS D 114 -3.34 33.77 0.85
C LYS D 114 -3.40 35.22 0.35
N ASP D 115 -2.29 35.92 0.32
CA ASP D 115 -2.38 37.31 -0.10
C ASP D 115 -2.24 37.51 -1.61
N SER D 116 -1.71 36.53 -2.35
CA SER D 116 -1.39 36.83 -3.75
C SER D 116 -2.64 36.95 -4.62
N GLU D 117 -2.49 37.72 -5.70
CA GLU D 117 -3.61 38.05 -6.58
C GLU D 117 -4.21 36.83 -7.27
N LYS D 118 -3.39 35.82 -7.54
CA LYS D 118 -3.92 34.66 -8.28
C LYS D 118 -4.85 33.84 -7.40
N PHE D 119 -4.76 34.03 -6.08
CA PHE D 119 -5.40 33.14 -5.12
C PHE D 119 -6.90 33.40 -5.02
N LYS D 120 -7.28 34.67 -4.87
CA LYS D 120 -8.69 35.03 -4.73
C LYS D 120 -9.58 34.24 -5.68
N ASN D 121 -9.32 34.35 -6.97
CA ASN D 121 -10.16 33.80 -8.01
C ASN D 121 -9.78 32.38 -8.34
N LEU D 122 -8.91 31.77 -7.56
CA LEU D 122 -8.40 30.45 -7.92
C LEU D 122 -9.50 29.39 -7.96
N PHE D 123 -10.61 29.62 -7.26
CA PHE D 123 -11.60 28.56 -7.06
C PHE D 123 -13.02 28.98 -7.45
N ASN D 124 -13.20 30.03 -8.26
CA ASN D 124 -14.55 30.51 -8.55
C ASN D 124 -14.89 30.58 -10.03
N GLN D 125 -16.02 31.21 -10.39
CA GLN D 125 -16.37 31.26 -11.80
C GLN D 125 -15.42 32.17 -12.55
N ASN D 126 -14.63 33.01 -11.86
CA ASN D 126 -13.74 33.86 -12.63
C ASN D 126 -12.50 33.14 -13.12
N LEU D 127 -12.23 31.94 -12.60
CA LEU D 127 -11.09 31.19 -13.10
C LEU D 127 -11.27 30.79 -14.55
N ILE D 128 -12.48 30.42 -14.97
CA ILE D 128 -12.70 29.99 -16.35
C ILE D 128 -13.81 30.75 -17.06
N ASP D 129 -14.65 31.52 -16.36
CA ASP D 129 -15.83 32.15 -16.97
C ASP D 129 -16.06 33.51 -16.29
N ALA D 130 -15.09 34.40 -16.45
CA ALA D 130 -15.20 35.77 -15.93
C ALA D 130 -16.38 36.48 -16.56
N LYS D 131 -17.27 36.97 -15.70
CA LYS D 131 -18.55 37.49 -16.18
C LYS D 131 -18.37 38.76 -17.01
N LYS D 132 -17.55 39.69 -16.52
CA LYS D 132 -17.29 40.93 -17.26
C LYS D 132 -15.89 40.99 -17.87
N GLY D 133 -14.91 40.35 -17.22
CA GLY D 133 -13.51 40.43 -17.64
C GLY D 133 -12.87 39.06 -17.86
N SER D 136 -10.45 36.60 -17.41
CA SER D 136 -10.57 35.41 -16.55
C SER D 136 -9.19 34.80 -16.35
N ASP D 137 -8.88 34.43 -15.10
CA ASP D 137 -7.49 34.21 -14.67
C ASP D 137 -6.74 33.19 -15.55
N LEU D 138 -7.34 32.02 -15.80
CA LEU D 138 -6.68 31.00 -16.61
C LEU D 138 -6.47 31.45 -18.05
N ILE D 139 -7.37 32.30 -18.56
CA ILE D 139 -7.31 32.69 -19.96
C ILE D 139 -6.27 33.76 -20.19
N LEU D 140 -6.00 34.58 -19.19
CA LEU D 140 -4.76 35.36 -19.19
C LEU D 140 -3.54 34.44 -19.21
N TRP D 141 -3.39 33.59 -18.19
CA TRP D 141 -2.18 32.79 -18.04
C TRP D 141 -1.84 32.01 -19.32
N LEU D 142 -2.86 31.44 -19.95
CA LEU D 142 -2.63 30.78 -21.22
C LEU D 142 -2.21 31.76 -22.30
N LYS D 143 -2.67 33.01 -22.23
CA LYS D 143 -2.24 34.00 -23.21
C LYS D 143 -0.89 34.62 -22.86
N GLN D 144 -0.53 34.68 -21.58
CA GLN D 144 0.82 35.09 -21.23
C GLN D 144 1.82 34.06 -21.74
N SER D 145 1.52 32.78 -21.51
CA SER D 145 2.47 31.72 -21.84
C SER D 145 2.47 31.38 -23.32
N LYS D 146 1.52 31.92 -24.09
CA LYS D 146 1.63 31.83 -25.54
C LYS D 146 2.43 33.02 -26.10
N ASP D 147 2.27 34.18 -25.48
CA ASP D 147 3.07 35.34 -25.88
C ASP D 147 4.52 35.19 -25.43
N ASN D 148 4.78 34.45 -24.36
CA ASN D 148 6.15 34.06 -24.05
C ASN D 148 6.60 32.84 -24.80
N GLY D 149 5.90 32.41 -25.83
CA GLY D 149 6.20 31.18 -26.55
C GLY D 149 6.66 30.08 -25.61
N ILE D 150 5.82 29.67 -24.67
CA ILE D 150 6.20 28.59 -23.75
C ILE D 150 5.11 27.50 -23.86
N GLU D 151 5.55 26.30 -24.25
CA GLU D 151 4.71 25.23 -24.81
C GLU D 151 4.31 24.28 -23.69
N LEU D 152 3.17 24.58 -23.10
CA LEU D 152 2.80 23.90 -21.87
C LEU D 152 2.37 22.46 -22.15
N PHE D 153 2.00 22.17 -23.40
CA PHE D 153 1.32 20.93 -23.75
C PHE D 153 2.07 20.12 -24.80
N LYS D 154 3.38 20.36 -24.89
CA LYS D 154 4.29 19.38 -25.45
C LYS D 154 4.20 18.08 -24.64
N ALA D 155 4.03 18.22 -23.32
CA ALA D 155 4.23 17.12 -22.37
C ALA D 155 3.15 16.06 -22.49
N ASN D 156 1.88 16.45 -22.63
CA ASN D 156 0.79 15.49 -22.71
C ASN D 156 0.25 15.39 -24.14
N SER D 157 0.11 14.14 -24.61
CA SER D 157 -0.24 13.90 -26.01
C SER D 157 -1.66 14.37 -26.33
N ASP D 158 -2.57 14.36 -25.35
CA ASP D 158 -3.99 14.58 -25.62
C ASP D 158 -4.31 16.00 -26.03
N ILE D 159 -3.39 16.94 -25.78
CA ILE D 159 -3.53 18.34 -26.13
C ILE D 159 -2.35 18.77 -27.00
N THR D 160 -2.67 19.29 -28.18
CA THR D 160 -1.67 19.77 -29.12
C THR D 160 -0.92 21.01 -28.61
N ASP D 161 -1.48 22.21 -28.85
CA ASP D 161 -0.88 23.51 -28.51
C ASP D 161 -1.67 24.25 -27.43
N ILE D 162 -1.25 25.49 -27.13
CA ILE D 162 -1.97 26.31 -26.18
C ILE D 162 -3.29 26.79 -26.76
N ASP D 163 -3.36 26.89 -28.09
CA ASP D 163 -4.63 27.24 -28.72
C ASP D 163 -5.71 26.22 -28.41
N GLU D 164 -5.45 24.93 -28.64
CA GLU D 164 -6.43 23.93 -28.26
C GLU D 164 -6.81 24.07 -26.80
N ALA D 165 -5.85 24.38 -25.92
CA ALA D 165 -6.19 24.44 -24.50
C ALA D 165 -7.11 25.62 -24.21
N LEU D 166 -7.05 26.69 -25.00
CA LEU D 166 -8.10 27.69 -24.89
C LEU D 166 -9.44 27.07 -25.26
N GLU D 167 -9.52 26.40 -26.42
CA GLU D 167 -10.82 25.87 -26.86
C GLU D 167 -11.46 24.98 -25.78
N ILE D 168 -10.65 24.20 -25.04
CA ILE D 168 -11.21 23.29 -24.03
C ILE D 168 -11.67 24.04 -22.76
N ILE D 169 -10.94 25.06 -22.33
CA ILE D 169 -11.45 25.86 -21.22
C ILE D 169 -12.75 26.53 -21.62
N LYS D 170 -12.82 27.01 -22.87
CA LYS D 170 -14.05 27.63 -23.35
C LYS D 170 -15.23 26.66 -23.28
N SER D 171 -14.99 25.36 -23.49
CA SER D 171 -16.10 24.42 -23.51
C SER D 171 -16.95 24.58 -22.26
N PHE D 172 -16.32 24.65 -21.10
CA PHE D 172 -17.06 24.75 -19.85
C PHE D 172 -17.40 26.21 -19.53
N LYS D 173 -18.35 26.77 -20.30
CA LYS D 173 -18.75 28.16 -20.04
C LYS D 173 -19.70 28.27 -18.86
N GLY D 174 -20.73 27.43 -18.84
CA GLY D 174 -21.81 27.55 -17.87
C GLY D 174 -21.75 26.44 -16.87
N TRP D 175 -20.57 25.87 -16.78
CA TRP D 175 -20.34 24.68 -15.98
C TRP D 175 -19.29 24.92 -14.91
N THR D 176 -19.11 26.15 -14.45
CA THR D 176 -18.15 26.35 -13.36
C THR D 176 -18.47 25.50 -12.15
N THR D 177 -19.75 25.25 -11.87
CA THR D 177 -20.08 24.45 -10.69
C THR D 177 -19.60 23.00 -10.83
N TYR D 178 -19.65 22.44 -12.04
CA TYR D 178 -19.15 21.09 -12.34
C TYR D 178 -17.76 20.84 -11.76
N PHE D 179 -16.95 21.88 -11.63
CA PHE D 179 -15.62 21.73 -11.07
C PHE D 179 -15.60 21.85 -9.55
N LYS D 180 -16.75 22.06 -8.89
CA LYS D 180 -16.68 22.43 -7.48
C LYS D 180 -15.89 21.39 -6.70
N GLY D 181 -16.09 20.12 -7.07
CA GLY D 181 -15.44 19.06 -6.34
C GLY D 181 -13.99 19.03 -6.68
N PHE D 182 -13.65 19.30 -7.94
CA PHE D 182 -12.25 19.44 -8.31
C PHE D 182 -11.58 20.54 -7.51
N HIS D 183 -12.21 21.72 -7.45
CA HIS D 183 -11.71 22.80 -6.63
C HIS D 183 -11.49 22.32 -5.21
N GLU D 184 -12.42 21.51 -4.69
CA GLU D 184 -12.19 20.96 -3.36
C GLU D 184 -10.86 20.26 -3.30
N ASN D 185 -10.55 19.44 -4.31
CA ASN D 185 -9.25 18.78 -4.37
C ASN D 185 -8.10 19.77 -4.50
N ARG D 186 -8.36 20.98 -4.96
CA ARG D 186 -7.29 21.95 -5.03
C ARG D 186 -7.19 22.81 -3.79
N LYS D 187 -8.32 23.24 -3.22
CA LYS D 187 -8.27 23.85 -1.90
C LYS D 187 -7.42 23.03 -0.94
N ASN D 188 -7.49 21.70 -1.06
CA ASN D 188 -6.69 20.81 -0.24
C ASN D 188 -5.21 20.94 -0.49
N VAL D 189 -4.82 21.42 -1.67
CA VAL D 189 -3.40 21.51 -1.96
C VAL D 189 -2.74 22.62 -1.18
N TYR D 190 -3.50 23.59 -0.68
CA TYR D 190 -2.94 24.72 0.02
C TYR D 190 -3.37 24.84 1.47
N SER D 191 -4.32 24.03 1.92
CA SER D 191 -4.92 24.17 3.25
C SER D 191 -3.87 24.10 4.35
N SER D 192 -3.90 25.08 5.25
CA SER D 192 -3.01 25.09 6.39
C SER D 192 -3.34 23.99 7.40
N ASN D 193 -4.51 23.37 7.30
CA ASN D 193 -4.90 22.30 8.23
C ASN D 193 -3.91 21.16 8.14
N ASP D 194 -4.12 20.20 9.03
CA ASP D 194 -3.15 19.13 9.21
C ASP D 194 -3.50 17.97 8.28
N ILE D 195 -3.47 18.25 6.97
CA ILE D 195 -3.82 17.25 5.94
C ILE D 195 -2.67 16.99 4.96
N PRO D 196 -2.38 15.71 4.63
CA PRO D 196 -1.24 15.36 3.74
C PRO D 196 -1.31 15.84 2.30
N THR D 197 -2.42 16.44 1.88
CA THR D 197 -2.61 16.85 0.49
C THR D 197 -2.02 18.22 0.22
N SER D 198 -1.49 18.88 1.25
CA SER D 198 -1.13 20.29 1.22
C SER D 198 0.36 20.46 0.99
N ILE D 199 0.72 21.46 0.18
CA ILE D 199 2.14 21.78 0.06
C ILE D 199 2.71 22.23 1.41
N ILE D 200 1.88 22.93 2.22
CA ILE D 200 2.32 23.37 3.54
C ILE D 200 2.55 22.17 4.45
N TYR D 201 1.70 21.13 4.35
CA TYR D 201 1.92 19.90 5.13
C TYR D 201 3.15 19.15 4.65
N ARG D 202 3.25 18.93 3.35
CA ARG D 202 4.45 18.33 2.79
C ARG D 202 5.71 19.02 3.28
N ILE D 203 5.69 20.36 3.34
CA ILE D 203 6.91 21.12 3.60
C ILE D 203 7.27 21.10 5.10
N VAL D 204 6.29 21.31 5.99
CA VAL D 204 6.51 21.36 7.45
C VAL D 204 6.42 19.97 8.10
N ASP D 205 5.41 19.14 7.74
CA ASP D 205 5.30 17.82 8.38
C ASP D 205 6.20 16.78 7.71
N ASP D 206 6.32 16.81 6.38
CA ASP D 206 7.12 15.76 5.77
C ASP D 206 8.60 16.12 5.72
N ASN D 207 8.94 17.18 4.98
CA ASN D 207 10.29 17.42 4.49
C ASN D 207 11.24 18.03 5.52
N LEU D 208 10.77 18.97 6.34
CA LEU D 208 11.62 19.55 7.39
C LEU D 208 12.17 18.47 8.31
N PRO D 209 11.34 17.66 8.97
CA PRO D 209 11.92 16.55 9.75
C PRO D 209 13.00 15.81 8.99
N LYS D 210 12.72 15.41 7.74
CA LYS D 210 13.65 14.61 6.94
C LYS D 210 14.95 15.34 6.67
N PHE D 211 14.87 16.62 6.36
CA PHE D 211 16.09 17.40 6.28
C PHE D 211 16.76 17.58 7.66
N LEU D 212 15.99 17.51 8.75
CA LEU D 212 16.62 17.60 10.06
C LEU D 212 17.25 16.27 10.46
N GLU D 213 16.59 15.14 10.18
CA GLU D 213 17.23 13.86 10.45
C GLU D 213 18.54 13.73 9.70
N ASN D 214 18.63 14.34 8.53
CA ASN D 214 19.84 14.19 7.75
C ASN D 214 20.92 15.13 8.22
N LYS D 215 20.54 16.28 8.78
CA LYS D 215 21.52 17.15 9.42
C LYS D 215 22.10 16.48 10.67
N ALA D 216 21.26 15.85 11.48
CA ALA D 216 21.76 15.08 12.61
C ALA D 216 22.62 13.90 12.12
N LYS D 217 22.26 13.32 10.99
CA LYS D 217 23.06 12.26 10.40
C LYS D 217 24.30 12.80 9.70
N TYR D 218 24.32 14.09 9.31
CA TYR D 218 25.49 14.68 8.66
C TYR D 218 26.54 15.13 9.67
N GLU D 219 26.12 15.77 10.76
CA GLU D 219 27.03 16.16 11.83
C GLU D 219 27.41 15.00 12.76
N SER D 220 26.67 13.88 12.73
CA SER D 220 27.04 12.67 13.48
C SER D 220 27.82 11.67 12.65
N LEU D 221 27.75 11.74 11.31
CA LEU D 221 28.67 10.96 10.49
C LEU D 221 30.08 11.49 10.59
N LYS D 222 30.24 12.82 10.56
CA LYS D 222 31.58 13.39 10.53
C LYS D 222 32.41 12.93 11.73
N ASP D 223 31.77 12.73 12.89
CA ASP D 223 32.50 12.31 14.10
C ASP D 223 32.95 10.85 14.03
N LYS D 224 32.05 9.93 13.64
CA LYS D 224 32.41 8.50 13.70
C LYS D 224 33.19 8.04 12.47
N ALA D 225 32.90 8.59 11.28
CA ALA D 225 33.58 8.19 10.03
C ALA D 225 33.81 9.41 9.19
N PRO D 226 34.78 10.24 9.58
CA PRO D 226 35.06 11.47 8.81
C PRO D 226 35.34 11.21 7.35
N GLU D 227 35.92 10.07 7.06
CA GLU D 227 36.47 9.75 5.75
C GLU D 227 35.45 9.22 4.76
N ALA D 228 34.17 9.17 5.12
CA ALA D 228 33.24 8.36 4.36
C ALA D 228 32.99 8.93 2.98
N ILE D 229 32.84 10.25 2.88
CA ILE D 229 32.44 10.93 1.66
C ILE D 229 33.65 11.58 0.99
N ASN D 230 33.86 11.27 -0.28
CA ASN D 230 34.94 11.94 -1.00
C ASN D 230 34.37 13.27 -1.47
N TYR D 231 34.70 14.33 -0.73
CA TYR D 231 34.06 15.62 -0.96
C TYR D 231 34.43 16.20 -2.31
N GLU D 232 35.73 16.19 -2.62
CA GLU D 232 36.19 16.84 -3.85
C GLU D 232 35.49 16.27 -5.09
N GLN D 233 35.14 14.97 -5.09
CA GLN D 233 34.51 14.38 -6.25
C GLN D 233 33.03 14.72 -6.33
N ILE D 234 32.35 14.95 -5.20
CA ILE D 234 30.94 15.33 -5.31
C ILE D 234 30.81 16.80 -5.65
N LYS D 235 31.76 17.66 -5.24
CA LYS D 235 31.82 18.99 -5.82
C LYS D 235 32.19 18.97 -7.29
N LYS D 236 32.89 17.92 -7.74
CA LYS D 236 33.19 17.79 -9.16
C LYS D 236 32.16 16.96 -9.91
N ASP D 237 31.41 16.10 -9.23
CA ASP D 237 30.34 15.34 -9.88
C ASP D 237 29.00 16.04 -9.83
N LEU D 238 28.61 16.52 -8.65
CA LEU D 238 27.28 17.07 -8.40
C LEU D 238 27.28 18.60 -8.31
N ALA D 239 28.17 19.25 -9.06
CA ALA D 239 28.35 20.69 -8.91
C ALA D 239 27.08 21.44 -9.32
N GLU D 240 26.35 20.90 -10.30
CA GLU D 240 25.13 21.54 -10.76
C GLU D 240 24.13 21.72 -9.60
N GLU D 241 23.86 20.64 -8.86
CA GLU D 241 22.88 20.63 -7.78
C GLU D 241 23.47 21.03 -6.41
N LEU D 242 24.63 21.69 -6.39
CA LEU D 242 25.09 22.44 -5.22
C LEU D 242 24.96 23.94 -5.43
N THR D 243 24.73 24.36 -6.67
CA THR D 243 24.41 25.73 -7.01
C THR D 243 23.13 26.19 -6.34
N PHE D 244 23.25 27.23 -5.51
CA PHE D 244 22.11 27.80 -4.83
C PHE D 244 22.28 29.31 -4.84
N ASP D 245 21.34 30.03 -5.46
CA ASP D 245 21.49 31.48 -5.58
C ASP D 245 21.64 32.14 -4.22
N ILE D 246 20.74 31.86 -3.28
CA ILE D 246 20.78 32.47 -1.96
C ILE D 246 21.30 31.47 -0.95
N ASP D 247 22.35 31.86 -0.20
CA ASP D 247 22.70 31.27 1.07
C ASP D 247 21.89 31.98 2.14
N TYR D 248 21.11 31.24 2.92
CA TYR D 248 20.15 31.91 3.78
C TYR D 248 20.68 32.16 5.18
N LYS D 249 21.79 31.51 5.56
CA LYS D 249 22.50 31.87 6.78
C LYS D 249 23.31 33.17 6.64
N THR D 250 23.96 33.39 5.47
CA THR D 250 24.62 34.66 5.17
C THR D 250 23.70 35.70 4.51
N SER D 251 22.66 35.25 3.79
CA SER D 251 21.71 36.03 2.98
C SER D 251 22.35 36.62 1.72
N GLU D 252 23.56 36.16 1.37
CA GLU D 252 24.26 36.55 0.15
C GLU D 252 23.51 36.05 -1.07
N VAL D 253 23.37 36.91 -2.08
CA VAL D 253 22.50 36.60 -3.22
C VAL D 253 23.24 35.99 -4.41
N ASN D 254 24.58 35.89 -4.37
CA ASN D 254 25.34 35.33 -5.49
C ASN D 254 25.25 33.79 -5.59
N GLN D 255 25.10 33.29 -6.83
CA GLN D 255 24.96 31.86 -7.13
C GLN D 255 26.33 31.21 -7.27
N ARG D 256 26.63 30.22 -6.44
CA ARG D 256 27.97 29.64 -6.31
C ARG D 256 27.85 28.29 -5.64
N VAL D 257 28.80 27.39 -5.94
CA VAL D 257 28.61 25.98 -5.55
C VAL D 257 28.85 25.85 -4.05
N PHE D 258 27.90 25.22 -3.38
CA PHE D 258 27.99 25.19 -1.94
C PHE D 258 28.94 24.10 -1.50
N SER D 259 29.24 24.13 -0.22
CA SER D 259 29.83 22.99 0.44
C SER D 259 28.75 22.24 1.19
N LEU D 260 29.01 20.96 1.44
CA LEU D 260 28.06 20.18 2.21
C LEU D 260 27.82 20.78 3.58
N ASP D 261 28.83 21.42 4.17
CA ASP D 261 28.62 22.08 5.44
C ASP D 261 27.54 23.15 5.31
N GLU D 262 27.44 23.78 4.15
CA GLU D 262 26.46 24.82 3.89
C GLU D 262 25.09 24.28 3.53
N VAL D 263 25.01 23.17 2.77
CA VAL D 263 23.69 22.64 2.45
C VAL D 263 23.01 22.18 3.73
N PHE D 264 23.78 21.85 4.77
CA PHE D 264 23.22 21.42 6.04
C PHE D 264 23.21 22.52 7.09
N GLU D 265 23.41 23.77 6.67
CA GLU D 265 22.93 24.90 7.44
C GLU D 265 21.42 24.79 7.58
N ILE D 266 20.93 24.72 8.82
CA ILE D 266 19.49 24.64 9.02
C ILE D 266 18.79 25.76 8.24
N ALA D 267 19.42 26.94 8.15
CA ALA D 267 18.79 28.09 7.51
C ALA D 267 18.69 27.95 5.99
N ASN D 268 19.48 27.06 5.39
CA ASN D 268 19.45 26.86 3.94
C ASN D 268 18.40 25.89 3.47
N PHE D 269 17.67 25.24 4.39
CA PHE D 269 16.51 24.42 4.04
C PHE D 269 15.56 25.12 3.07
N ASN D 270 15.65 26.44 2.97
CA ASN D 270 14.74 27.21 2.14
C ASN D 270 15.05 27.04 0.66
N ASN D 271 16.19 26.48 0.32
CA ASN D 271 16.46 26.25 -1.08
C ASN D 271 15.94 24.91 -1.55
N TYR D 272 15.36 24.10 -0.65
CA TYR D 272 14.78 22.81 -0.98
C TYR D 272 13.26 22.80 -0.80
N LEU D 273 12.60 23.93 -1.04
CA LEU D 273 11.17 23.97 -0.77
C LEU D 273 10.38 23.50 -1.98
N ASN D 274 10.72 24.04 -3.14
CA ASN D 274 10.15 23.64 -4.42
C ASN D 274 10.71 22.28 -4.85
N GLN D 275 10.12 21.74 -5.92
CA GLN D 275 10.56 20.44 -6.42
C GLN D 275 11.90 20.53 -7.15
N SER D 276 12.24 21.71 -7.68
CA SER D 276 13.59 21.93 -8.20
C SER D 276 14.64 21.69 -7.11
N GLY D 277 14.48 22.33 -5.95
CA GLY D 277 15.45 22.15 -4.88
C GLY D 277 15.29 20.85 -4.13
N ILE D 278 14.10 20.26 -4.14
CA ILE D 278 13.91 18.91 -3.63
C ILE D 278 14.73 17.94 -4.45
N THR D 279 14.71 18.09 -5.77
CA THR D 279 15.51 17.26 -6.64
C THR D 279 16.99 17.43 -6.34
N LYS D 280 17.46 18.69 -6.31
CA LYS D 280 18.87 18.99 -6.04
C LYS D 280 19.36 18.38 -4.73
N PHE D 281 18.63 18.61 -3.63
CA PHE D 281 18.94 17.92 -2.38
C PHE D 281 18.96 16.40 -2.57
N ASN D 282 17.97 15.87 -3.29
CA ASN D 282 17.88 14.41 -3.41
C ASN D 282 19.00 13.86 -4.27
N THR D 283 19.49 14.66 -5.21
CA THR D 283 20.60 14.19 -6.02
C THR D 283 21.91 14.20 -5.22
N ILE D 284 22.17 15.23 -4.40
CA ILE D 284 23.30 15.17 -3.47
C ILE D 284 23.24 13.86 -2.71
N ILE D 285 22.04 13.39 -2.41
CA ILE D 285 21.91 12.08 -1.79
C ILE D 285 22.18 10.96 -2.80
N GLY D 286 21.62 11.05 -3.99
CA GLY D 286 21.48 9.84 -4.77
C GLY D 286 22.45 9.71 -5.92
N GLY D 287 23.05 10.83 -6.26
CA GLY D 287 23.87 10.93 -7.45
C GLY D 287 23.05 10.75 -8.71
N LYS D 288 23.77 10.67 -9.83
CA LYS D 288 23.12 10.67 -11.13
C LYS D 288 23.97 9.94 -12.17
N PHE D 289 23.30 9.45 -13.21
CA PHE D 289 23.95 8.97 -14.43
C PHE D 289 24.17 10.17 -15.34
N VAL D 290 25.13 10.02 -16.25
CA VAL D 290 25.29 10.87 -17.42
C VAL D 290 25.48 9.96 -18.62
N ASN D 291 24.93 10.35 -19.75
CA ASN D 291 25.26 9.55 -20.92
C ASN D 291 26.65 9.93 -21.41
N GLY D 292 27.26 9.00 -22.12
CA GLY D 292 28.67 9.08 -22.47
C GLY D 292 29.61 8.65 -21.36
N GLU D 293 29.29 8.98 -20.11
CA GLU D 293 30.03 8.49 -18.95
C GLU D 293 29.61 7.07 -18.64
N ASN D 294 30.58 6.17 -18.57
CA ASN D 294 30.22 4.79 -18.30
C ASN D 294 29.97 4.59 -16.80
N THR D 295 30.91 5.01 -15.98
CA THR D 295 30.63 5.00 -14.56
C THR D 295 29.54 6.02 -14.20
N LYS D 296 28.83 5.77 -13.09
CA LYS D 296 27.77 6.63 -12.58
C LYS D 296 28.32 7.54 -11.48
N ARG D 297 27.97 8.84 -11.55
CA ARG D 297 28.40 9.82 -10.55
C ARG D 297 27.70 9.54 -9.23
N LYS D 298 28.47 9.21 -8.18
CA LYS D 298 27.89 8.68 -6.95
C LYS D 298 27.33 9.81 -6.06
N GLY D 299 26.66 9.40 -4.98
CA GLY D 299 26.02 10.32 -4.08
C GLY D 299 26.23 9.92 -2.63
N ILE D 300 25.87 10.84 -1.73
CA ILE D 300 26.12 10.69 -0.29
C ILE D 300 25.74 9.31 0.18
N ASN D 301 24.57 8.82 -0.22
CA ASN D 301 24.10 7.52 0.28
C ASN D 301 24.98 6.37 -0.21
N GLU D 302 25.52 6.48 -1.44
CA GLU D 302 26.46 5.46 -1.91
C GLU D 302 27.81 5.53 -1.20
N TYR D 303 28.31 6.74 -0.92
CA TYR D 303 29.62 6.85 -0.26
C TYR D 303 29.56 6.30 1.15
N ILE D 304 28.43 6.51 1.84
CA ILE D 304 28.23 5.85 3.13
C ILE D 304 28.27 4.34 2.95
N ASN D 305 27.56 3.83 1.94
CA ASN D 305 27.50 2.40 1.71
C ASN D 305 28.89 1.84 1.42
N LEU D 306 29.62 2.44 0.48
CA LEU D 306 30.89 1.87 0.04
C LEU D 306 31.95 1.91 1.14
N TYR D 307 31.98 2.99 1.94
CA TYR D 307 32.90 3.02 3.08
C TYR D 307 32.56 1.95 4.11
N SER D 308 31.28 1.62 4.30
CA SER D 308 30.93 0.71 5.40
C SER D 308 31.16 -0.75 5.02
N GLN D 309 31.18 -1.06 3.71
CA GLN D 309 31.57 -2.39 3.27
C GLN D 309 33.09 -2.53 3.15
N GLN D 310 33.81 -1.41 3.18
CA GLN D 310 35.28 -1.43 3.12
C GLN D 310 35.89 -1.79 4.47
N ILE D 311 35.44 -1.13 5.54
CA ILE D 311 36.02 -1.26 6.87
C ILE D 311 35.21 -2.21 7.76
N ASN D 312 34.20 -2.88 7.20
CA ASN D 312 33.31 -3.82 7.89
C ASN D 312 32.76 -3.25 9.19
N ASP D 313 32.16 -2.06 9.07
CA ASP D 313 31.41 -1.43 10.14
C ASP D 313 29.96 -1.28 9.66
N LYS D 314 29.07 -2.11 10.18
CA LYS D 314 27.65 -2.01 9.85
C LYS D 314 26.87 -1.16 10.84
N THR D 315 27.57 -0.37 11.67
CA THR D 315 26.91 0.73 12.38
C THR D 315 26.59 1.87 11.42
N LEU D 316 27.43 2.06 10.40
CA LEU D 316 27.33 3.21 9.52
C LEU D 316 25.99 3.24 8.79
N LYS D 317 25.33 2.09 8.66
CA LYS D 317 24.01 2.03 8.03
C LYS D 317 23.02 2.93 8.73
N LYS D 318 23.19 3.18 10.03
CA LYS D 318 22.30 4.06 10.76
C LYS D 318 22.24 5.47 10.14
N TYR D 319 23.22 5.85 9.31
CA TYR D 319 23.27 7.18 8.76
C TYR D 319 22.83 7.26 7.29
N LYS D 320 22.18 6.22 6.76
CA LYS D 320 21.70 6.28 5.37
C LYS D 320 20.69 7.42 5.26
N MET D 321 20.96 8.36 4.37
CA MET D 321 20.12 9.55 4.34
C MET D 321 18.79 9.30 3.67
N SER D 322 17.80 10.03 4.15
CA SER D 322 16.43 9.95 3.65
C SER D 322 16.24 10.97 2.54
N VAL D 323 15.65 10.52 1.43
CA VAL D 323 15.24 11.40 0.34
C VAL D 323 14.06 12.27 0.76
N LEU D 324 13.93 13.47 0.16
CA LEU D 324 12.79 14.35 0.42
C LEU D 324 11.64 14.04 -0.55
N PHE D 325 10.41 14.01 -0.05
CA PHE D 325 9.29 13.69 -0.93
C PHE D 325 9.08 14.83 -1.92
N LYS D 326 8.67 14.45 -3.12
CA LYS D 326 8.36 15.42 -4.15
C LYS D 326 7.36 16.45 -3.64
N GLN D 327 7.43 17.65 -4.23
CA GLN D 327 6.47 18.73 -3.91
C GLN D 327 5.15 18.43 -4.58
N ILE D 328 4.06 18.71 -3.85
CA ILE D 328 2.75 18.28 -4.28
C ILE D 328 2.33 18.98 -5.57
N LEU D 329 1.75 18.20 -6.49
CA LEU D 329 1.29 18.61 -7.80
C LEU D 329 2.44 18.87 -8.74
N SER D 330 3.68 18.66 -8.33
CA SER D 330 4.82 18.97 -9.19
C SER D 330 5.03 17.90 -10.25
N ASP D 331 5.18 18.36 -11.48
CA ASP D 331 5.62 17.52 -12.57
C ASP D 331 7.12 17.71 -12.69
N THR D 332 7.90 16.61 -12.71
CA THR D 332 9.34 16.78 -12.68
C THR D 332 10.10 15.62 -13.27
N GLU D 333 11.02 15.99 -14.17
CA GLU D 333 12.06 15.15 -14.74
C GLU D 333 13.38 15.31 -13.97
N SER D 334 14.24 14.29 -14.06
CA SER D 334 15.37 14.07 -13.17
C SER D 334 16.64 14.79 -13.68
N LYS D 335 17.67 14.83 -12.82
CA LYS D 335 18.99 15.27 -13.26
C LYS D 335 19.80 14.14 -13.87
N SER D 336 19.47 12.89 -13.54
CA SER D 336 20.07 11.72 -14.15
C SER D 336 19.51 11.48 -15.56
N PHE D 337 20.32 10.84 -16.39
CA PHE D 337 19.95 10.58 -17.79
C PHE D 337 18.67 9.77 -17.89
N VAL D 338 17.87 10.12 -18.90
CA VAL D 338 16.59 9.49 -19.16
C VAL D 338 16.55 9.10 -20.63
N ILE D 339 16.45 7.79 -20.88
CA ILE D 339 16.49 7.23 -22.23
C ILE D 339 15.37 7.84 -23.07
N ASP D 340 15.64 8.06 -24.36
CA ASP D 340 14.59 8.42 -25.32
C ASP D 340 13.49 7.36 -25.30
N LYS D 341 12.29 7.76 -25.67
CA LYS D 341 11.13 6.90 -25.61
C LYS D 341 10.64 6.56 -27.01
N LEU D 342 10.02 5.39 -27.10
CA LEU D 342 9.29 4.96 -28.29
C LEU D 342 7.82 5.32 -28.15
N GLU D 343 7.26 5.83 -29.24
CA GLU D 343 5.89 6.31 -29.24
C GLU D 343 4.90 5.34 -29.84
N ASP D 344 5.34 4.48 -30.78
CA ASP D 344 4.49 3.52 -31.47
C ASP D 344 5.28 2.27 -31.83
N ASP D 345 4.57 1.25 -32.34
CA ASP D 345 5.24 0.07 -32.90
C ASP D 345 6.36 0.46 -33.86
N SER D 346 6.09 1.40 -34.77
CA SER D 346 7.00 1.66 -35.88
C SER D 346 8.36 2.09 -35.38
N ASP D 347 8.41 2.73 -34.21
CA ASP D 347 9.63 3.05 -33.51
C ASP D 347 10.25 1.85 -32.80
N VAL D 348 9.60 0.67 -32.85
CA VAL D 348 10.14 -0.56 -32.27
C VAL D 348 10.76 -1.45 -33.34
N VAL D 349 10.16 -1.49 -34.53
CA VAL D 349 10.76 -2.22 -35.65
C VAL D 349 11.91 -1.43 -36.25
N THR D 350 11.73 -0.11 -36.40
CA THR D 350 12.81 0.71 -36.95
C THR D 350 14.05 0.62 -36.06
N THR D 351 13.91 0.85 -34.76
CA THR D 351 15.09 0.86 -33.90
C THR D 351 15.73 -0.52 -33.79
N MET D 352 14.97 -1.60 -33.99
CA MET D 352 15.57 -2.92 -33.96
C MET D 352 16.36 -3.20 -35.22
N GLN D 353 15.72 -3.11 -36.39
CA GLN D 353 16.42 -3.18 -37.66
C GLN D 353 17.77 -2.46 -37.61
N SER D 354 17.75 -1.15 -37.31
CA SER D 354 18.95 -0.33 -37.47
C SER D 354 20.11 -0.81 -36.60
N PHE D 355 19.80 -1.40 -35.42
CA PHE D 355 20.82 -2.05 -34.61
C PHE D 355 21.29 -3.33 -35.28
N TYR D 356 20.41 -4.32 -35.34
CA TYR D 356 20.79 -5.61 -35.90
C TYR D 356 21.31 -5.51 -37.33
N GLU D 357 21.11 -4.37 -38.01
CA GLU D 357 21.73 -4.17 -39.32
C GLU D 357 23.18 -3.77 -39.15
N GLN D 358 23.45 -2.77 -38.28
CA GLN D 358 24.84 -2.35 -38.08
C GLN D 358 25.67 -3.48 -37.57
N ILE D 359 25.11 -4.29 -36.67
CA ILE D 359 25.91 -5.34 -36.07
C ILE D 359 26.20 -6.43 -37.09
N ALA D 360 25.39 -6.51 -38.15
CA ALA D 360 25.75 -7.30 -39.32
C ALA D 360 26.61 -6.53 -40.31
N ALA D 361 26.42 -5.23 -40.41
CA ALA D 361 27.19 -4.48 -41.39
C ALA D 361 28.58 -4.07 -40.87
N PHE D 362 28.75 -3.96 -39.56
CA PHE D 362 29.98 -3.37 -39.04
C PHE D 362 31.19 -4.19 -39.42
N LYS D 363 32.31 -3.49 -39.58
CA LYS D 363 33.58 -4.10 -39.92
C LYS D 363 34.66 -3.42 -39.09
N THR D 364 35.55 -4.24 -38.52
CA THR D 364 36.67 -3.79 -37.71
C THR D 364 37.66 -3.02 -38.57
N VAL D 365 38.79 -2.62 -37.96
CA VAL D 365 39.85 -1.99 -38.74
C VAL D 365 40.28 -2.93 -39.87
N GLU D 366 40.48 -4.22 -39.54
CA GLU D 366 40.97 -5.25 -40.45
C GLU D 366 39.89 -5.68 -41.45
N GLU D 367 38.72 -5.05 -41.40
CA GLU D 367 37.68 -5.22 -42.41
C GLU D 367 37.07 -6.61 -42.31
N LYS D 368 36.98 -7.11 -41.08
CA LYS D 368 36.39 -8.39 -40.76
C LYS D 368 35.11 -8.20 -39.94
N SER D 369 34.05 -8.93 -40.32
CA SER D 369 32.76 -8.84 -39.65
C SER D 369 32.87 -9.10 -38.15
N ILE D 370 31.84 -8.68 -37.41
CA ILE D 370 31.76 -9.00 -35.99
C ILE D 370 31.73 -10.51 -35.76
N LYS D 371 31.17 -11.25 -36.72
CA LYS D 371 31.10 -12.69 -36.59
C LYS D 371 32.46 -13.32 -36.89
N GLU D 372 33.19 -12.77 -37.86
CA GLU D 372 34.50 -13.33 -38.16
C GLU D 372 35.52 -12.95 -37.11
N THR D 373 35.46 -11.73 -36.57
CA THR D 373 36.49 -11.29 -35.61
C THR D 373 36.48 -12.16 -34.36
N LEU D 374 35.29 -12.58 -33.94
CA LEU D 374 35.16 -13.35 -32.70
C LEU D 374 35.49 -14.83 -32.89
N SER D 375 35.06 -15.44 -34.00
CA SER D 375 35.44 -16.83 -34.25
C SER D 375 36.94 -16.96 -34.38
N LEU D 376 37.57 -16.03 -35.11
CA LEU D 376 39.02 -16.04 -35.20
C LEU D 376 39.65 -15.87 -33.84
N LEU D 377 39.24 -14.84 -33.09
CA LEU D 377 39.86 -14.58 -31.78
C LEU D 377 39.67 -15.75 -30.82
N PHE D 378 38.52 -16.41 -30.83
CA PHE D 378 38.30 -17.42 -29.79
C PHE D 378 38.89 -18.78 -30.17
N ASP D 379 38.77 -19.20 -31.42
CA ASP D 379 39.41 -20.44 -31.83
C ASP D 379 40.89 -20.40 -31.52
N ASP D 380 41.48 -19.21 -31.51
CA ASP D 380 42.89 -19.03 -31.22
C ASP D 380 43.19 -19.31 -29.75
N LEU D 381 42.27 -18.93 -28.85
CA LEU D 381 42.49 -19.17 -27.42
C LEU D 381 42.34 -20.65 -27.09
N LYS D 382 41.29 -21.30 -27.59
CA LYS D 382 41.16 -22.75 -27.44
C LYS D 382 42.36 -23.49 -28.04
N ALA D 383 43.01 -22.90 -29.05
CA ALA D 383 44.23 -23.53 -29.57
C ALA D 383 45.48 -23.05 -28.83
N GLN D 384 45.31 -22.24 -27.79
CA GLN D 384 46.39 -21.77 -26.89
C GLN D 384 47.51 -21.05 -27.62
N LYS D 385 47.23 -20.56 -28.83
CA LYS D 385 48.20 -19.79 -29.58
C LYS D 385 48.47 -18.43 -28.96
N LEU D 386 47.60 -18.01 -28.05
CA LEU D 386 47.72 -16.68 -27.47
C LEU D 386 48.55 -16.73 -26.21
N ASP D 387 49.53 -15.83 -26.15
CA ASP D 387 50.27 -15.62 -24.93
C ASP D 387 49.28 -15.29 -23.83
N LEU D 388 49.21 -16.12 -22.80
CA LEU D 388 48.20 -15.93 -21.76
C LEU D 388 48.52 -14.77 -20.82
N SER D 389 49.77 -14.35 -20.68
CA SER D 389 50.02 -13.14 -19.90
C SER D 389 49.44 -11.90 -20.58
N LYS D 390 49.27 -11.97 -21.89
CA LYS D 390 48.78 -10.82 -22.64
C LYS D 390 47.29 -10.56 -22.36
N ILE D 391 46.51 -11.61 -22.15
CA ILE D 391 45.03 -11.54 -22.13
C ILE D 391 44.48 -11.79 -20.72
N TYR D 392 43.76 -10.80 -20.21
CA TYR D 392 43.33 -10.76 -18.81
C TYR D 392 41.81 -10.87 -18.70
N PHE D 393 41.33 -11.09 -17.47
CA PHE D 393 39.92 -11.09 -17.15
C PHE D 393 39.68 -9.91 -16.23
N LYS D 394 38.47 -9.40 -16.15
CA LYS D 394 38.22 -8.38 -15.14
C LYS D 394 37.97 -9.06 -13.80
N ASN D 395 38.70 -8.65 -12.78
CA ASN D 395 38.34 -9.08 -11.43
C ASN D 395 37.02 -8.41 -11.06
N ASP D 396 35.91 -9.07 -11.36
CA ASP D 396 34.60 -8.46 -11.28
C ASP D 396 33.60 -9.50 -10.79
N LYS D 397 32.40 -9.01 -10.46
CA LYS D 397 31.22 -9.86 -10.54
C LYS D 397 31.25 -10.68 -11.85
N SER D 398 31.94 -10.18 -12.89
CA SER D 398 32.04 -10.90 -14.14
C SER D 398 32.94 -12.12 -14.02
N LEU D 399 34.06 -11.98 -13.31
CA LEU D 399 34.88 -13.14 -12.97
C LEU D 399 34.12 -14.11 -12.06
N THR D 400 33.30 -13.56 -11.15
CA THR D 400 32.51 -14.42 -10.27
C THR D 400 31.43 -15.16 -11.04
N ASP D 401 30.76 -14.48 -12.00
CA ASP D 401 29.79 -15.13 -12.89
C ASP D 401 30.44 -16.22 -13.72
N LEU D 402 31.68 -16.00 -14.17
CA LEU D 402 32.36 -17.06 -14.90
C LEU D 402 32.43 -18.33 -14.07
N SER D 403 33.01 -18.24 -12.86
CA SER D 403 33.24 -19.42 -12.04
C SER D 403 31.94 -20.16 -11.70
N GLN D 404 30.86 -19.43 -11.46
CA GLN D 404 29.57 -20.10 -11.27
C GLN D 404 29.15 -20.83 -12.53
N GLN D 405 29.15 -20.14 -13.66
CA GLN D 405 28.62 -20.74 -14.87
C GLN D 405 29.36 -22.01 -15.22
N VAL D 406 30.67 -22.03 -15.01
CA VAL D 406 31.50 -23.10 -15.55
C VAL D 406 31.87 -24.14 -14.50
N PHE D 407 32.07 -23.72 -13.25
CA PHE D 407 32.46 -24.64 -12.19
C PHE D 407 31.36 -24.88 -11.17
N ASP D 408 30.27 -24.11 -11.23
CA ASP D 408 29.10 -24.24 -10.36
C ASP D 408 29.41 -23.88 -8.92
N ASP D 409 30.41 -23.02 -8.71
CA ASP D 409 30.55 -22.29 -7.45
C ASP D 409 31.37 -21.04 -7.76
N TYR D 410 30.98 -19.92 -7.14
CA TYR D 410 31.50 -18.62 -7.56
C TYR D 410 32.90 -18.36 -7.03
N SER D 411 33.15 -18.67 -5.76
CA SER D 411 34.43 -18.31 -5.17
C SER D 411 35.57 -19.21 -5.62
N VAL D 412 35.32 -20.17 -6.53
CA VAL D 412 36.34 -21.14 -6.94
C VAL D 412 37.57 -20.44 -7.49
N ILE D 413 37.38 -19.63 -8.54
CA ILE D 413 38.48 -18.89 -9.12
C ILE D 413 39.09 -17.93 -8.10
N GLY D 414 38.24 -17.35 -7.25
CA GLY D 414 38.68 -16.43 -6.21
C GLY D 414 39.66 -17.01 -5.21
N THR D 415 39.33 -18.18 -4.62
CA THR D 415 40.23 -18.75 -3.61
C THR D 415 41.37 -19.54 -4.23
N ALA D 416 41.22 -20.02 -5.47
CA ALA D 416 42.33 -20.69 -6.14
C ALA D 416 43.50 -19.73 -6.35
N VAL D 417 43.22 -18.47 -6.72
CA VAL D 417 44.27 -17.46 -6.88
C VAL D 417 44.69 -16.81 -5.57
N LEU D 418 44.03 -17.14 -4.45
CA LEU D 418 44.42 -16.60 -3.14
C LEU D 418 45.40 -17.52 -2.40
N GLU D 419 45.38 -18.82 -2.68
CA GLU D 419 46.42 -19.69 -2.11
C GLU D 419 47.64 -19.81 -3.01
N TYR D 420 47.50 -19.55 -4.30
CA TYR D 420 48.69 -19.61 -5.15
C TYR D 420 49.54 -18.34 -5.01
N ILE D 421 48.96 -17.21 -4.57
CA ILE D 421 49.74 -16.01 -4.22
C ILE D 421 50.56 -16.25 -2.96
N THR D 422 49.87 -16.58 -1.85
CA THR D 422 50.57 -16.97 -0.63
C THR D 422 51.61 -18.06 -0.91
N GLN D 423 51.44 -18.82 -1.98
CA GLN D 423 52.40 -19.78 -2.46
C GLN D 423 53.45 -19.11 -3.35
N LYS D 444 50.29 -9.21 2.96
CA LYS D 444 49.37 -8.17 2.49
C LYS D 444 49.43 -7.99 0.96
N THR D 445 48.35 -8.38 0.29
CA THR D 445 48.22 -8.15 -1.16
C THR D 445 46.79 -7.71 -1.45
N GLU D 446 46.65 -6.73 -2.33
CA GLU D 446 45.35 -6.18 -2.64
C GLU D 446 44.67 -6.98 -3.75
N LYS D 447 43.35 -6.76 -3.86
CA LYS D 447 42.63 -7.12 -5.07
C LYS D 447 43.29 -6.44 -6.27
N ALA D 448 43.54 -7.22 -7.32
CA ALA D 448 43.98 -6.64 -8.58
C ALA D 448 42.77 -6.21 -9.42
N LYS D 449 42.94 -5.11 -10.15
CA LYS D 449 41.87 -4.62 -11.01
C LYS D 449 41.49 -5.68 -12.03
N TYR D 450 42.51 -6.25 -12.70
CA TYR D 450 42.34 -7.31 -13.69
C TYR D 450 43.27 -8.46 -13.31
N LEU D 451 43.01 -9.66 -13.89
CA LEU D 451 43.80 -10.88 -13.67
C LEU D 451 44.12 -11.57 -15.00
N SER D 452 45.40 -11.94 -15.18
CA SER D 452 45.84 -12.60 -16.41
C SER D 452 45.25 -14.01 -16.55
N LEU D 453 45.19 -14.49 -17.79
CA LEU D 453 44.71 -15.85 -18.00
C LEU D 453 45.74 -16.89 -17.60
N GLU D 454 47.02 -16.53 -17.61
CA GLU D 454 48.06 -17.47 -17.20
C GLU D 454 48.02 -17.71 -15.68
N THR D 455 47.98 -16.63 -14.90
CA THR D 455 47.88 -16.77 -13.45
C THR D 455 46.61 -17.52 -13.05
N ILE D 456 45.56 -17.45 -13.87
CA ILE D 456 44.35 -18.24 -13.62
C ILE D 456 44.63 -19.73 -13.84
N LYS D 457 45.35 -20.06 -14.91
CA LYS D 457 45.54 -21.47 -15.24
C LYS D 457 46.53 -22.15 -14.32
N LEU D 458 47.52 -21.42 -13.80
CA LEU D 458 48.43 -22.01 -12.83
C LEU D 458 47.77 -22.19 -11.48
N ALA D 459 47.10 -21.15 -10.97
CA ALA D 459 46.54 -21.22 -9.63
C ALA D 459 45.51 -22.33 -9.53
N LEU D 460 44.70 -22.53 -10.56
CA LEU D 460 43.75 -23.63 -10.50
C LEU D 460 44.42 -24.95 -10.81
N GLU D 461 45.54 -24.91 -11.53
CA GLU D 461 46.30 -26.13 -11.80
C GLU D 461 46.86 -26.72 -10.51
N GLU D 462 47.26 -25.86 -9.58
CA GLU D 462 47.70 -26.27 -8.25
C GLU D 462 46.54 -26.41 -7.27
N PHE D 463 45.46 -25.64 -7.47
CA PHE D 463 44.22 -25.85 -6.72
C PHE D 463 43.67 -27.27 -6.91
N ASN D 464 43.70 -27.80 -8.15
CA ASN D 464 43.15 -29.14 -8.44
C ASN D 464 44.09 -30.24 -7.94
N LYS D 465 45.37 -29.91 -7.80
CA LYS D 465 46.31 -30.85 -7.20
C LYS D 465 45.88 -31.22 -5.78
N HIS D 466 45.44 -30.23 -5.00
CA HIS D 466 44.93 -30.51 -3.65
C HIS D 466 43.51 -31.06 -3.69
N ARG D 467 42.74 -30.70 -4.70
CA ARG D 467 41.36 -31.17 -4.77
C ARG D 467 41.31 -32.62 -5.24
N ASP D 468 40.11 -33.18 -5.13
CA ASP D 468 39.83 -34.55 -5.48
C ASP D 468 39.75 -34.65 -7.00
N ILE D 469 40.20 -35.79 -7.55
CA ILE D 469 40.24 -35.99 -8.99
C ILE D 469 38.84 -36.02 -9.60
N ASP D 470 37.88 -36.65 -8.90
CA ASP D 470 36.48 -36.65 -9.35
C ASP D 470 35.91 -35.24 -9.46
N LYS D 471 36.06 -34.45 -8.40
CA LYS D 471 35.37 -33.18 -8.19
C LYS D 471 36.42 -32.08 -8.32
N GLN D 472 36.78 -31.76 -9.56
CA GLN D 472 37.82 -30.78 -9.79
C GLN D 472 37.56 -30.07 -11.11
N CYS D 473 37.96 -28.81 -11.13
CA CYS D 473 37.56 -27.83 -12.13
C CYS D 473 38.78 -27.45 -12.94
N ARG D 474 38.71 -27.67 -14.24
CA ARG D 474 39.88 -27.60 -15.11
C ARG D 474 39.90 -26.30 -15.92
N PHE D 475 41.10 -25.80 -16.19
CA PHE D 475 41.21 -24.61 -17.01
C PHE D 475 40.53 -24.80 -18.35
N GLU D 476 40.50 -26.04 -18.85
CA GLU D 476 39.88 -26.41 -20.12
C GLU D 476 38.36 -26.33 -20.11
N GLU D 477 37.73 -26.15 -18.95
CA GLU D 477 36.31 -25.86 -18.97
C GLU D 477 36.06 -24.39 -19.25
N ILE D 478 37.03 -23.54 -18.90
CA ILE D 478 36.93 -22.10 -19.18
C ILE D 478 37.10 -21.86 -20.67
N LEU D 479 38.08 -22.52 -21.28
CA LEU D 479 38.29 -22.41 -22.71
C LEU D 479 37.21 -23.11 -23.51
N ALA D 480 36.30 -23.84 -22.85
CA ALA D 480 35.12 -24.36 -23.51
C ALA D 480 34.11 -23.24 -23.72
N ASN D 481 33.61 -22.69 -22.60
CA ASN D 481 32.68 -21.55 -22.57
C ASN D 481 32.92 -20.55 -23.70
N PHE D 482 34.17 -20.11 -23.88
CA PHE D 482 34.38 -19.09 -24.89
C PHE D 482 34.55 -19.64 -26.29
N ALA D 483 35.16 -20.81 -26.43
CA ALA D 483 35.37 -21.34 -27.77
C ALA D 483 34.06 -21.41 -28.54
N ALA D 484 32.96 -21.57 -27.80
CA ALA D 484 31.65 -21.80 -28.36
C ALA D 484 30.87 -20.49 -28.64
N ILE D 485 31.43 -19.32 -28.25
CA ILE D 485 30.73 -18.06 -28.48
C ILE D 485 30.29 -17.82 -29.91
N PRO D 486 31.13 -18.06 -30.93
CA PRO D 486 30.68 -17.76 -32.31
C PRO D 486 29.28 -18.30 -32.67
N MET D 487 28.89 -19.47 -32.16
CA MET D 487 27.60 -20.04 -32.56
C MET D 487 26.42 -19.20 -32.09
N ILE D 488 26.64 -18.24 -31.18
CA ILE D 488 25.53 -17.43 -30.72
C ILE D 488 25.04 -16.50 -31.84
N PHE D 489 25.85 -16.32 -32.88
CA PHE D 489 25.49 -15.47 -34.00
C PHE D 489 24.69 -16.19 -35.07
N ASP D 490 24.73 -17.52 -35.05
CA ASP D 490 23.86 -18.27 -35.94
C ASP D 490 22.54 -18.59 -35.25
N GLU D 491 22.56 -18.71 -33.92
CA GLU D 491 21.33 -18.61 -33.12
C GLU D 491 20.57 -17.32 -33.39
N ILE D 492 21.25 -16.28 -33.86
CA ILE D 492 20.67 -14.94 -33.91
C ILE D 492 20.27 -14.67 -35.34
N ALA D 493 21.05 -15.22 -36.28
CA ALA D 493 20.81 -14.92 -37.69
C ALA D 493 19.47 -15.49 -38.17
N GLN D 494 19.13 -16.73 -37.77
CA GLN D 494 17.85 -17.32 -38.18
C GLN D 494 16.69 -16.66 -37.45
N ASN D 495 16.90 -16.28 -36.18
CA ASN D 495 15.91 -15.53 -35.41
C ASN D 495 15.78 -14.09 -35.89
N LYS D 496 16.90 -13.44 -36.24
CA LYS D 496 16.79 -12.11 -36.83
C LYS D 496 16.20 -12.16 -38.24
N ASP D 497 15.71 -13.34 -38.65
CA ASP D 497 15.11 -13.54 -39.95
C ASP D 497 13.61 -13.81 -39.88
N ASN D 498 13.15 -14.67 -38.96
CA ASN D 498 11.71 -14.69 -38.70
C ASN D 498 11.27 -13.36 -38.09
N LEU D 499 12.18 -12.66 -37.42
CA LEU D 499 11.98 -11.26 -37.02
C LEU D 499 11.59 -10.39 -38.21
N ALA D 500 12.14 -10.67 -39.39
CA ALA D 500 11.78 -9.88 -40.55
C ALA D 500 10.29 -10.05 -40.85
N GLN D 501 9.75 -11.24 -40.62
CA GLN D 501 8.32 -11.45 -40.79
C GLN D 501 7.49 -10.61 -39.84
N ILE D 502 7.89 -10.59 -38.57
CA ILE D 502 7.12 -9.91 -37.54
C ILE D 502 7.16 -8.41 -37.73
N SER D 503 8.29 -7.88 -38.26
CA SER D 503 8.47 -6.44 -38.43
C SER D 503 7.44 -5.85 -39.38
N ILE D 504 7.19 -6.53 -40.49
CA ILE D 504 6.22 -6.08 -41.48
C ILE D 504 4.87 -5.84 -40.81
N LYS D 505 4.50 -6.69 -39.85
CA LYS D 505 3.18 -6.59 -39.23
C LYS D 505 3.02 -5.26 -38.48
N TYR D 506 4.09 -4.75 -37.88
CA TYR D 506 4.00 -3.62 -36.97
C TYR D 506 4.59 -2.33 -37.52
N GLN D 507 4.93 -2.28 -38.82
CA GLN D 507 5.54 -1.08 -39.39
C GLN D 507 4.42 -0.13 -39.84
N ASN D 508 3.78 0.47 -38.83
CA ASN D 508 2.59 1.28 -38.99
C ASN D 508 2.71 2.50 -38.08
N GLN D 509 2.68 3.72 -38.68
CA GLN D 509 3.27 5.00 -38.15
C GLN D 509 2.65 5.50 -36.78
N GLY D 510 1.78 4.77 -36.11
CA GLY D 510 1.28 5.21 -34.83
C GLY D 510 0.27 4.24 -34.27
N LYS D 511 0.40 2.97 -34.65
CA LYS D 511 -0.61 1.98 -34.31
C LYS D 511 -0.56 1.59 -32.84
N LYS D 512 0.63 1.35 -32.30
CA LYS D 512 0.81 1.12 -30.85
C LYS D 512 0.06 -0.14 -30.37
N ASP D 513 -0.29 -1.02 -31.33
CA ASP D 513 -1.09 -2.23 -31.10
C ASP D 513 -0.23 -3.48 -30.92
N LEU D 514 0.95 -3.31 -30.36
CA LEU D 514 1.86 -4.40 -30.06
C LEU D 514 1.88 -4.74 -28.60
N LEU D 515 1.51 -3.81 -27.71
CA LEU D 515 1.30 -4.12 -26.31
C LEU D 515 -0.09 -4.70 -26.02
N GLN D 516 -0.92 -4.85 -27.06
CA GLN D 516 -2.17 -5.62 -26.99
C GLN D 516 -1.91 -7.11 -26.78
N ALA D 517 -2.45 -7.67 -25.69
CA ALA D 517 -2.04 -8.99 -25.21
C ALA D 517 -2.15 -10.08 -26.27
N SER D 518 -2.84 -9.83 -27.38
CA SER D 518 -2.93 -10.80 -28.47
C SER D 518 -1.59 -11.05 -29.15
N ALA D 519 -0.76 -10.00 -29.29
CA ALA D 519 0.59 -10.10 -29.84
C ALA D 519 1.58 -10.67 -28.85
N GLU D 520 1.13 -11.38 -27.82
CA GLU D 520 2.05 -11.80 -26.78
C GLU D 520 2.94 -12.97 -27.24
N ASP D 521 2.53 -13.70 -28.27
CA ASP D 521 3.41 -14.73 -28.80
C ASP D 521 4.55 -14.13 -29.60
N ASP D 522 4.28 -12.98 -30.26
CA ASP D 522 5.31 -12.26 -31.01
C ASP D 522 6.22 -11.47 -30.08
N VAL D 523 5.72 -11.03 -28.92
CA VAL D 523 6.58 -10.32 -27.99
C VAL D 523 7.60 -11.30 -27.38
N LYS D 524 7.22 -12.56 -27.18
CA LYS D 524 8.16 -13.59 -26.73
C LYS D 524 9.32 -13.78 -27.71
N ALA D 525 9.05 -13.74 -29.02
CA ALA D 525 10.13 -13.83 -30.00
C ALA D 525 11.05 -12.62 -29.90
N ILE D 526 10.48 -11.40 -29.86
CA ILE D 526 11.33 -10.21 -29.81
C ILE D 526 12.16 -10.20 -28.56
N LYS D 527 11.65 -10.70 -27.45
CA LYS D 527 12.45 -10.59 -26.25
C LYS D 527 13.61 -11.60 -26.24
N ASP D 528 13.38 -12.81 -26.78
CA ASP D 528 14.45 -13.81 -26.83
C ASP D 528 15.61 -13.34 -27.70
N LEU D 529 15.33 -12.66 -28.84
CA LEU D 529 16.37 -11.89 -29.50
C LEU D 529 17.10 -10.98 -28.53
N LEU D 530 16.36 -10.08 -27.89
CA LEU D 530 17.01 -9.13 -27.01
C LEU D 530 17.73 -9.82 -25.85
N ASP D 531 17.22 -10.97 -25.38
CA ASP D 531 17.96 -11.65 -24.32
C ASP D 531 19.22 -12.34 -24.83
N GLN D 532 19.11 -13.06 -25.96
CA GLN D 532 20.27 -13.77 -26.48
C GLN D 532 21.41 -12.80 -26.76
N THR D 533 21.08 -11.61 -27.30
CA THR D 533 22.05 -10.57 -27.59
C THR D 533 22.55 -9.85 -26.34
N ASN D 534 21.75 -9.82 -25.27
CA ASN D 534 22.18 -9.25 -24.01
C ASN D 534 23.20 -10.14 -23.33
N ASN D 535 22.90 -11.44 -23.26
CA ASN D 535 23.77 -12.36 -22.54
C ASN D 535 25.12 -12.51 -23.24
N LEU D 536 25.09 -12.61 -24.57
CA LEU D 536 26.31 -12.56 -25.35
C LEU D 536 27.16 -11.35 -24.97
N LEU D 537 26.54 -10.19 -24.79
CA LEU D 537 27.27 -9.06 -24.25
C LEU D 537 27.83 -9.42 -22.87
N HIS D 538 26.97 -9.89 -21.96
CA HIS D 538 27.44 -10.21 -20.61
C HIS D 538 28.49 -11.30 -20.58
N LYS D 539 28.68 -12.01 -21.68
CA LYS D 539 29.74 -12.99 -21.78
C LYS D 539 31.07 -12.41 -22.22
N LEU D 540 31.04 -11.43 -23.12
CA LEU D 540 32.26 -10.77 -23.57
C LEU D 540 32.76 -9.81 -22.52
N LYS D 541 31.82 -9.18 -21.81
CA LYS D 541 32.05 -8.09 -20.88
C LYS D 541 33.27 -8.34 -20.00
N ILE D 542 33.57 -9.62 -19.72
CA ILE D 542 34.66 -9.90 -18.79
C ILE D 542 36.00 -9.47 -19.36
N PHE D 543 36.08 -9.22 -20.67
CA PHE D 543 37.35 -8.88 -21.29
C PHE D 543 37.60 -7.38 -21.36
N HIS D 544 36.53 -6.59 -21.52
CA HIS D 544 36.62 -5.18 -21.89
C HIS D 544 37.44 -4.38 -20.88
N ILE D 545 38.29 -3.50 -21.39
CA ILE D 545 39.10 -2.63 -20.54
C ILE D 545 38.59 -1.21 -20.68
N SER D 546 37.65 -0.83 -19.81
CA SER D 546 37.04 0.48 -19.94
C SER D 546 38.05 1.57 -19.64
N GLN D 547 37.91 2.67 -20.36
CA GLN D 547 38.82 3.79 -20.24
C GLN D 547 38.51 4.64 -19.02
N SER D 548 37.72 4.11 -18.08
CA SER D 548 37.57 4.73 -16.77
C SER D 548 38.94 5.13 -16.26
N GLU D 549 39.16 6.44 -16.15
CA GLU D 549 40.48 7.03 -16.07
C GLU D 549 41.18 6.71 -14.75
N ASP D 550 41.78 5.52 -14.66
CA ASP D 550 42.68 5.18 -13.57
C ASP D 550 44.06 4.94 -14.12
N LYS D 551 44.99 5.76 -13.69
CA LYS D 551 46.40 5.61 -13.94
C LYS D 551 47.11 4.89 -12.81
N ALA D 552 46.38 4.59 -11.71
CA ALA D 552 46.97 3.92 -10.55
C ALA D 552 47.65 2.63 -10.95
N ASN D 553 47.10 1.96 -11.96
CA ASN D 553 47.70 0.78 -12.55
C ASN D 553 47.37 0.74 -14.03
N ILE D 554 48.31 0.19 -14.81
CA ILE D 554 48.11 -0.10 -16.22
C ILE D 554 48.51 -1.56 -16.42
N LEU D 555 48.06 -2.12 -17.53
CA LEU D 555 48.44 -3.48 -17.86
C LEU D 555 48.86 -3.55 -19.32
N ASP D 556 49.82 -4.46 -19.61
CA ASP D 556 50.37 -4.64 -20.97
C ASP D 556 49.72 -5.85 -21.62
N LYS D 557 48.76 -5.58 -22.50
CA LYS D 557 47.87 -6.55 -23.10
C LYS D 557 48.50 -7.19 -24.35
N ASP D 558 47.71 -8.00 -25.06
CA ASP D 558 47.95 -8.39 -26.45
C ASP D 558 47.27 -7.34 -27.33
N GLU D 559 48.04 -6.39 -27.86
CA GLU D 559 47.41 -5.21 -28.45
C GLU D 559 46.55 -5.58 -29.65
N HIS D 560 46.97 -6.52 -30.49
CA HIS D 560 46.16 -6.86 -31.65
C HIS D 560 44.78 -7.37 -31.26
N PHE D 561 44.74 -8.35 -30.35
CA PHE D 561 43.49 -8.94 -29.87
C PHE D 561 42.56 -7.88 -29.29
N TYR D 562 43.09 -7.07 -28.36
CA TYR D 562 42.32 -5.98 -27.78
C TYR D 562 41.95 -4.94 -28.82
N LEU D 563 42.71 -4.82 -29.89
CA LEU D 563 42.38 -3.82 -30.90
C LEU D 563 41.04 -4.14 -31.54
N VAL D 564 40.91 -5.33 -32.14
CA VAL D 564 39.71 -5.68 -32.88
C VAL D 564 38.57 -6.24 -32.03
N PHE D 565 38.85 -6.79 -30.84
CA PHE D 565 37.80 -7.07 -29.87
C PHE D 565 37.08 -5.78 -29.49
N GLU D 566 37.80 -4.86 -28.82
CA GLU D 566 37.21 -3.64 -28.29
C GLU D 566 36.54 -2.80 -29.36
N GLU D 567 36.78 -3.09 -30.63
CA GLU D 567 35.97 -2.48 -31.68
C GLU D 567 34.63 -3.18 -31.82
N CYS D 568 34.64 -4.51 -31.71
CA CYS D 568 33.40 -5.27 -31.76
C CYS D 568 32.53 -4.94 -30.56
N TYR D 569 33.10 -5.14 -29.37
CA TYR D 569 32.35 -4.97 -28.14
C TYR D 569 31.56 -3.67 -28.14
N PHE D 570 32.21 -2.55 -28.49
CA PHE D 570 31.50 -1.28 -28.47
C PHE D 570 30.26 -1.30 -29.36
N GLU D 571 30.31 -2.00 -30.51
CA GLU D 571 29.14 -2.00 -31.38
C GLU D 571 27.99 -2.79 -30.78
N LEU D 572 28.30 -3.89 -30.06
CA LEU D 572 27.26 -4.68 -29.39
C LEU D 572 26.71 -3.97 -28.15
N ALA D 573 27.59 -3.32 -27.39
CA ALA D 573 27.16 -2.51 -26.25
C ALA D 573 25.97 -1.62 -26.58
N ASN D 574 25.87 -1.15 -27.82
CA ASN D 574 24.68 -0.40 -28.20
C ASN D 574 23.40 -1.25 -28.02
N ILE D 575 23.42 -2.44 -27.39
CA ILE D 575 22.15 -3.14 -27.12
C ILE D 575 21.43 -2.62 -25.86
N VAL D 576 22.16 -2.34 -24.78
CA VAL D 576 21.53 -1.96 -23.51
C VAL D 576 20.66 -0.70 -23.64
N PRO D 577 20.97 0.34 -24.50
CA PRO D 577 19.94 1.38 -24.69
C PRO D 577 18.81 0.90 -25.56
N LEU D 578 19.08 -0.01 -26.49
CA LEU D 578 18.03 -0.61 -27.30
C LEU D 578 17.06 -1.43 -26.46
N TYR D 579 17.59 -2.22 -25.52
CA TYR D 579 16.77 -3.11 -24.71
C TYR D 579 15.81 -2.33 -23.83
N ASN D 580 16.32 -1.30 -23.13
CA ASN D 580 15.47 -0.51 -22.23
C ASN D 580 14.29 0.09 -22.99
N LYS D 581 14.53 0.65 -24.19
CA LYS D 581 13.48 1.33 -24.93
C LYS D 581 12.36 0.38 -25.26
N ILE D 582 12.70 -0.80 -25.79
CA ILE D 582 11.70 -1.81 -26.14
C ILE D 582 11.00 -2.37 -24.90
N ARG D 583 11.75 -2.73 -23.86
CA ARG D 583 11.13 -3.08 -22.58
C ARG D 583 10.11 -2.03 -22.16
N ASN D 584 10.59 -0.79 -22.08
CA ASN D 584 9.77 0.31 -21.64
C ASN D 584 8.58 0.60 -22.54
N TYR D 585 8.48 -0.03 -23.72
CA TYR D 585 7.30 0.21 -24.53
C TYR D 585 6.35 -0.98 -24.50
N ILE D 586 6.88 -2.19 -24.31
CA ILE D 586 6.10 -3.43 -24.35
C ILE D 586 5.53 -3.75 -22.97
N THR D 587 6.16 -3.25 -21.91
CA THR D 587 5.59 -3.38 -20.57
C THR D 587 4.48 -2.37 -20.31
N GLN D 588 4.23 -1.43 -21.24
CA GLN D 588 3.18 -0.43 -21.05
C GLN D 588 1.80 -1.08 -21.13
N LYS D 589 0.93 -0.78 -20.13
CA LYS D 589 -0.41 -1.32 -20.13
C LYS D 589 -1.25 -0.65 -21.20
N PRO D 590 -1.93 -1.43 -22.05
CA PRO D 590 -2.74 -0.86 -23.14
C PRO D 590 -3.91 -0.06 -22.61
N TYR D 591 -4.25 0.98 -23.35
CA TYR D 591 -5.37 1.83 -22.95
C TYR D 591 -6.66 1.02 -22.89
N SER D 592 -7.48 1.31 -21.89
CA SER D 592 -8.74 0.63 -21.66
C SER D 592 -9.85 1.65 -21.57
N ASP D 593 -10.90 1.46 -22.39
CA ASP D 593 -12.14 2.22 -22.30
C ASP D 593 -12.88 1.89 -21.00
N GLU D 594 -13.12 2.92 -20.20
CA GLU D 594 -13.72 2.77 -18.88
C GLU D 594 -15.13 3.33 -18.91
N LYS D 595 -15.81 3.29 -17.77
CA LYS D 595 -17.04 4.04 -17.66
C LYS D 595 -16.76 5.52 -17.55
N PHE D 596 -17.71 6.31 -18.06
CA PHE D 596 -17.70 7.76 -17.95
C PHE D 596 -19.00 8.24 -17.35
N LYS D 597 -18.94 9.42 -16.74
CA LYS D 597 -20.11 10.01 -16.11
C LYS D 597 -21.15 10.32 -17.18
N LEU D 598 -22.43 10.24 -16.78
CA LEU D 598 -23.52 10.73 -17.58
C LEU D 598 -24.14 11.97 -16.95
N ASN D 599 -24.55 12.92 -17.80
CA ASN D 599 -24.96 14.23 -17.33
C ASN D 599 -26.37 14.64 -17.70
N PHE D 600 -26.99 14.05 -18.74
CA PHE D 600 -28.30 14.44 -19.25
C PHE D 600 -28.49 15.96 -19.17
N GLU D 601 -27.48 16.68 -19.64
CA GLU D 601 -27.54 18.09 -19.92
C GLU D 601 -27.69 18.92 -18.65
N ASN D 602 -27.39 18.39 -17.47
CA ASN D 602 -27.45 19.23 -16.27
C ASN D 602 -26.11 19.27 -15.55
N SER D 603 -25.51 20.45 -15.53
CA SER D 603 -24.30 20.65 -14.74
C SER D 603 -24.46 20.14 -13.32
N THR D 604 -25.68 20.12 -12.78
CA THR D 604 -25.98 19.70 -11.41
C THR D 604 -27.05 18.61 -11.38
N LEU D 605 -26.67 17.40 -11.79
CA LEU D 605 -27.58 16.25 -11.93
C LEU D 605 -27.49 15.31 -10.72
N ALA D 606 -28.66 14.94 -10.20
CA ALA D 606 -28.86 14.25 -8.93
C ALA D 606 -28.19 14.94 -7.75
N ASN D 607 -27.64 16.14 -7.93
CA ASN D 607 -26.87 16.80 -6.87
C ASN D 607 -27.68 16.99 -5.58
N GLY D 608 -29.01 16.98 -5.67
CA GLY D 608 -29.82 17.22 -4.50
C GLY D 608 -31.22 16.70 -4.73
N TRP D 609 -31.66 15.82 -3.86
CA TRP D 609 -32.92 15.16 -4.12
C TRP D 609 -34.13 16.01 -3.76
N ASP D 610 -33.97 17.15 -3.08
CA ASP D 610 -35.12 17.84 -2.48
C ASP D 610 -36.14 18.31 -3.53
N LYS D 611 -37.42 18.30 -3.14
CA LYS D 611 -38.50 18.71 -4.04
C LYS D 611 -38.20 20.07 -4.68
N ASN D 612 -37.78 21.07 -3.89
CA ASN D 612 -37.55 22.43 -4.40
C ASN D 612 -36.43 22.53 -5.43
N LYS D 613 -35.56 21.53 -5.56
CA LYS D 613 -34.44 21.55 -6.48
C LYS D 613 -34.65 20.68 -7.70
N GLU D 614 -35.73 19.89 -7.72
CA GLU D 614 -36.15 19.00 -8.80
C GLU D 614 -35.95 19.63 -10.18
N PRO D 615 -36.22 20.93 -10.35
CA PRO D 615 -35.92 21.55 -11.66
C PRO D 615 -34.45 21.84 -11.89
N ASP D 616 -33.65 22.02 -10.83
CA ASP D 616 -32.23 22.32 -11.00
C ASP D 616 -31.41 21.07 -11.16
N ASN D 617 -31.71 20.05 -10.35
CA ASN D 617 -31.08 18.73 -10.41
C ASN D 617 -32.11 17.81 -11.01
N THR D 618 -31.76 17.03 -12.00
CA THR D 618 -32.95 16.66 -12.75
C THR D 618 -33.63 15.39 -12.19
N ALA D 619 -33.04 14.74 -11.18
CA ALA D 619 -33.34 13.34 -10.91
C ALA D 619 -34.54 13.12 -9.98
N ILE D 620 -35.43 12.19 -10.37
CA ILE D 620 -36.54 11.78 -9.52
C ILE D 620 -36.59 10.28 -9.40
N LEU D 621 -36.92 9.79 -8.21
CA LEU D 621 -37.20 8.39 -7.93
C LEU D 621 -38.70 8.08 -7.89
N PHE D 622 -39.02 6.81 -8.19
CA PHE D 622 -40.38 6.29 -8.26
C PHE D 622 -40.39 4.85 -7.79
N ILE D 623 -41.52 4.43 -7.23
CA ILE D 623 -41.71 3.01 -6.94
C ILE D 623 -43.03 2.56 -7.55
N LYS D 624 -43.02 1.40 -8.18
CA LYS D 624 -44.22 0.77 -8.70
C LYS D 624 -44.07 -0.73 -8.58
N ASP D 625 -44.98 -1.33 -7.80
CA ASP D 625 -45.07 -2.77 -7.65
C ASP D 625 -43.70 -3.30 -7.22
N ASP D 626 -43.31 -2.90 -6.01
CA ASP D 626 -42.02 -3.25 -5.37
C ASP D 626 -40.81 -3.12 -6.30
N LYS D 627 -40.93 -2.41 -7.42
CA LYS D 627 -39.82 -2.11 -8.30
C LYS D 627 -39.39 -0.66 -8.13
N TYR D 628 -38.09 -0.41 -8.25
CA TYR D 628 -37.57 0.95 -8.06
C TYR D 628 -37.12 1.56 -9.36
N TYR D 629 -37.51 2.82 -9.59
CA TYR D 629 -37.21 3.54 -10.84
C TYR D 629 -36.53 4.87 -10.56
N LEU D 630 -35.63 5.25 -11.47
CA LEU D 630 -35.02 6.57 -11.46
C LEU D 630 -35.38 7.27 -12.76
N GLY D 631 -35.80 8.54 -12.65
CA GLY D 631 -36.30 9.31 -13.76
C GLY D 631 -35.63 10.65 -13.79
N VAL D 632 -35.13 11.00 -14.96
CA VAL D 632 -34.30 12.17 -15.17
C VAL D 632 -34.93 12.94 -16.30
N MET D 633 -35.65 14.00 -15.96
CA MET D 633 -36.38 14.83 -16.92
C MET D 633 -35.45 15.49 -17.93
N ASN D 634 -35.97 15.67 -19.13
CA ASN D 634 -35.24 16.42 -20.16
C ASN D 634 -34.95 17.82 -19.66
N LYS D 635 -33.75 18.33 -19.92
CA LYS D 635 -33.44 19.68 -19.47
C LYS D 635 -34.53 20.67 -19.92
N LYS D 636 -35.15 20.43 -21.09
CA LYS D 636 -36.11 21.38 -21.68
C LYS D 636 -37.48 21.29 -21.02
N ASN D 637 -37.78 20.19 -20.34
CA ASN D 637 -39.04 19.98 -19.66
C ASN D 637 -38.75 19.59 -18.20
N ASN D 638 -38.31 20.52 -17.36
CA ASN D 638 -38.15 20.15 -15.96
C ASN D 638 -39.30 20.62 -15.09
N LYS D 639 -40.29 21.27 -15.68
CA LYS D 639 -41.55 21.56 -15.01
C LYS D 639 -42.53 20.40 -15.09
N ILE D 640 -42.06 19.25 -15.59
CA ILE D 640 -42.88 18.07 -15.79
C ILE D 640 -43.59 17.62 -14.53
N PHE D 641 -42.97 17.80 -13.36
CA PHE D 641 -43.54 17.25 -12.14
C PHE D 641 -43.90 18.34 -11.12
N ASP D 642 -44.14 19.56 -11.58
CA ASP D 642 -44.54 20.61 -10.66
C ASP D 642 -45.89 20.25 -10.03
N ASP D 643 -46.19 20.92 -8.91
CA ASP D 643 -47.40 20.65 -8.16
C ASP D 643 -48.63 20.66 -9.06
N LYS D 644 -48.65 21.55 -10.07
CA LYS D 644 -49.75 21.49 -11.02
C LYS D 644 -49.78 20.11 -11.67
N ALA D 645 -48.70 19.74 -12.35
CA ALA D 645 -48.71 18.47 -13.07
C ALA D 645 -48.91 17.27 -12.13
N ILE D 646 -48.53 17.38 -10.85
CA ILE D 646 -48.81 16.24 -9.97
C ILE D 646 -50.27 16.23 -9.54
N LYS D 647 -51.00 17.33 -9.74
CA LYS D 647 -52.38 17.34 -9.31
C LYS D 647 -53.30 16.79 -10.40
N GLU D 648 -53.17 17.28 -11.62
CA GLU D 648 -54.01 16.83 -12.71
C GLU D 648 -53.53 15.50 -13.27
N ASN D 649 -52.52 14.91 -12.67
CA ASN D 649 -52.08 13.59 -13.10
C ASN D 649 -51.96 12.64 -11.92
N LYS D 650 -52.68 12.92 -10.84
CA LYS D 650 -52.84 11.96 -9.77
C LYS D 650 -53.67 10.77 -10.23
N GLY D 651 -53.10 9.58 -10.08
CA GLY D 651 -53.78 8.34 -10.38
C GLY D 651 -52.92 7.22 -9.86
N GLU D 652 -53.42 6.01 -9.99
CA GLU D 652 -52.79 4.86 -9.35
C GLU D 652 -51.86 4.17 -10.35
N GLY D 653 -50.68 4.77 -10.52
CA GLY D 653 -49.67 4.15 -11.33
C GLY D 653 -48.31 4.08 -10.64
N TYR D 654 -47.66 5.22 -10.50
CA TYR D 654 -46.30 5.28 -9.99
C TYR D 654 -46.25 6.10 -8.73
N LYS D 655 -45.54 5.59 -7.72
CA LYS D 655 -45.32 6.31 -6.46
C LYS D 655 -44.01 7.07 -6.56
N LYS D 656 -44.14 8.35 -6.98
CA LYS D 656 -43.02 9.30 -6.90
C LYS D 656 -42.66 9.56 -5.45
N ILE D 657 -41.37 9.34 -5.13
CA ILE D 657 -40.79 9.86 -3.90
C ILE D 657 -40.68 11.38 -3.94
N VAL D 658 -41.15 12.03 -2.87
CA VAL D 658 -40.96 13.46 -2.69
C VAL D 658 -40.09 13.65 -1.46
N TYR D 659 -38.98 14.37 -1.63
CA TYR D 659 -37.83 14.34 -0.71
C TYR D 659 -37.62 15.72 -0.10
N LYS D 660 -37.57 15.77 1.23
CA LYS D 660 -37.42 17.02 1.95
C LYS D 660 -36.32 16.86 2.96
N LEU D 661 -35.30 17.73 2.87
CA LEU D 661 -34.10 17.63 3.71
C LEU D 661 -33.78 19.01 4.28
N LEU D 662 -33.25 19.02 5.49
CA LEU D 662 -32.62 20.22 6.03
C LEU D 662 -31.16 19.86 6.33
N PRO D 663 -30.26 20.07 5.37
CA PRO D 663 -28.85 19.67 5.55
C PRO D 663 -27.95 20.72 6.18
N GLY D 664 -27.10 20.23 7.08
CA GLY D 664 -26.15 21.08 7.76
C GLY D 664 -26.88 22.19 8.44
N ALA D 665 -27.49 21.89 9.59
CA ALA D 665 -28.27 22.92 10.26
C ALA D 665 -27.38 24.05 10.74
N ASN D 666 -26.15 23.74 11.17
CA ASN D 666 -25.24 24.76 11.69
C ASN D 666 -24.93 25.84 10.65
N LYS D 667 -25.00 25.53 9.36
CA LYS D 667 -24.79 26.55 8.34
C LYS D 667 -26.13 27.15 7.92
N MET D 668 -27.12 26.27 7.73
CA MET D 668 -28.33 26.60 7.00
C MET D 668 -29.31 27.45 7.78
N LEU D 669 -29.35 27.31 9.09
CA LEU D 669 -30.28 28.17 9.83
C LEU D 669 -29.69 29.57 9.91
N PRO D 670 -28.38 29.76 10.09
CA PRO D 670 -27.84 31.13 9.96
C PRO D 670 -27.88 31.69 8.53
N LYS D 671 -27.55 30.91 7.50
CA LYS D 671 -27.61 31.42 6.14
C LYS D 671 -28.98 31.98 5.83
N VAL D 672 -30.01 31.36 6.38
CA VAL D 672 -31.37 31.62 5.95
C VAL D 672 -32.03 32.63 6.85
N PHE D 673 -31.81 32.55 8.16
CA PHE D 673 -32.45 33.51 9.03
C PHE D 673 -31.80 34.87 8.90
N PHE D 674 -30.46 34.91 8.92
CA PHE D 674 -29.75 36.18 8.85
C PHE D 674 -29.50 36.60 7.42
N SER D 675 -30.27 36.05 6.48
CA SER D 675 -30.16 36.42 5.09
C SER D 675 -30.53 37.89 4.93
N ALA D 676 -29.67 38.64 4.27
CA ALA D 676 -29.97 40.01 3.88
C ALA D 676 -31.38 40.10 3.29
N LYS D 677 -31.78 39.07 2.54
CA LYS D 677 -33.13 39.06 1.99
C LYS D 677 -34.17 39.05 3.09
N SER D 678 -33.99 38.18 4.08
CA SER D 678 -35.09 37.89 4.99
C SER D 678 -34.74 38.16 6.45
N ILE D 679 -33.57 38.75 6.75
CA ILE D 679 -33.19 39.03 8.13
C ILE D 679 -34.21 39.96 8.78
N LYS D 680 -34.83 40.83 7.98
CA LYS D 680 -35.71 41.85 8.55
C LYS D 680 -37.00 41.23 9.06
N PHE D 681 -37.48 40.18 8.39
CA PHE D 681 -38.71 39.49 8.77
C PHE D 681 -38.55 38.68 10.05
N TYR D 682 -37.43 37.96 10.18
CA TYR D 682 -37.18 37.19 11.41
C TYR D 682 -36.76 38.11 12.55
N ASN D 683 -36.23 39.29 12.22
CA ASN D 683 -36.06 40.40 13.14
C ASN D 683 -35.36 39.92 14.40
N PRO D 684 -34.06 39.60 14.34
CA PRO D 684 -33.35 39.24 15.57
C PRO D 684 -33.15 40.49 16.43
N SER D 685 -33.22 40.29 17.74
CA SER D 685 -32.94 41.38 18.66
C SER D 685 -31.45 41.67 18.69
N GLU D 686 -31.10 42.92 19.04
CA GLU D 686 -29.68 43.27 19.23
C GLU D 686 -28.95 42.37 20.23
N ASP D 687 -29.66 41.59 21.06
CA ASP D 687 -28.99 40.65 21.96
C ASP D 687 -28.62 39.37 21.21
N ILE D 688 -29.50 38.91 20.31
CA ILE D 688 -29.23 37.71 19.54
C ILE D 688 -28.15 37.99 18.51
N LEU D 689 -28.13 39.20 17.95
CA LEU D 689 -27.01 39.62 17.12
C LEU D 689 -25.71 39.66 17.92
N ARG D 690 -25.74 40.22 19.15
CA ARG D 690 -24.58 40.14 20.04
C ARG D 690 -24.03 38.73 20.10
N ILE D 691 -24.90 37.76 20.31
CA ILE D 691 -24.49 36.37 20.45
C ILE D 691 -23.94 35.86 19.14
N ARG D 692 -24.57 36.24 18.03
CA ARG D 692 -24.07 35.79 16.73
C ARG D 692 -22.70 36.40 16.44
N ASN D 693 -22.54 37.72 16.61
CA ASN D 693 -21.29 38.32 16.17
C ASN D 693 -20.09 37.82 16.97
N HIS D 694 -20.20 37.73 18.29
CA HIS D 694 -19.12 37.21 19.15
C HIS D 694 -19.14 35.69 19.34
N SER D 695 -20.12 35.00 18.75
CA SER D 695 -20.25 33.55 18.78
C SER D 695 -20.15 33.04 20.22
N THR D 696 -20.92 33.68 21.10
CA THR D 696 -20.99 33.18 22.46
C THR D 696 -21.74 31.86 22.54
N HIS D 697 -22.52 31.54 21.51
CA HIS D 697 -23.24 30.28 21.56
C HIS D 697 -22.33 29.06 21.38
N THR D 698 -21.04 29.23 21.04
CA THR D 698 -20.12 28.13 20.75
C THR D 698 -18.84 28.27 21.56
N LYS D 699 -18.11 27.16 21.71
CA LYS D 699 -16.83 27.15 22.42
C LYS D 699 -15.64 27.21 21.49
N ASN D 700 -15.83 26.80 20.22
CA ASN D 700 -14.78 26.94 19.23
C ASN D 700 -15.34 27.41 17.90
N GLY D 701 -16.42 28.14 17.92
CA GLY D 701 -16.96 28.67 16.68
C GLY D 701 -16.39 30.03 16.33
N SER D 702 -16.57 30.39 15.06
CA SER D 702 -16.11 31.62 14.45
C SER D 702 -17.04 32.80 14.76
N PRO D 703 -16.43 33.94 15.08
CA PRO D 703 -17.18 35.20 15.21
C PRO D 703 -17.35 35.92 13.88
N GLN D 704 -18.46 36.64 13.76
CA GLN D 704 -18.74 37.36 12.52
C GLN D 704 -17.56 38.24 12.15
N LYS D 705 -17.29 38.43 10.85
CA LYS D 705 -16.05 39.12 10.49
C LYS D 705 -16.07 40.54 11.07
N GLY D 706 -14.94 40.97 11.60
CA GLY D 706 -14.85 42.27 12.23
C GLY D 706 -14.95 42.27 13.73
N TYR D 707 -15.30 41.12 14.33
CA TYR D 707 -15.57 40.93 15.76
C TYR D 707 -14.60 39.91 16.31
N GLU D 708 -14.57 39.81 17.63
CA GLU D 708 -13.58 39.00 18.35
C GLU D 708 -14.32 37.88 19.08
N LYS D 709 -13.73 36.68 19.11
CA LYS D 709 -14.46 35.54 19.66
C LYS D 709 -14.48 35.60 21.17
N PHE D 710 -15.66 35.38 21.76
CA PHE D 710 -15.81 35.48 23.20
C PHE D 710 -16.04 34.12 23.81
N GLU D 711 -15.64 33.98 25.07
CA GLU D 711 -15.80 32.70 25.73
C GLU D 711 -17.26 32.30 25.72
N PHE D 712 -17.48 31.00 25.88
CA PHE D 712 -18.80 30.42 25.65
C PHE D 712 -19.68 30.62 26.88
N ASN D 713 -20.86 31.19 26.64
CA ASN D 713 -21.82 31.56 27.68
C ASN D 713 -23.09 30.75 27.49
N ILE D 714 -23.37 29.88 28.45
CA ILE D 714 -24.47 28.93 28.32
C ILE D 714 -25.81 29.65 28.21
N GLU D 715 -25.99 30.74 28.96
CA GLU D 715 -27.26 31.46 28.88
C GLU D 715 -27.49 32.01 27.48
N ASP D 716 -26.47 32.64 26.90
CA ASP D 716 -26.52 33.04 25.50
C ASP D 716 -26.87 31.86 24.59
N CYS D 717 -26.38 30.67 24.93
CA CYS D 717 -26.55 29.49 24.08
C CYS D 717 -28.00 29.10 23.99
N ARG D 718 -28.72 29.10 25.11
CA ARG D 718 -30.13 28.76 25.02
C ARG D 718 -30.94 29.93 24.46
N LYS D 719 -30.49 31.15 24.73
CA LYS D 719 -31.14 32.32 24.13
C LYS D 719 -31.11 32.22 22.61
N PHE D 720 -29.95 31.88 22.04
CA PHE D 720 -29.83 31.71 20.59
C PHE D 720 -30.76 30.61 20.09
N ILE D 721 -30.67 29.42 20.71
CA ILE D 721 -31.48 28.27 20.31
C ILE D 721 -32.95 28.65 20.26
N ASP D 722 -33.43 29.38 21.27
CA ASP D 722 -34.80 29.89 21.24
C ASP D 722 -35.05 30.77 20.03
N PHE D 723 -34.08 31.62 19.66
CA PHE D 723 -34.22 32.41 18.45
C PHE D 723 -34.33 31.55 17.22
N TYR D 724 -33.54 30.50 17.14
CA TYR D 724 -33.73 29.59 16.02
C TYR D 724 -35.14 29.02 16.07
N LYS D 725 -35.56 28.52 17.24
CA LYS D 725 -36.85 27.85 17.33
C LYS D 725 -38.01 28.71 16.83
N GLN D 726 -38.13 29.95 17.32
CA GLN D 726 -39.19 30.83 16.81
C GLN D 726 -39.06 31.01 15.29
N SER D 727 -37.83 31.18 14.81
CA SER D 727 -37.60 31.42 13.39
C SER D 727 -37.93 30.21 12.51
N ILE D 728 -37.98 29.00 13.08
CA ILE D 728 -38.37 27.82 12.29
C ILE D 728 -39.88 27.78 12.10
N SER D 729 -40.65 28.05 13.16
CA SER D 729 -42.09 28.11 12.98
C SER D 729 -42.52 29.30 12.11
N LYS D 730 -41.74 30.39 12.07
CA LYS D 730 -42.09 31.51 11.20
C LYS D 730 -41.74 31.24 9.74
N HIS D 731 -40.81 30.30 9.50
CA HIS D 731 -40.43 29.90 8.14
C HIS D 731 -41.57 29.11 7.48
N PRO D 732 -42.01 29.49 6.26
CA PRO D 732 -43.24 28.90 5.67
C PRO D 732 -43.12 27.40 5.43
N GLU D 733 -41.94 26.98 5.06
CA GLU D 733 -41.72 25.66 4.52
C GLU D 733 -41.30 24.72 5.63
N TRP D 734 -40.36 25.13 6.47
CA TRP D 734 -39.74 24.25 7.45
C TRP D 734 -40.67 23.83 8.61
N LYS D 735 -41.85 24.43 8.75
CA LYS D 735 -42.76 23.95 9.78
C LYS D 735 -43.43 22.63 9.36
N ASP D 736 -43.46 22.34 8.06
CA ASP D 736 -43.89 21.05 7.53
C ASP D 736 -43.09 19.88 8.11
N PHE D 737 -41.87 20.11 8.62
CA PHE D 737 -41.12 18.95 9.09
C PHE D 737 -41.68 18.36 10.37
N GLY D 738 -42.31 19.19 11.19
CA GLY D 738 -42.89 18.67 12.42
C GLY D 738 -41.91 18.45 13.54
N PHE D 739 -41.10 19.47 13.87
CA PHE D 739 -40.02 19.28 14.82
C PHE D 739 -40.56 19.18 16.25
N ARG D 740 -40.04 18.20 17.01
CA ARG D 740 -40.38 18.00 18.43
C ARG D 740 -39.08 18.10 19.24
N PHE D 741 -38.61 19.34 19.45
CA PHE D 741 -37.37 19.57 20.17
C PHE D 741 -37.50 19.31 21.66
N SER D 742 -36.37 19.00 22.28
CA SER D 742 -36.26 18.99 23.71
C SER D 742 -36.44 20.40 24.23
N ASP D 743 -36.62 20.51 25.55
CA ASP D 743 -36.76 21.84 26.12
C ASP D 743 -35.39 22.52 26.08
N THR D 744 -35.34 23.76 25.56
CA THR D 744 -34.06 24.38 25.29
C THR D 744 -33.20 24.57 26.54
N GLN D 745 -33.76 24.35 27.75
CA GLN D 745 -33.00 24.25 29.00
C GLN D 745 -32.39 22.88 29.22
N ARG D 746 -32.54 21.96 28.28
CA ARG D 746 -31.75 20.74 28.29
C ARG D 746 -30.42 20.89 27.60
N TYR D 747 -30.31 21.83 26.67
CA TYR D 747 -29.09 21.90 25.85
C TYR D 747 -27.95 22.45 26.70
N ASN D 748 -26.80 21.76 26.67
CA ASN D 748 -25.55 22.33 27.16
C ASN D 748 -24.66 22.87 26.04
N SER D 749 -24.96 22.55 24.77
CA SER D 749 -24.16 23.02 23.66
C SER D 749 -25.00 23.03 22.40
N ILE D 750 -24.69 23.94 21.47
CA ILE D 750 -25.60 24.18 20.36
C ILE D 750 -25.50 23.13 19.25
N ASP D 751 -24.48 22.28 19.25
CA ASP D 751 -24.49 21.15 18.34
C ASP D 751 -25.51 20.08 18.75
N GLU D 752 -26.12 20.21 19.93
CA GLU D 752 -27.21 19.32 20.31
C GLU D 752 -28.52 19.74 19.68
N PHE D 753 -28.78 21.05 19.63
CA PHE D 753 -29.93 21.56 18.89
C PHE D 753 -29.79 21.25 17.41
N TYR D 754 -28.64 21.58 16.83
CA TYR D 754 -28.39 21.22 15.44
C TYR D 754 -28.62 19.73 15.19
N ARG D 755 -28.24 18.88 16.16
CA ARG D 755 -28.45 17.45 15.97
C ARG D 755 -29.94 17.15 15.83
N GLU D 756 -30.78 17.79 16.63
CA GLU D 756 -32.19 17.47 16.49
C GLU D 756 -32.74 18.02 15.20
N VAL D 757 -32.35 19.24 14.84
CA VAL D 757 -32.76 19.83 13.56
C VAL D 757 -32.38 18.92 12.41
N GLU D 758 -31.16 18.39 12.40
CA GLU D 758 -30.75 17.52 11.30
C GLU D 758 -31.46 16.15 11.37
N ASN D 759 -31.56 15.54 12.55
CA ASN D 759 -32.17 14.21 12.64
C ASN D 759 -33.58 14.22 12.09
N GLN D 760 -34.34 15.24 12.46
CA GLN D 760 -35.74 15.43 12.07
C GLN D 760 -35.88 16.41 10.89
N GLY D 761 -34.80 16.64 10.15
CA GLY D 761 -34.85 17.44 8.94
C GLY D 761 -34.69 16.62 7.68
N TYR D 762 -35.45 15.53 7.61
CA TYR D 762 -35.36 14.54 6.54
C TYR D 762 -36.68 13.77 6.53
N LYS D 763 -37.48 13.96 5.49
CA LYS D 763 -38.78 13.33 5.36
C LYS D 763 -38.97 12.80 3.95
N LEU D 764 -39.59 11.63 3.87
CA LEU D 764 -39.90 10.94 2.62
C LEU D 764 -41.40 10.64 2.56
N THR D 765 -42.08 11.37 1.70
CA THR D 765 -43.47 11.13 1.34
C THR D 765 -43.53 10.78 -0.13
N PHE D 766 -44.74 10.51 -0.60
CA PHE D 766 -44.95 9.97 -1.93
C PHE D 766 -46.13 10.68 -2.58
N GLU D 767 -46.25 10.51 -3.90
CA GLU D 767 -47.41 10.97 -4.67
C GLU D 767 -47.72 9.95 -5.76
N ASN D 768 -48.98 9.49 -5.84
CA ASN D 768 -49.39 8.56 -6.90
C ASN D 768 -49.66 9.26 -8.24
N ILE D 769 -49.04 8.76 -9.31
CA ILE D 769 -49.04 9.43 -10.61
C ILE D 769 -49.49 8.46 -11.69
N SER D 770 -50.46 8.88 -12.50
CA SER D 770 -51.03 7.99 -13.51
C SER D 770 -49.93 7.32 -14.29
N GLU D 771 -50.03 5.99 -14.40
CA GLU D 771 -49.15 5.31 -15.32
C GLU D 771 -49.27 5.93 -16.71
N SER D 772 -50.49 6.29 -17.11
CA SER D 772 -50.69 6.87 -18.45
C SER D 772 -49.89 8.16 -18.64
N TYR D 773 -49.71 8.93 -17.57
CA TYR D 773 -48.91 10.15 -17.65
C TYR D 773 -47.44 9.81 -17.86
N ILE D 774 -46.90 8.97 -16.96
CA ILE D 774 -45.50 8.60 -17.06
C ILE D 774 -45.21 8.06 -18.46
N ASP D 775 -46.10 7.18 -18.96
CA ASP D 775 -45.87 6.49 -20.22
C ASP D 775 -45.83 7.44 -21.42
N SER D 776 -46.70 8.45 -21.46
CA SER D 776 -46.64 9.35 -22.60
C SER D 776 -45.51 10.36 -22.48
N VAL D 777 -45.03 10.63 -21.26
CA VAL D 777 -43.94 11.58 -21.10
C VAL D 777 -42.61 10.90 -21.39
N VAL D 778 -42.54 9.60 -21.11
CA VAL D 778 -41.32 8.84 -21.38
C VAL D 778 -41.21 8.60 -22.87
N ASN D 779 -42.35 8.50 -23.57
CA ASN D 779 -42.32 8.33 -25.02
C ASN D 779 -41.73 9.53 -25.72
N GLN D 780 -42.14 10.71 -25.32
CA GLN D 780 -41.83 11.94 -26.01
C GLN D 780 -40.42 12.43 -25.73
N GLY D 781 -39.63 11.66 -24.99
CA GLY D 781 -38.34 12.12 -24.56
C GLY D 781 -38.40 13.25 -23.55
N LYS D 782 -39.57 13.52 -23.00
CA LYS D 782 -39.63 14.52 -21.94
C LYS D 782 -38.99 14.00 -20.67
N LEU D 783 -39.07 12.69 -20.40
CA LEU D 783 -38.48 12.11 -19.19
C LEU D 783 -37.80 10.78 -19.52
N TYR D 784 -36.56 10.56 -19.03
CA TYR D 784 -35.80 9.33 -19.29
C TYR D 784 -35.90 8.40 -18.08
N LEU D 785 -36.75 7.39 -18.18
CA LEU D 785 -37.06 6.49 -17.09
C LEU D 785 -36.22 5.22 -17.15
N PHE D 786 -35.68 4.83 -15.99
CA PHE D 786 -34.87 3.63 -15.82
C PHE D 786 -35.45 2.77 -14.70
N GLN D 787 -35.11 1.49 -14.70
CA GLN D 787 -35.36 0.63 -13.55
C GLN D 787 -34.06 0.40 -12.79
N ILE D 788 -34.04 0.81 -11.53
CA ILE D 788 -32.91 0.56 -10.65
C ILE D 788 -32.88 -0.94 -10.34
N TYR D 789 -31.83 -1.61 -10.77
CA TYR D 789 -31.80 -3.05 -10.78
C TYR D 789 -30.51 -3.62 -10.22
N ASN D 790 -30.67 -4.66 -9.40
CA ASN D 790 -29.68 -5.72 -9.28
C ASN D 790 -30.43 -7.03 -9.31
N LYS D 791 -29.68 -8.14 -9.36
CA LYS D 791 -30.26 -9.46 -9.62
C LYS D 791 -31.27 -9.93 -8.57
N ASP D 792 -31.34 -9.29 -7.41
CA ASP D 792 -32.34 -9.64 -6.42
C ASP D 792 -33.75 -9.16 -6.82
N PHE D 793 -33.86 -8.12 -7.64
CA PHE D 793 -35.15 -7.64 -8.18
C PHE D 793 -35.59 -8.45 -9.38
N SER D 794 -34.91 -9.57 -9.62
CA SER D 794 -35.35 -10.54 -10.59
C SER D 794 -36.60 -11.21 -10.07
N ALA D 795 -37.55 -11.45 -10.96
CA ALA D 795 -38.73 -12.18 -10.52
C ALA D 795 -38.37 -13.60 -10.06
N TYR D 796 -37.25 -14.16 -10.54
CA TYR D 796 -36.86 -15.53 -10.22
C TYR D 796 -36.12 -15.63 -8.89
N SER D 797 -35.64 -14.50 -8.36
CA SER D 797 -34.74 -14.47 -7.20
C SER D 797 -35.56 -14.75 -5.95
N LYS D 798 -35.52 -16.01 -5.53
CA LYS D 798 -35.94 -16.41 -4.21
C LYS D 798 -34.68 -16.54 -3.38
N GLY D 799 -34.75 -16.23 -2.09
CA GLY D 799 -33.55 -16.45 -1.31
C GLY D 799 -32.66 -15.22 -1.19
N ARG D 800 -31.84 -15.25 -0.12
CA ARG D 800 -31.19 -14.11 0.51
C ARG D 800 -30.74 -13.07 -0.50
N PRO D 801 -31.14 -11.83 -0.25
CA PRO D 801 -30.61 -10.72 -1.04
C PRO D 801 -29.25 -10.30 -0.51
N ASN D 802 -28.51 -9.61 -1.36
CA ASN D 802 -27.29 -8.97 -0.89
C ASN D 802 -27.61 -8.01 0.26
N LEU D 803 -26.63 -7.84 1.17
CA LEU D 803 -26.72 -6.80 2.19
C LEU D 803 -27.08 -5.46 1.58
N HIS D 804 -26.62 -5.19 0.35
CA HIS D 804 -26.92 -3.91 -0.28
C HIS D 804 -28.38 -3.79 -0.69
N THR D 805 -28.97 -4.87 -1.23
CA THR D 805 -30.40 -4.81 -1.53
C THR D 805 -31.21 -4.56 -0.25
N LEU D 806 -30.88 -5.25 0.85
CA LEU D 806 -31.48 -4.91 2.13
C LEU D 806 -31.41 -3.41 2.36
N TYR D 807 -30.19 -2.86 2.40
CA TYR D 807 -29.98 -1.47 2.83
C TYR D 807 -30.77 -0.47 1.98
N TRP D 808 -30.98 -0.75 0.69
CA TRP D 808 -31.68 0.19 -0.16
C TRP D 808 -33.20 0.12 0.07
N LYS D 809 -33.76 -1.11 0.09
CA LYS D 809 -35.18 -1.28 0.36
C LYS D 809 -35.59 -0.63 1.68
N ALA D 810 -34.71 -0.63 2.67
CA ALA D 810 -35.02 0.07 3.90
C ALA D 810 -35.03 1.58 3.74
N LEU D 811 -34.41 2.14 2.69
CA LEU D 811 -34.44 3.60 2.53
C LEU D 811 -35.86 4.17 2.57
N PHE D 812 -36.86 3.32 2.20
CA PHE D 812 -38.27 3.67 2.07
C PHE D 812 -39.26 2.83 2.91
N ASP D 813 -38.82 1.72 3.53
CA ASP D 813 -39.63 0.92 4.46
C ASP D 813 -40.33 1.77 5.52
N GLU D 814 -41.66 1.62 5.63
CA GLU D 814 -42.41 2.36 6.65
C GLU D 814 -41.74 2.34 8.02
N ARG D 815 -41.01 1.25 8.33
CA ARG D 815 -40.39 1.05 9.63
C ARG D 815 -39.03 1.71 9.69
N ASN D 816 -38.47 2.03 8.54
CA ASN D 816 -37.36 2.95 8.53
C ASN D 816 -37.85 4.37 8.64
N LEU D 817 -39.05 4.67 8.13
CA LEU D 817 -39.46 6.07 7.99
C LEU D 817 -40.09 6.67 9.26
N GLN D 818 -40.53 5.84 10.22
CA GLN D 818 -40.93 6.38 11.51
C GLN D 818 -39.71 6.78 12.33
N ASP D 819 -38.65 5.98 12.27
CA ASP D 819 -37.40 6.25 12.96
C ASP D 819 -36.24 6.03 12.00
N VAL D 820 -35.77 7.10 11.37
CA VAL D 820 -34.90 6.98 10.21
C VAL D 820 -33.54 6.44 10.63
N VAL D 821 -33.20 5.24 10.17
CA VAL D 821 -31.85 4.74 10.29
C VAL D 821 -31.14 4.62 8.94
N TYR D 822 -31.88 4.62 7.82
CA TYR D 822 -31.29 4.66 6.47
C TYR D 822 -31.76 5.92 5.74
N LYS D 823 -30.83 6.82 5.45
CA LYS D 823 -31.15 8.09 4.79
C LYS D 823 -30.56 8.12 3.39
N LEU D 824 -31.14 8.96 2.52
CA LEU D 824 -30.83 8.99 1.09
C LEU D 824 -30.04 10.27 0.77
N ASN D 825 -28.72 10.14 0.59
CA ASN D 825 -27.83 11.27 0.40
C ASN D 825 -27.98 11.88 -0.99
N GLY D 826 -27.76 13.19 -1.08
CA GLY D 826 -27.67 13.84 -2.37
C GLY D 826 -26.42 13.40 -3.13
N GLU D 827 -26.23 13.98 -4.32
CA GLU D 827 -25.01 13.80 -5.13
C GLU D 827 -24.79 12.35 -5.55
N ALA D 828 -25.79 11.76 -6.20
CA ALA D 828 -25.70 10.46 -6.81
C ALA D 828 -25.26 10.62 -8.26
N GLU D 829 -24.60 9.61 -8.79
CA GLU D 829 -24.03 9.69 -10.13
C GLU D 829 -24.56 8.57 -11.01
N LEU D 830 -24.50 8.77 -12.32
CA LEU D 830 -24.95 7.78 -13.30
C LEU D 830 -23.86 7.57 -14.33
N PHE D 831 -23.63 6.33 -14.76
CA PHE D 831 -22.46 6.06 -15.59
C PHE D 831 -22.81 5.15 -16.77
N TYR D 832 -22.14 5.38 -17.90
CA TYR D 832 -22.26 4.49 -19.05
C TYR D 832 -21.01 3.65 -19.20
N ARG D 833 -21.19 2.38 -19.56
CA ARG D 833 -20.09 1.44 -19.72
C ARG D 833 -20.24 0.68 -21.04
N LYS D 834 -19.34 0.95 -22.01
CA LYS D 834 -19.44 0.29 -23.32
C LYS D 834 -18.99 -1.16 -23.23
N GLN D 835 -19.57 -2.01 -24.09
CA GLN D 835 -19.25 -3.44 -24.09
C GLN D 835 -17.74 -3.64 -24.22
N SER D 836 -17.22 -4.67 -23.57
CA SER D 836 -15.78 -4.86 -23.50
C SER D 836 -15.29 -6.25 -23.92
N ILE D 837 -16.13 -7.29 -23.87
CA ILE D 837 -15.76 -8.56 -24.50
C ILE D 837 -16.90 -9.03 -25.39
N PRO D 838 -16.64 -9.76 -26.46
CA PRO D 838 -17.73 -10.12 -27.37
C PRO D 838 -18.65 -11.10 -26.68
N LYS D 839 -19.95 -10.95 -26.96
CA LYS D 839 -20.98 -11.89 -26.51
C LYS D 839 -20.72 -13.29 -27.10
N LYS D 840 -20.31 -14.24 -26.27
CA LYS D 840 -20.02 -15.63 -26.69
C LYS D 840 -20.88 -16.58 -25.86
N ILE D 841 -21.58 -17.52 -26.50
CA ILE D 841 -22.56 -18.33 -25.76
C ILE D 841 -21.87 -19.52 -25.11
N THR D 842 -21.17 -19.30 -23.99
CA THR D 842 -20.14 -20.25 -23.55
C THR D 842 -20.69 -21.66 -23.40
N HIS D 843 -21.92 -21.79 -22.91
CA HIS D 843 -22.58 -23.10 -22.73
C HIS D 843 -23.98 -23.07 -23.33
N PRO D 844 -24.18 -23.66 -24.50
CA PRO D 844 -25.50 -23.65 -25.09
C PRO D 844 -26.56 -24.24 -24.16
N ALA D 845 -27.80 -23.92 -24.47
CA ALA D 845 -28.94 -24.36 -23.69
C ALA D 845 -29.26 -25.81 -23.99
N LYS D 846 -29.76 -26.48 -22.97
CA LYS D 846 -30.09 -27.90 -22.96
C LYS D 846 -28.88 -28.79 -23.17
N GLU D 847 -27.66 -28.26 -23.12
CA GLU D 847 -26.46 -29.08 -23.17
C GLU D 847 -25.89 -29.15 -21.76
N ALA D 848 -25.78 -30.36 -21.23
CA ALA D 848 -25.30 -30.56 -19.87
C ALA D 848 -23.96 -29.87 -19.69
N ILE D 849 -23.70 -29.36 -18.48
CA ILE D 849 -22.41 -28.79 -18.14
C ILE D 849 -21.90 -29.48 -16.90
N ALA D 850 -20.66 -29.92 -16.93
CA ALA D 850 -20.12 -30.62 -15.77
C ALA D 850 -19.89 -29.62 -14.65
N ASN D 851 -20.06 -30.11 -13.41
CA ASN D 851 -19.94 -29.32 -12.19
C ASN D 851 -18.55 -29.50 -11.61
N LYS D 852 -17.92 -28.38 -11.24
CA LYS D 852 -16.51 -28.36 -10.88
C LYS D 852 -16.28 -29.06 -9.54
N ASN D 853 -17.34 -29.13 -8.75
CA ASN D 853 -17.31 -29.71 -7.42
C ASN D 853 -17.30 -31.23 -7.51
N LYS D 854 -16.14 -31.81 -7.22
CA LYS D 854 -16.04 -33.26 -7.28
C LYS D 854 -16.91 -33.97 -6.25
N ASP D 855 -17.42 -33.26 -5.25
CA ASP D 855 -18.23 -33.85 -4.18
C ASP D 855 -19.74 -33.70 -4.40
N ASN D 856 -20.16 -32.97 -5.44
CA ASN D 856 -21.58 -32.69 -5.67
C ASN D 856 -22.33 -34.00 -5.90
N PRO D 857 -23.64 -34.03 -5.60
CA PRO D 857 -24.46 -35.18 -6.06
C PRO D 857 -24.66 -35.24 -7.57
N LYS D 858 -24.93 -34.10 -8.22
CA LYS D 858 -25.11 -34.03 -9.67
C LYS D 858 -23.75 -33.82 -10.31
N LYS D 859 -23.27 -34.83 -11.04
CA LYS D 859 -21.96 -34.68 -11.66
C LYS D 859 -21.98 -33.61 -12.75
N GLU D 860 -23.14 -33.41 -13.40
CA GLU D 860 -23.35 -32.33 -14.36
C GLU D 860 -24.77 -31.78 -14.21
N SER D 861 -25.06 -30.69 -14.92
CA SER D 861 -26.37 -30.03 -14.86
C SER D 861 -26.69 -29.30 -16.16
N VAL D 862 -27.96 -29.36 -16.52
CA VAL D 862 -28.45 -28.95 -17.84
C VAL D 862 -29.41 -27.79 -17.63
N PHE D 863 -29.31 -26.79 -18.47
CA PHE D 863 -30.17 -25.62 -18.31
C PHE D 863 -31.08 -25.44 -19.50
N GLU D 864 -32.34 -25.14 -19.20
CA GLU D 864 -33.28 -24.83 -20.26
C GLU D 864 -32.85 -23.60 -21.08
N TYR D 865 -31.87 -22.80 -20.61
CA TYR D 865 -31.50 -21.52 -21.22
C TYR D 865 -29.99 -21.39 -21.40
N ASP D 866 -29.58 -20.41 -22.21
CA ASP D 866 -28.17 -20.20 -22.52
C ASP D 866 -27.43 -19.54 -21.35
N LEU D 867 -26.17 -19.96 -21.11
CA LEU D 867 -25.24 -19.29 -20.18
C LEU D 867 -24.06 -18.66 -20.91
N ILE D 868 -23.82 -17.38 -20.67
CA ILE D 868 -22.79 -16.63 -21.37
C ILE D 868 -21.79 -16.09 -20.37
N LYS D 869 -20.53 -16.56 -20.47
CA LYS D 869 -19.47 -16.09 -19.58
C LYS D 869 -19.35 -14.56 -19.61
N ASP D 870 -19.27 -13.98 -18.42
CA ASP D 870 -19.09 -12.54 -18.25
C ASP D 870 -20.14 -11.78 -19.06
N LYS D 871 -21.37 -12.27 -19.03
CA LYS D 871 -22.46 -11.66 -19.78
C LYS D 871 -22.66 -10.20 -19.42
N ARG D 872 -22.39 -9.82 -18.16
CA ARG D 872 -22.57 -8.42 -17.76
C ARG D 872 -21.71 -7.47 -18.61
N PHE D 873 -20.71 -7.99 -19.34
CA PHE D 873 -19.75 -7.23 -20.15
C PHE D 873 -19.91 -7.40 -21.66
N THR D 874 -20.92 -8.13 -22.12
CA THR D 874 -21.13 -8.30 -23.54
C THR D 874 -22.22 -7.40 -24.07
N GLU D 875 -22.66 -6.45 -23.25
CA GLU D 875 -23.55 -5.41 -23.73
C GLU D 875 -23.07 -4.10 -23.11
N ASP D 876 -23.58 -2.98 -23.61
CA ASP D 876 -23.39 -1.73 -22.89
C ASP D 876 -24.39 -1.71 -21.74
N LYS D 877 -24.10 -0.99 -20.66
CA LYS D 877 -25.03 -0.95 -19.52
C LYS D 877 -25.08 0.45 -18.92
N PHE D 878 -26.18 0.78 -18.23
CA PHE D 878 -26.19 2.02 -17.44
C PHE D 878 -26.09 1.67 -15.97
N PHE D 879 -25.42 2.53 -15.21
CA PHE D 879 -25.26 2.29 -13.78
C PHE D 879 -25.61 3.52 -12.94
N PHE D 880 -26.05 3.21 -11.73
CA PHE D 880 -26.51 4.19 -10.76
C PHE D 880 -25.72 3.98 -9.48
N HIS D 881 -24.90 4.96 -9.10
CA HIS D 881 -24.23 4.98 -7.81
C HIS D 881 -25.00 5.90 -6.89
N CYS D 882 -25.33 5.41 -5.71
CA CYS D 882 -26.19 6.15 -4.79
C CYS D 882 -25.62 6.19 -3.38
N PRO D 883 -25.38 7.38 -2.85
CA PRO D 883 -24.87 7.52 -1.49
C PRO D 883 -26.01 7.46 -0.49
N ILE D 884 -25.82 6.66 0.57
CA ILE D 884 -26.73 6.66 1.71
C ILE D 884 -25.92 6.94 2.98
N THR D 885 -26.64 7.19 4.05
CA THR D 885 -26.08 7.45 5.37
C THR D 885 -26.74 6.51 6.37
N ILE D 886 -25.92 5.78 7.12
CA ILE D 886 -26.42 4.72 7.97
C ILE D 886 -26.47 5.18 9.41
N ASN D 887 -27.36 4.55 10.19
CA ASN D 887 -27.67 4.92 11.56
C ASN D 887 -27.86 6.44 11.66
N PHE D 888 -28.59 6.97 10.67
CA PHE D 888 -28.59 8.40 10.41
C PHE D 888 -28.67 9.21 11.69
N LYS D 889 -29.58 8.84 12.59
CA LYS D 889 -29.99 9.72 13.69
C LYS D 889 -28.95 9.73 14.81
N SER D 890 -28.39 8.57 15.16
CA SER D 890 -27.54 8.42 16.32
C SER D 890 -26.10 8.71 15.92
N SER D 891 -25.75 10.01 15.94
CA SER D 891 -24.54 10.53 15.29
C SER D 891 -23.33 10.41 16.21
N GLY D 892 -22.34 9.66 15.76
CA GLY D 892 -21.00 9.75 16.32
C GLY D 892 -20.78 8.96 17.61
N ALA D 893 -19.51 8.68 17.85
CA ALA D 893 -19.11 7.98 19.06
C ALA D 893 -17.69 8.37 19.38
N ASN D 894 -17.52 9.06 20.50
CA ASN D 894 -16.23 9.22 21.12
C ASN D 894 -16.12 8.24 22.28
N LYS D 895 -14.87 7.97 22.70
CA LYS D 895 -14.56 6.99 23.75
C LYS D 895 -15.33 5.68 23.49
N PHE D 896 -15.45 5.33 22.20
CA PHE D 896 -16.07 4.06 21.84
C PHE D 896 -15.36 2.92 22.54
N ASN D 897 -14.03 2.82 22.38
CA ASN D 897 -13.31 1.76 23.09
C ASN D 897 -13.69 1.74 24.57
N ASP D 898 -13.82 2.92 25.18
CA ASP D 898 -14.16 2.99 26.61
C ASP D 898 -15.50 2.32 26.92
N GLU D 899 -16.43 2.30 25.95
CA GLU D 899 -17.74 1.67 26.13
C GLU D 899 -17.65 0.16 25.92
N ILE D 900 -16.84 -0.22 24.93
CA ILE D 900 -16.48 -1.61 24.74
C ILE D 900 -15.79 -2.13 26.00
N ASN D 901 -14.74 -1.43 26.44
CA ASN D 901 -14.02 -1.87 27.63
C ASN D 901 -14.93 -1.93 28.84
N LEU D 902 -15.93 -1.05 28.92
CA LEU D 902 -16.85 -1.08 30.04
C LEU D 902 -17.68 -2.34 30.02
N LEU D 903 -18.30 -2.64 28.88
CA LEU D 903 -19.07 -3.88 28.75
C LEU D 903 -18.19 -5.10 29.02
N LEU D 904 -16.92 -5.03 28.67
CA LEU D 904 -16.05 -6.18 28.79
C LEU D 904 -15.69 -6.44 30.25
N LYS D 905 -15.27 -5.41 30.96
CA LYS D 905 -15.04 -5.53 32.41
C LYS D 905 -16.21 -6.23 33.09
N GLU D 906 -17.40 -5.63 33.03
CA GLU D 906 -18.54 -6.22 33.72
C GLU D 906 -18.80 -7.65 33.26
N LYS D 907 -18.57 -7.93 31.97
CA LYS D 907 -18.97 -9.22 31.43
C LYS D 907 -17.79 -10.17 31.20
N ALA D 908 -16.61 -9.87 31.77
CA ALA D 908 -15.35 -10.49 31.39
C ALA D 908 -15.28 -12.00 31.64
N ASN D 909 -16.09 -12.53 32.57
CA ASN D 909 -16.17 -13.98 32.66
C ASN D 909 -16.74 -14.56 31.38
N ASP D 910 -17.61 -13.83 30.70
CA ASP D 910 -18.29 -14.44 29.58
C ASP D 910 -17.48 -14.38 28.29
N VAL D 911 -16.45 -13.52 28.22
CA VAL D 911 -15.81 -13.25 26.94
C VAL D 911 -14.79 -14.33 26.62
N HIS D 912 -14.61 -14.53 25.32
CA HIS D 912 -13.69 -15.48 24.76
C HIS D 912 -12.71 -14.67 23.91
N ILE D 913 -11.54 -15.21 23.67
CA ILE D 913 -10.52 -14.57 22.86
C ILE D 913 -10.40 -15.38 21.57
N LEU D 914 -10.77 -14.76 20.47
CA LEU D 914 -10.37 -15.22 19.17
C LEU D 914 -9.05 -14.53 18.84
N SER D 915 -8.00 -15.29 18.62
CA SER D 915 -6.77 -14.70 18.14
C SER D 915 -6.42 -15.32 16.79
N ILE D 916 -5.73 -14.54 15.97
CA ILE D 916 -5.46 -14.87 14.58
C ILE D 916 -4.03 -14.49 14.27
N ASP D 917 -3.26 -15.45 13.81
CA ASP D 917 -1.85 -15.28 13.50
C ASP D 917 -1.62 -15.64 12.04
N ARG D 918 -0.50 -15.23 11.51
CA ARG D 918 -0.09 -15.70 10.21
C ARG D 918 1.04 -16.69 10.42
N GLY D 919 1.16 -17.62 9.48
CA GLY D 919 2.30 -18.50 9.42
C GLY D 919 2.95 -18.40 8.05
N GLU D 920 3.95 -19.27 7.85
CA GLU D 920 4.46 -19.52 6.51
C GLU D 920 3.51 -20.43 5.73
N ARG D 921 3.01 -21.50 6.37
CA ARG D 921 2.07 -22.39 5.70
C ARG D 921 0.67 -21.77 5.59
N HIS D 922 0.30 -20.90 6.53
CA HIS D 922 -1.06 -20.40 6.68
C HIS D 922 -1.13 -18.92 6.37
N LEU D 923 -1.98 -18.55 5.41
CA LEU D 923 -2.30 -17.14 5.21
C LEU D 923 -2.85 -16.52 6.49
N ALA D 924 -3.71 -17.25 7.22
CA ALA D 924 -4.11 -16.89 8.58
C ALA D 924 -4.58 -18.14 9.34
N TYR D 925 -4.40 -18.11 10.67
CA TYR D 925 -4.77 -19.19 11.58
C TYR D 925 -5.44 -18.62 12.82
N TYR D 926 -6.29 -19.43 13.47
CA TYR D 926 -7.10 -18.96 14.59
C TYR D 926 -7.22 -19.97 15.72
N THR D 927 -7.04 -19.48 16.95
CA THR D 927 -7.34 -20.24 18.15
C THR D 927 -8.36 -19.46 18.97
N LEU D 928 -9.50 -20.09 19.24
CA LEU D 928 -10.47 -19.61 20.22
C LEU D 928 -10.13 -20.13 21.61
N VAL D 929 -9.82 -19.20 22.53
CA VAL D 929 -9.51 -19.59 23.91
C VAL D 929 -10.44 -18.85 24.88
N ASP D 930 -10.67 -19.48 26.05
CA ASP D 930 -11.57 -19.02 27.10
C ASP D 930 -10.78 -18.34 28.23
N GLY D 931 -11.50 -17.90 29.27
CA GLY D 931 -10.86 -17.12 30.33
C GLY D 931 -9.81 -17.89 31.09
N LYS D 932 -9.79 -19.22 30.94
CA LYS D 932 -8.81 -20.03 31.64
C LYS D 932 -7.52 -20.14 30.83
N GLY D 933 -7.64 -20.32 29.52
CA GLY D 933 -6.50 -20.59 28.66
C GLY D 933 -6.66 -21.85 27.85
N ASN D 934 -7.76 -22.58 28.01
CA ASN D 934 -8.10 -23.73 27.19
C ASN D 934 -8.52 -23.27 25.78
N ILE D 935 -8.17 -24.08 24.78
CA ILE D 935 -8.51 -23.79 23.40
C ILE D 935 -9.85 -24.43 23.06
N ILE D 936 -10.84 -23.60 22.74
CA ILE D 936 -12.18 -24.07 22.37
C ILE D 936 -12.21 -24.57 20.93
N LYS D 937 -11.66 -23.78 20.00
CA LYS D 937 -11.57 -24.17 18.60
C LYS D 937 -10.16 -23.79 18.14
N GLN D 938 -9.62 -24.52 17.17
CA GLN D 938 -8.43 -24.09 16.44
C GLN D 938 -8.48 -24.71 15.06
N ASP D 939 -8.23 -23.92 14.03
CA ASP D 939 -8.38 -24.40 12.66
C ASP D 939 -7.70 -23.41 11.73
N THR D 940 -7.44 -23.82 10.50
CA THR D 940 -6.77 -22.90 9.60
C THR D 940 -7.78 -22.17 8.74
N PHE D 941 -7.30 -21.14 8.06
CA PHE D 941 -8.11 -20.45 7.07
C PHE D 941 -7.62 -20.67 5.64
N ASN D 942 -6.56 -21.45 5.44
CA ASN D 942 -6.22 -21.85 4.08
C ASN D 942 -7.38 -22.56 3.40
N ILE D 943 -8.29 -23.18 4.15
CA ILE D 943 -9.47 -23.80 3.53
C ILE D 943 -10.67 -23.38 4.34
N ILE D 944 -11.62 -22.76 3.71
CA ILE D 944 -12.71 -22.16 4.48
C ILE D 944 -13.76 -23.22 4.74
N GLY D 945 -14.58 -22.95 5.75
CA GLY D 945 -15.89 -23.51 6.01
C GLY D 945 -15.94 -25.04 6.07
N ASN D 946 -17.12 -25.63 5.84
CA ASN D 946 -18.43 -25.05 5.42
C ASN D 946 -18.42 -24.53 3.94
N ASP D 947 -17.22 -24.57 3.32
CA ASP D 947 -16.98 -24.20 1.92
C ASP D 947 -17.19 -25.45 1.07
N ARG D 948 -18.39 -25.59 0.48
CA ARG D 948 -18.75 -26.82 -0.20
C ARG D 948 -17.74 -27.20 -1.27
N MET D 949 -16.94 -26.23 -1.71
CA MET D 949 -15.93 -26.47 -2.73
C MET D 949 -14.59 -26.18 -2.07
N LYS D 950 -14.01 -27.18 -1.42
CA LYS D 950 -12.79 -26.95 -0.66
C LYS D 950 -11.80 -26.28 -1.60
N THR D 951 -11.27 -25.13 -1.21
CA THR D 951 -10.22 -24.53 -2.00
C THR D 951 -9.16 -24.12 -1.00
N ASN D 952 -7.99 -24.74 -1.09
CA ASN D 952 -6.88 -24.26 -0.28
C ASN D 952 -6.43 -22.94 -0.89
N TYR D 953 -7.00 -21.82 -0.43
CA TYR D 953 -6.63 -20.51 -0.95
C TYR D 953 -5.15 -20.20 -0.79
N HIS D 954 -4.48 -20.71 0.25
CA HIS D 954 -3.02 -20.56 0.35
C HIS D 954 -2.31 -20.99 -0.91
N ASP D 955 -2.80 -22.03 -1.57
CA ASP D 955 -2.20 -22.42 -2.84
C ASP D 955 -2.71 -21.59 -4.00
N LYS D 956 -4.03 -21.33 -4.04
CA LYS D 956 -4.61 -20.46 -5.06
C LYS D 956 -3.84 -19.14 -5.17
N LEU D 957 -3.66 -18.43 -4.05
CA LEU D 957 -2.88 -17.20 -4.11
C LEU D 957 -1.42 -17.46 -4.37
N ALA D 958 -0.87 -18.54 -3.83
CA ALA D 958 0.55 -18.81 -4.05
C ALA D 958 0.88 -18.83 -5.53
N ALA D 959 0.06 -19.55 -6.30
CA ALA D 959 0.29 -19.73 -7.74
C ALA D 959 -0.16 -18.51 -8.53
N ILE D 960 -1.12 -17.75 -8.01
CA ILE D 960 -1.48 -16.50 -8.66
C ILE D 960 -0.37 -15.48 -8.49
N GLU D 961 0.45 -15.63 -7.42
CA GLU D 961 1.57 -14.72 -7.17
C GLU D 961 2.79 -15.10 -8.00
N LYS D 962 3.13 -16.40 -8.02
CA LYS D 962 4.16 -16.91 -8.94
C LYS D 962 3.85 -16.51 -10.37
N ASP D 963 2.61 -16.73 -10.81
CA ASP D 963 2.28 -16.38 -12.19
C ASP D 963 2.62 -14.92 -12.48
N ARG D 964 2.47 -14.04 -11.50
CA ARG D 964 2.74 -12.62 -11.73
C ARG D 964 4.23 -12.35 -11.87
N ASP D 965 5.06 -12.89 -10.96
CA ASP D 965 6.50 -12.75 -11.09
C ASP D 965 6.98 -13.36 -12.39
N SER D 966 6.43 -14.52 -12.75
CA SER D 966 6.66 -15.09 -14.07
C SER D 966 6.21 -14.13 -15.17
N ALA D 967 5.03 -13.52 -15.00
CA ALA D 967 4.47 -12.67 -16.06
C ALA D 967 5.23 -11.36 -16.18
N ARG D 968 5.73 -10.79 -15.07
CA ARG D 968 6.54 -9.58 -15.18
C ARG D 968 7.79 -9.83 -16.02
N LYS D 969 8.40 -11.01 -15.87
CA LYS D 969 9.69 -11.25 -16.50
C LYS D 969 9.55 -11.43 -18.02
N ASP D 970 8.52 -12.13 -18.49
CA ASP D 970 8.36 -12.30 -19.93
C ASP D 970 7.62 -11.15 -20.60
N TRP D 971 7.48 -10.02 -19.92
CA TRP D 971 6.81 -8.84 -20.43
C TRP D 971 5.34 -9.08 -20.79
N LYS D 972 4.71 -10.10 -20.20
CA LYS D 972 3.28 -10.33 -20.34
C LYS D 972 2.49 -9.45 -19.37
N LYS D 973 1.17 -9.50 -19.52
CA LYS D 973 0.30 -8.62 -18.73
C LYS D 973 0.31 -9.04 -17.25
N ILE D 974 0.38 -8.05 -16.37
CA ILE D 974 0.37 -8.28 -14.93
C ILE D 974 -1.06 -8.21 -14.40
N ASN D 975 -1.60 -9.37 -14.01
CA ASN D 975 -2.97 -9.47 -13.51
C ASN D 975 -3.07 -9.12 -12.03
N ASN D 976 -4.26 -8.68 -11.66
CA ASN D 976 -4.52 -8.19 -10.33
C ASN D 976 -4.70 -9.35 -9.38
N ILE D 977 -4.14 -9.19 -8.19
CA ILE D 977 -4.27 -10.18 -7.15
C ILE D 977 -5.26 -9.73 -6.10
N LYS D 978 -5.54 -8.44 -6.04
CA LYS D 978 -6.23 -7.91 -4.88
C LYS D 978 -7.66 -8.42 -4.81
N GLU D 979 -8.32 -8.56 -5.96
CA GLU D 979 -9.70 -9.03 -5.97
C GLU D 979 -9.78 -10.50 -5.57
N MET D 980 -8.85 -11.32 -6.06
CA MET D 980 -8.70 -12.69 -5.56
C MET D 980 -8.56 -12.69 -4.04
N LYS D 981 -7.64 -11.88 -3.51
CA LYS D 981 -7.43 -11.80 -2.07
C LYS D 981 -8.65 -11.27 -1.35
N GLU D 982 -9.29 -10.22 -1.89
CA GLU D 982 -10.43 -9.59 -1.20
C GLU D 982 -11.65 -10.49 -1.19
N GLY D 983 -12.05 -10.97 -2.37
CA GLY D 983 -13.09 -11.97 -2.50
C GLY D 983 -12.78 -13.27 -1.78
N TYR D 984 -11.59 -13.37 -1.20
CA TYR D 984 -11.25 -14.50 -0.35
C TYR D 984 -11.42 -14.15 1.12
N LEU D 985 -10.87 -13.03 1.56
CA LEU D 985 -11.04 -12.65 2.97
C LEU D 985 -12.51 -12.35 3.28
N SER D 986 -13.28 -11.85 2.28
CA SER D 986 -14.72 -11.70 2.41
C SER D 986 -15.36 -12.94 2.99
N GLN D 987 -14.78 -14.09 2.65
CA GLN D 987 -15.24 -15.36 3.20
C GLN D 987 -14.84 -15.51 4.66
N VAL D 988 -13.61 -15.13 5.04
CA VAL D 988 -13.22 -15.40 6.43
C VAL D 988 -13.75 -14.34 7.37
N VAL D 989 -13.92 -13.09 6.91
CA VAL D 989 -14.55 -12.14 7.81
C VAL D 989 -16.00 -12.51 8.06
N HIS D 990 -16.62 -13.32 7.16
CA HIS D 990 -17.94 -13.88 7.43
C HIS D 990 -17.86 -14.97 8.48
N GLU D 991 -16.79 -15.78 8.45
CA GLU D 991 -16.64 -16.76 9.51
C GLU D 991 -16.18 -16.11 10.82
N ILE D 992 -15.61 -14.90 10.74
CA ILE D 992 -15.18 -14.23 11.97
C ILE D 992 -16.31 -13.45 12.63
N ALA D 993 -17.21 -12.85 11.87
CA ALA D 993 -18.42 -12.32 12.49
C ALA D 993 -19.21 -13.42 13.22
N LYS D 994 -19.57 -14.50 12.50
CA LYS D 994 -20.29 -15.60 13.16
C LYS D 994 -19.58 -16.06 14.42
N LEU D 995 -18.25 -16.19 14.39
CA LEU D 995 -17.55 -16.65 15.59
C LEU D 995 -17.70 -15.66 16.75
N VAL D 996 -17.49 -14.37 16.48
CA VAL D 996 -17.51 -13.35 17.54
C VAL D 996 -18.88 -13.24 18.18
N ILE D 997 -19.96 -13.14 17.37
CA ILE D 997 -21.29 -13.02 17.99
C ILE D 997 -21.65 -14.27 18.78
N GLU D 998 -21.37 -15.44 18.22
CA GLU D 998 -21.72 -16.66 18.93
C GLU D 998 -20.95 -16.75 20.22
N TYR D 999 -19.62 -16.66 20.15
CA TYR D 999 -18.82 -16.89 21.35
C TYR D 999 -18.55 -15.65 22.17
N ASN D 1000 -19.16 -14.52 21.85
CA ASN D 1000 -19.03 -13.34 22.68
C ASN D 1000 -17.55 -13.01 22.85
N ALA D 1001 -16.86 -12.94 21.71
CA ALA D 1001 -15.41 -12.83 21.62
C ALA D 1001 -14.96 -11.41 21.29
N ILE D 1002 -13.68 -11.20 21.54
CA ILE D 1002 -12.92 -10.07 21.05
C ILE D 1002 -11.80 -10.64 20.19
N VAL D 1003 -11.41 -9.92 19.15
CA VAL D 1003 -10.44 -10.44 18.20
C VAL D 1003 -9.10 -9.77 18.44
N VAL D 1004 -8.06 -10.59 18.57
CA VAL D 1004 -6.74 -10.14 18.93
C VAL D 1004 -5.78 -10.48 17.82
N PHE D 1005 -5.07 -9.48 17.30
CA PHE D 1005 -4.12 -9.67 16.22
C PHE D 1005 -2.69 -9.38 16.65
N ALA D 1006 -1.76 -9.73 15.77
CA ALA D 1006 -0.35 -9.47 15.96
C ALA D 1006 0.01 -8.10 15.41
N ASP D 1007 0.83 -7.36 16.14
CA ASP D 1007 1.26 -6.04 15.71
C ASP D 1007 2.26 -6.17 14.55
N LEU D 1008 2.34 -5.11 13.74
CA LEU D 1008 3.28 -5.05 12.61
C LEU D 1008 3.45 -3.59 12.10
N PHE D 1012 12.07 -13.56 18.38
CA PHE D 1012 10.69 -13.32 18.74
C PHE D 1012 9.71 -13.31 17.54
N LYS D 1013 9.77 -12.31 16.66
CA LYS D 1013 8.99 -12.38 15.43
C LYS D 1013 9.47 -11.38 14.37
N ARG D 1014 10.28 -10.41 14.77
CA ARG D 1014 10.73 -9.33 13.89
C ARG D 1014 11.56 -9.81 12.69
N LYS D 1018 6.58 -9.52 2.65
CA LYS D 1018 5.74 -8.32 2.63
C LYS D 1018 4.41 -8.62 1.89
N VAL D 1019 4.31 -9.80 1.28
CA VAL D 1019 3.12 -10.18 0.51
C VAL D 1019 2.25 -11.19 1.27
N GLU D 1020 2.87 -12.04 2.09
CA GLU D 1020 2.13 -12.90 3.03
C GLU D 1020 1.59 -12.11 4.22
N LYS D 1021 2.22 -10.97 4.53
CA LYS D 1021 1.80 -10.13 5.65
C LYS D 1021 0.78 -9.09 5.22
N GLN D 1022 0.66 -8.79 3.91
CA GLN D 1022 -0.39 -7.89 3.48
C GLN D 1022 -1.70 -8.63 3.17
N VAL D 1023 -1.67 -9.95 3.05
CA VAL D 1023 -2.93 -10.68 3.12
C VAL D 1023 -3.41 -10.76 4.55
N TYR D 1024 -2.47 -10.71 5.51
CA TYR D 1024 -2.82 -10.64 6.94
C TYR D 1024 -3.32 -9.26 7.33
N GLN D 1025 -2.67 -8.20 6.81
CA GLN D 1025 -3.18 -6.86 7.05
C GLN D 1025 -4.51 -6.63 6.35
N LYS D 1026 -4.64 -7.11 5.10
CA LYS D 1026 -5.86 -6.92 4.32
C LYS D 1026 -7.06 -7.52 5.04
N LEU D 1027 -6.84 -8.65 5.73
CA LEU D 1027 -7.89 -9.24 6.55
C LEU D 1027 -8.31 -8.30 7.67
N GLU D 1028 -7.34 -7.79 8.43
CA GLU D 1028 -7.69 -6.88 9.51
C GLU D 1028 -8.55 -5.72 9.02
N LYS D 1029 -8.22 -5.15 7.85
CA LYS D 1029 -8.96 -3.97 7.39
C LYS D 1029 -10.38 -4.34 6.97
N MET D 1030 -10.56 -5.44 6.24
CA MET D 1030 -11.92 -5.77 5.87
C MET D 1030 -12.76 -6.24 7.06
N LEU D 1031 -12.14 -6.53 8.20
CA LEU D 1031 -12.81 -6.91 9.43
C LEU D 1031 -13.16 -5.70 10.30
N ILE D 1032 -12.24 -4.74 10.44
CA ILE D 1032 -12.60 -3.46 11.04
C ILE D 1032 -13.78 -2.83 10.30
N GLU D 1033 -13.74 -2.82 8.96
CA GLU D 1033 -14.84 -2.20 8.20
C GLU D 1033 -16.11 -3.01 8.30
N LYS D 1034 -16.01 -4.34 8.49
CA LYS D 1034 -17.23 -5.13 8.60
C LYS D 1034 -17.75 -5.16 10.02
N LEU D 1035 -16.91 -4.90 10.98
CA LEU D 1035 -17.48 -4.74 12.30
C LEU D 1035 -18.05 -3.35 12.52
N ASN D 1036 -17.85 -2.42 11.58
CA ASN D 1036 -18.49 -1.12 11.69
C ASN D 1036 -20.01 -1.25 11.60
N TYR D 1037 -20.50 -2.08 10.66
CA TYR D 1037 -21.93 -2.23 10.42
C TYR D 1037 -22.23 -3.69 10.04
N LEU D 1038 -22.53 -4.48 11.07
CA LEU D 1038 -22.73 -5.93 10.99
C LEU D 1038 -24.24 -6.19 11.05
N VAL D 1039 -24.74 -6.84 9.99
CA VAL D 1039 -26.12 -7.27 9.86
C VAL D 1039 -26.11 -8.75 9.52
N PHE D 1040 -26.82 -9.53 10.32
CA PHE D 1040 -26.97 -10.93 10.04
C PHE D 1040 -28.14 -11.10 9.08
N LYS D 1041 -27.90 -11.62 7.86
CA LYS D 1041 -28.98 -11.70 6.87
C LYS D 1041 -30.19 -12.46 7.40
N ASP D 1042 -30.08 -13.06 8.58
CA ASP D 1042 -31.06 -14.01 9.10
C ASP D 1042 -31.91 -13.43 10.23
N ASN D 1043 -31.38 -12.44 10.97
CA ASN D 1043 -32.06 -11.86 12.11
C ASN D 1043 -33.23 -11.00 11.66
N GLU D 1044 -34.27 -10.90 12.50
CA GLU D 1044 -35.48 -10.20 12.11
C GLU D 1044 -35.18 -8.73 11.97
N PHE D 1045 -35.78 -8.11 10.97
CA PHE D 1045 -35.54 -6.70 10.67
C PHE D 1045 -35.73 -5.80 11.89
N ASP D 1046 -36.52 -6.23 12.89
CA ASP D 1046 -36.95 -5.33 13.96
C ASP D 1046 -36.03 -5.35 15.17
N LYS D 1047 -35.16 -6.36 15.29
CA LYS D 1047 -34.47 -6.69 16.52
C LYS D 1047 -32.95 -6.63 16.30
N THR D 1048 -32.21 -6.86 17.38
CA THR D 1048 -30.79 -6.59 17.34
C THR D 1048 -30.09 -7.64 16.49
N GLY D 1049 -29.09 -7.19 15.72
CA GLY D 1049 -28.47 -7.98 14.70
C GLY D 1049 -29.01 -7.74 13.30
N GLY D 1050 -30.20 -7.15 13.19
CA GLY D 1050 -30.87 -7.05 11.93
C GLY D 1050 -30.67 -5.70 11.26
N VAL D 1051 -31.51 -5.45 10.25
CA VAL D 1051 -31.34 -4.31 9.36
C VAL D 1051 -31.38 -3.01 10.18
N LEU D 1052 -32.31 -2.91 11.10
CA LEU D 1052 -32.53 -1.67 11.82
C LEU D 1052 -31.65 -1.57 13.06
N ARG D 1053 -31.29 -2.73 13.65
CA ARG D 1053 -30.51 -2.79 14.89
C ARG D 1053 -29.18 -3.50 14.61
N ALA D 1054 -28.33 -2.92 13.77
CA ALA D 1054 -27.11 -3.60 13.33
C ALA D 1054 -25.98 -3.49 14.33
N TYR D 1055 -25.30 -4.62 14.58
CA TYR D 1055 -24.17 -4.64 15.50
C TYR D 1055 -23.09 -3.69 15.04
N GLN D 1056 -22.64 -2.81 15.93
CA GLN D 1056 -21.37 -2.09 15.75
C GLN D 1056 -20.41 -2.50 16.86
N LEU D 1057 -19.26 -3.04 16.48
CA LEU D 1057 -18.30 -3.52 17.44
C LEU D 1057 -16.91 -3.01 17.15
N THR D 1058 -16.77 -2.07 16.24
CA THR D 1058 -15.48 -1.40 16.03
C THR D 1058 -15.70 0.09 15.88
N ALA D 1059 -14.79 0.87 16.45
CA ALA D 1059 -14.83 2.30 16.26
C ALA D 1059 -14.37 2.61 14.84
N PRO D 1060 -14.88 3.72 14.28
CA PRO D 1060 -14.70 3.97 12.84
C PRO D 1060 -13.25 4.24 12.47
N PHE D 1061 -12.83 3.69 11.34
CA PHE D 1061 -11.47 3.81 10.84
C PHE D 1061 -11.20 5.22 10.33
N GLU D 1062 -10.07 5.80 10.76
CA GLU D 1062 -9.64 7.16 10.44
C GLU D 1062 -8.21 7.12 9.93
N THR D 1063 -7.27 6.84 10.81
CA THR D 1063 -5.88 6.65 10.46
C THR D 1063 -5.44 5.38 11.18
N PHE D 1064 -4.50 4.64 10.59
CA PHE D 1064 -3.81 3.62 11.36
C PHE D 1064 -3.04 4.26 12.52
N LYS D 1065 -2.54 5.49 12.32
CA LYS D 1065 -1.80 6.18 13.37
C LYS D 1065 -2.74 6.58 14.52
N LYS D 1066 -3.85 7.25 14.20
CA LYS D 1066 -4.84 7.57 15.22
C LYS D 1066 -5.44 6.33 15.88
N MET D 1067 -5.53 5.20 15.16
CA MET D 1067 -6.22 4.00 15.65
C MET D 1067 -5.46 3.29 16.77
N GLY D 1068 -4.14 3.23 16.67
CA GLY D 1068 -3.36 2.68 17.75
C GLY D 1068 -3.62 1.19 17.95
N LYS D 1069 -3.70 0.82 19.23
CA LYS D 1069 -3.68 -0.60 19.55
C LYS D 1069 -5.05 -1.23 19.68
N GLN D 1070 -6.11 -0.44 19.81
CA GLN D 1070 -7.46 -0.98 19.94
C GLN D 1070 -8.41 -0.19 19.05
N THR D 1071 -9.42 -0.90 18.51
CA THR D 1071 -10.45 -0.25 17.69
C THR D 1071 -11.86 -0.75 17.98
N GLY D 1072 -12.11 -1.32 19.15
CA GLY D 1072 -13.41 -1.87 19.42
C GLY D 1072 -13.27 -3.21 20.08
N ILE D 1073 -13.86 -4.26 19.52
CA ILE D 1073 -13.51 -5.57 20.03
C ILE D 1073 -12.20 -6.07 19.45
N ILE D 1074 -11.59 -5.31 18.52
CA ILE D 1074 -10.29 -5.70 17.99
C ILE D 1074 -9.21 -5.14 18.90
N TYR D 1075 -8.17 -5.95 19.17
CA TYR D 1075 -6.95 -5.54 19.89
C TYR D 1075 -5.71 -6.05 19.16
N TYR D 1076 -4.59 -5.32 19.33
CA TYR D 1076 -3.27 -5.75 18.88
C TYR D 1076 -2.35 -5.90 20.08
N VAL D 1077 -1.56 -6.97 20.10
CA VAL D 1077 -0.58 -7.14 21.15
C VAL D 1077 0.79 -7.24 20.47
N PRO D 1078 1.85 -6.76 21.11
CA PRO D 1078 3.21 -7.12 20.67
C PRO D 1078 3.33 -8.63 20.45
N ALA D 1079 3.95 -9.02 19.33
CA ALA D 1079 3.92 -10.39 18.80
C ALA D 1079 5.16 -11.20 19.15
N GLY D 1080 6.05 -10.66 19.98
CA GLY D 1080 7.27 -11.35 20.30
C GLY D 1080 7.00 -12.60 21.10
N PHE D 1081 7.82 -13.61 20.83
CA PHE D 1081 7.85 -14.86 21.59
C PHE D 1081 6.47 -15.53 21.62
N THR D 1082 5.81 -15.56 20.46
CA THR D 1082 4.58 -16.33 20.33
C THR D 1082 4.78 -17.57 19.50
N SER D 1083 5.83 -17.61 18.66
CA SER D 1083 6.15 -18.75 17.81
C SER D 1083 6.94 -19.76 18.60
N LYS D 1084 8.06 -19.30 19.15
CA LYS D 1084 9.00 -20.13 19.88
C LYS D 1084 8.74 -19.95 21.38
N ILE D 1085 7.92 -20.84 21.92
CA ILE D 1085 7.66 -20.91 23.34
C ILE D 1085 6.91 -22.20 23.61
N CYS D 1086 7.04 -22.68 24.82
CA CYS D 1086 6.36 -23.88 25.25
C CYS D 1086 4.95 -23.48 25.68
N PRO D 1087 3.91 -24.16 25.19
CA PRO D 1087 2.54 -23.79 25.62
C PRO D 1087 2.25 -24.16 27.05
N VAL D 1088 2.96 -25.14 27.60
CA VAL D 1088 2.60 -25.75 28.89
C VAL D 1088 3.50 -25.24 30.01
N THR D 1089 4.76 -24.99 29.73
CA THR D 1089 5.67 -24.48 30.74
C THR D 1089 5.93 -22.99 30.63
N GLY D 1090 5.83 -22.43 29.43
CA GLY D 1090 6.15 -21.04 29.21
C GLY D 1090 7.61 -20.79 28.94
N PHE D 1091 8.38 -21.84 28.72
CA PHE D 1091 9.79 -21.71 28.44
C PHE D 1091 10.07 -21.05 27.10
N VAL D 1092 11.10 -20.22 27.06
CA VAL D 1092 11.52 -19.55 25.83
C VAL D 1092 13.04 -19.58 25.77
N ASN D 1093 13.59 -19.71 24.55
CA ASN D 1093 15.04 -19.80 24.35
C ASN D 1093 15.60 -18.40 24.17
N GLN D 1094 16.16 -17.84 25.26
CA GLN D 1094 16.86 -16.56 25.24
C GLN D 1094 18.36 -16.70 25.49
N LEU D 1095 18.87 -17.93 25.58
CA LEU D 1095 20.32 -18.13 25.65
C LEU D 1095 21.02 -17.62 24.40
N TYR D 1096 20.36 -17.74 23.24
CA TYR D 1096 20.94 -17.43 21.94
C TYR D 1096 22.37 -17.98 21.83
N PRO D 1097 22.56 -19.30 21.87
CA PRO D 1097 23.93 -19.86 21.99
C PRO D 1097 24.68 -19.85 20.66
N LYS D 1098 25.75 -19.09 20.60
CA LYS D 1098 26.60 -19.10 19.42
C LYS D 1098 28.02 -19.36 19.86
N TYR D 1099 28.81 -19.86 18.94
CA TYR D 1099 30.21 -20.15 19.19
C TYR D 1099 31.04 -19.14 18.41
N GLU D 1100 32.04 -18.56 19.07
CA GLU D 1100 33.05 -17.74 18.40
C GLU D 1100 34.47 -18.14 18.75
N SER D 1101 34.75 -18.48 20.01
CA SER D 1101 36.06 -18.97 20.41
C SER D 1101 35.91 -20.08 21.45
N VAL D 1102 36.98 -20.87 21.60
CA VAL D 1102 36.97 -21.93 22.62
C VAL D 1102 36.77 -21.33 24.01
N SER D 1103 37.36 -20.16 24.27
CA SER D 1103 37.29 -19.59 25.60
C SER D 1103 35.87 -19.20 26.00
N LYS D 1104 35.14 -18.54 25.10
CA LYS D 1104 33.75 -18.18 25.41
C LYS D 1104 32.88 -19.41 25.55
N SER D 1105 33.14 -20.47 24.78
CA SER D 1105 32.44 -21.72 24.99
C SER D 1105 32.77 -22.34 26.34
N GLN D 1106 34.05 -22.66 26.57
CA GLN D 1106 34.48 -23.12 27.90
C GLN D 1106 34.09 -22.18 29.05
N GLU D 1107 33.64 -20.96 28.75
CA GLU D 1107 33.19 -19.98 29.73
C GLU D 1107 31.68 -19.88 29.84
N PHE D 1108 30.98 -20.03 28.71
CA PHE D 1108 29.52 -20.14 28.70
C PHE D 1108 29.07 -21.41 29.43
N PHE D 1109 29.56 -22.57 29.01
CA PHE D 1109 29.05 -23.84 29.54
C PHE D 1109 29.30 -23.97 31.04
N SER D 1110 30.45 -23.51 31.51
CA SER D 1110 30.71 -23.50 32.95
C SER D 1110 29.65 -22.73 33.71
N LYS D 1111 29.10 -21.67 33.10
CA LYS D 1111 28.08 -20.83 33.72
C LYS D 1111 26.80 -21.60 34.02
N PHE D 1112 26.66 -22.83 33.50
CA PHE D 1112 25.49 -23.68 33.75
C PHE D 1112 25.39 -23.94 35.25
N ASP D 1113 24.38 -24.66 35.72
CA ASP D 1113 24.36 -25.13 37.12
C ASP D 1113 24.72 -26.61 37.26
N LYS D 1114 24.06 -27.48 36.50
CA LYS D 1114 24.33 -28.91 36.45
C LYS D 1114 24.08 -29.41 35.03
N ILE D 1115 24.98 -30.26 34.53
CA ILE D 1115 24.79 -30.98 33.28
C ILE D 1115 25.01 -32.45 33.61
N CYS D 1116 23.94 -33.23 33.67
CA CYS D 1116 23.89 -34.62 34.03
C CYS D 1116 23.30 -35.46 32.92
N TYR D 1117 23.36 -36.79 33.10
CA TYR D 1117 22.64 -37.72 32.23
C TYR D 1117 21.62 -38.48 33.09
N ASN D 1118 20.35 -38.47 32.67
CA ASN D 1118 19.32 -39.20 33.41
C ASN D 1118 19.32 -40.65 32.95
N LEU D 1119 19.55 -41.56 33.89
CA LEU D 1119 19.55 -42.98 33.54
C LEU D 1119 18.15 -43.51 33.33
N ASP D 1120 17.29 -43.38 34.33
CA ASP D 1120 15.96 -43.97 34.26
C ASP D 1120 15.13 -43.43 33.09
N LYS D 1121 15.54 -42.33 32.46
CA LYS D 1121 14.81 -41.71 31.35
C LYS D 1121 15.49 -41.79 29.99
N GLY D 1122 16.83 -41.74 29.91
CA GLY D 1122 17.51 -42.00 28.65
C GLY D 1122 17.73 -40.81 27.74
N TYR D 1123 18.03 -39.65 28.32
CA TYR D 1123 18.41 -38.44 27.60
C TYR D 1123 19.40 -37.68 28.47
N PHE D 1124 19.81 -36.49 28.03
CA PHE D 1124 20.72 -35.64 28.78
C PHE D 1124 19.94 -34.52 29.46
N GLU D 1125 20.51 -33.94 30.52
CA GLU D 1125 19.83 -32.90 31.29
C GLU D 1125 20.77 -31.73 31.57
N PHE D 1126 20.41 -30.55 31.04
CA PHE D 1126 21.13 -29.30 31.27
C PHE D 1126 20.29 -28.42 32.21
N SER D 1127 20.50 -28.55 33.52
CA SER D 1127 19.84 -27.69 34.49
C SER D 1127 20.62 -26.38 34.63
N PHE D 1128 19.91 -25.27 34.81
CA PHE D 1128 20.56 -23.96 34.84
C PHE D 1128 19.59 -22.90 35.36
N ASP D 1129 20.12 -21.69 35.55
CA ASP D 1129 19.34 -20.48 35.79
C ASP D 1129 19.69 -19.44 34.74
N TYR D 1130 18.70 -18.65 34.33
CA TYR D 1130 18.91 -17.71 33.24
C TYR D 1130 19.74 -16.51 33.68
N LYS D 1131 19.57 -16.07 34.93
CA LYS D 1131 20.27 -14.86 35.37
C LYS D 1131 21.79 -15.02 35.26
N ASN D 1132 22.32 -16.19 35.64
CA ASN D 1132 23.77 -16.42 35.58
C ASN D 1132 24.33 -16.12 34.20
N PHE D 1133 23.54 -16.35 33.14
CA PHE D 1133 23.98 -16.10 31.79
C PHE D 1133 23.97 -14.60 31.49
N GLY D 1134 24.68 -14.24 30.42
CA GLY D 1134 25.17 -12.87 30.28
C GLY D 1134 24.09 -11.82 30.28
N ASP D 1135 23.13 -11.93 29.36
CA ASP D 1135 22.03 -11.00 29.29
C ASP D 1135 21.31 -10.97 30.63
N LYS D 1136 20.92 -9.77 31.07
CA LYS D 1136 20.36 -9.57 32.40
C LYS D 1136 18.85 -9.80 32.49
N ALA D 1137 18.07 -9.53 31.39
CA ALA D 1137 16.58 -9.65 31.28
C ALA D 1137 16.02 -11.10 31.41
N ALA D 1138 16.90 -11.98 31.90
CA ALA D 1138 16.71 -13.43 31.88
C ALA D 1138 16.42 -13.95 33.29
N LYS D 1139 15.18 -14.44 33.51
CA LYS D 1139 14.73 -14.92 34.81
C LYS D 1139 14.20 -16.34 34.66
N GLY D 1140 14.63 -17.23 35.57
CA GLY D 1140 14.11 -18.59 35.63
C GLY D 1140 15.14 -19.70 35.72
N LYS D 1141 14.90 -20.67 36.60
CA LYS D 1141 15.73 -21.88 36.70
C LYS D 1141 15.03 -23.00 35.93
N TRP D 1142 15.64 -23.43 34.83
CA TRP D 1142 15.02 -24.43 33.97
C TRP D 1142 15.94 -25.62 33.74
N THR D 1143 15.31 -26.74 33.41
CA THR D 1143 15.99 -27.97 33.05
C THR D 1143 15.51 -28.39 31.66
N ILE D 1144 16.45 -28.50 30.70
CA ILE D 1144 16.14 -28.68 29.27
C ILE D 1144 16.72 -30.00 28.76
N ALA D 1145 15.86 -30.88 28.26
CA ALA D 1145 16.25 -32.22 27.84
C ALA D 1145 16.46 -32.30 26.33
N SER D 1146 17.19 -33.33 25.91
CA SER D 1146 17.40 -33.64 24.50
C SER D 1146 16.41 -34.68 23.99
N PHE D 1147 15.31 -34.89 24.72
CA PHE D 1147 14.37 -35.92 24.37
C PHE D 1147 13.71 -35.61 23.04
N GLY D 1148 13.56 -36.64 22.21
CA GLY D 1148 12.75 -36.57 21.02
C GLY D 1148 13.55 -36.48 19.73
N SER D 1149 12.80 -36.39 18.63
CA SER D 1149 13.38 -36.16 17.32
C SER D 1149 13.46 -34.65 17.05
N ARG D 1150 13.99 -34.28 15.88
CA ARG D 1150 14.17 -32.87 15.52
C ARG D 1150 14.44 -32.81 14.03
N LEU D 1151 14.36 -31.59 13.47
CA LEU D 1151 14.54 -31.37 12.03
C LEU D 1151 15.54 -30.25 11.77
N ILE D 1152 16.14 -30.30 10.59
CA ILE D 1152 17.11 -29.32 10.14
C ILE D 1152 17.23 -29.41 8.62
N ASN D 1153 17.25 -28.25 7.96
CA ASN D 1153 17.23 -28.15 6.50
C ASN D 1153 18.63 -27.87 5.97
N PHE D 1154 19.17 -28.80 5.17
CA PHE D 1154 20.50 -28.65 4.60
C PHE D 1154 20.43 -28.69 3.07
N ARG D 1155 21.51 -28.27 2.43
CA ARG D 1155 21.61 -28.24 0.97
C ARG D 1155 22.48 -29.40 0.50
N ASN D 1156 21.91 -30.30 -0.29
CA ASN D 1156 22.62 -31.51 -0.66
C ASN D 1156 22.91 -31.54 -2.16
N ASP D 1164 16.46 -29.75 1.31
CA ASP D 1164 16.39 -31.06 1.93
C ASP D 1164 16.49 -30.92 3.45
N THR D 1165 15.86 -31.84 4.16
CA THR D 1165 15.88 -31.83 5.63
C THR D 1165 16.09 -33.25 6.15
N ARG D 1166 16.73 -33.38 7.32
CA ARG D 1166 16.99 -34.68 7.94
C ARG D 1166 16.56 -34.70 9.40
N GLU D 1167 16.06 -35.87 9.83
CA GLU D 1167 15.67 -36.11 11.22
C GLU D 1167 16.89 -36.34 12.09
N VAL D 1168 17.09 -35.47 13.08
CA VAL D 1168 18.25 -35.53 13.96
C VAL D 1168 17.76 -35.86 15.35
N TYR D 1169 18.31 -36.93 15.91
CA TYR D 1169 18.10 -37.17 17.33
C TYR D 1169 19.29 -36.61 18.08
N PRO D 1170 19.11 -35.55 18.88
CA PRO D 1170 20.25 -35.01 19.62
C PRO D 1170 20.64 -35.85 20.80
N THR D 1171 19.69 -36.59 21.39
CA THR D 1171 20.02 -37.54 22.46
C THR D 1171 21.01 -38.60 21.96
N LYS D 1172 20.84 -39.02 20.71
CA LYS D 1172 21.78 -39.94 20.07
C LYS D 1172 22.99 -39.19 19.49
N GLU D 1173 22.82 -37.91 19.14
CA GLU D 1173 23.94 -37.13 18.62
C GLU D 1173 24.94 -36.78 19.72
N LEU D 1174 24.50 -36.77 20.98
CA LEU D 1174 25.42 -36.54 22.09
C LEU D 1174 26.18 -37.81 22.45
N GLU D 1175 25.50 -38.96 22.49
CA GLU D 1175 26.18 -40.24 22.71
C GLU D 1175 27.34 -40.41 21.74
N LYS D 1176 27.17 -39.95 20.49
CA LYS D 1176 28.19 -40.01 19.45
C LYS D 1176 29.31 -39.00 19.66
N LEU D 1177 29.17 -38.05 20.56
CA LEU D 1177 30.22 -37.06 20.77
C LEU D 1177 31.05 -37.33 22.01
N LEU D 1178 30.41 -37.75 23.10
CA LEU D 1178 31.15 -38.06 24.31
C LEU D 1178 32.11 -39.22 24.09
N LYS D 1179 31.64 -40.28 23.45
CA LYS D 1179 32.49 -41.45 23.22
C LYS D 1179 33.57 -41.19 22.16
N ASP D 1180 33.45 -40.12 21.38
CA ASP D 1180 34.58 -39.64 20.58
C ASP D 1180 35.68 -39.06 21.46
N TYR D 1181 35.29 -38.37 22.53
CA TYR D 1181 36.23 -37.66 23.37
C TYR D 1181 36.26 -38.27 24.76
N SER D 1182 36.01 -39.58 24.83
CA SER D 1182 36.38 -40.44 25.93
C SER D 1182 35.62 -40.16 27.23
N ILE D 1183 34.61 -39.30 27.21
CA ILE D 1183 33.87 -39.02 28.44
C ILE D 1183 32.87 -40.13 28.68
N GLU D 1184 32.82 -40.58 29.93
CA GLU D 1184 31.92 -41.65 30.33
C GLU D 1184 30.65 -41.05 30.91
N TYR D 1185 29.52 -41.54 30.41
CA TYR D 1185 28.22 -40.99 30.77
C TYR D 1185 27.21 -42.02 31.25
N GLY D 1186 27.50 -43.32 31.13
CA GLY D 1186 26.49 -44.37 31.20
C GLY D 1186 26.03 -44.78 32.59
N HIS D 1187 26.42 -44.07 33.64
CA HIS D 1187 25.97 -44.37 34.99
C HIS D 1187 25.27 -43.18 35.66
N GLY D 1188 25.08 -42.07 34.95
CA GLY D 1188 24.40 -40.92 35.50
C GLY D 1188 25.28 -39.74 35.89
N GLU D 1189 26.61 -39.94 36.00
CA GLU D 1189 27.49 -38.90 36.54
C GLU D 1189 27.39 -37.61 35.73
N CYS D 1190 27.25 -36.48 36.42
CA CYS D 1190 27.27 -35.16 35.79
C CYS D 1190 28.59 -34.88 35.07
N ILE D 1191 28.47 -34.56 33.77
CA ILE D 1191 29.59 -34.43 32.85
C ILE D 1191 29.95 -32.96 32.78
N LYS D 1192 29.43 -32.19 33.73
CA LYS D 1192 29.49 -30.75 33.57
C LYS D 1192 30.94 -30.29 33.43
N ALA D 1193 31.83 -30.83 34.25
CA ALA D 1193 33.19 -30.30 34.30
C ALA D 1193 34.01 -30.70 33.09
N ALA D 1194 33.72 -31.85 32.49
CA ALA D 1194 34.62 -32.44 31.50
C ALA D 1194 34.66 -31.61 30.23
N ILE D 1195 33.50 -31.14 29.77
CA ILE D 1195 33.43 -30.41 28.51
C ILE D 1195 34.28 -29.14 28.59
N CYS D 1196 34.07 -28.31 29.61
CA CYS D 1196 34.74 -27.01 29.58
C CYS D 1196 36.21 -27.13 29.94
N GLY D 1197 36.73 -28.34 30.04
CA GLY D 1197 38.14 -28.50 30.31
C GLY D 1197 38.92 -28.77 29.05
N GLU D 1198 38.21 -29.23 28.00
CA GLU D 1198 38.85 -29.72 26.79
C GLU D 1198 39.13 -28.59 25.80
N SER D 1199 40.16 -28.78 24.99
CA SER D 1199 40.68 -27.66 24.22
C SER D 1199 39.98 -27.52 22.88
N ASP D 1200 39.45 -28.64 22.38
CA ASP D 1200 39.16 -28.80 20.96
C ASP D 1200 38.07 -27.83 20.50
N LYS D 1201 38.25 -27.32 19.28
CA LYS D 1201 37.28 -26.42 18.66
C LYS D 1201 36.15 -27.20 18.01
N LYS D 1202 36.49 -28.30 17.33
CA LYS D 1202 35.50 -29.20 16.74
C LYS D 1202 34.59 -29.77 17.82
N PHE D 1203 35.17 -30.13 18.97
CA PHE D 1203 34.40 -30.72 20.06
C PHE D 1203 33.31 -29.78 20.55
N PHE D 1204 33.60 -28.49 20.66
CA PHE D 1204 32.61 -27.51 21.10
C PHE D 1204 31.69 -27.05 19.96
N ALA D 1205 32.06 -27.30 18.71
CA ALA D 1205 31.30 -26.82 17.55
C ALA D 1205 30.07 -27.69 17.29
N LYS D 1206 30.24 -29.02 17.36
CA LYS D 1206 29.07 -29.89 17.29
C LYS D 1206 28.24 -29.85 18.57
N LEU D 1207 28.81 -29.35 19.68
CA LEU D 1207 28.08 -29.32 20.96
C LEU D 1207 27.19 -28.08 21.08
N THR D 1208 27.71 -26.90 20.75
CA THR D 1208 26.83 -25.74 20.61
C THR D 1208 25.82 -25.93 19.48
N SER D 1209 26.02 -26.91 18.59
CA SER D 1209 25.06 -27.26 17.55
C SER D 1209 23.95 -28.16 18.09
N VAL D 1210 24.31 -29.29 18.72
CA VAL D 1210 23.32 -30.14 19.35
C VAL D 1210 22.56 -29.39 20.44
N LEU D 1211 23.05 -28.23 20.88
CA LEU D 1211 22.30 -27.37 21.81
C LEU D 1211 21.32 -26.47 21.08
N ASN D 1212 21.68 -26.05 19.87
CA ASN D 1212 20.74 -25.31 19.04
C ASN D 1212 19.56 -26.19 18.65
N THR D 1213 19.83 -27.50 18.44
CA THR D 1213 18.74 -28.41 18.10
C THR D 1213 17.92 -28.79 19.33
N ILE D 1214 18.53 -28.77 20.53
CA ILE D 1214 17.81 -29.11 21.76
C ILE D 1214 16.74 -28.07 22.06
N LEU D 1215 16.94 -26.83 21.63
CA LEU D 1215 16.08 -25.70 21.98
C LEU D 1215 15.16 -25.26 20.83
N GLN D 1216 15.41 -25.73 19.62
CA GLN D 1216 14.67 -25.35 18.41
C GLN D 1216 13.26 -25.93 18.47
N MET D 1217 12.28 -25.14 18.92
CA MET D 1217 10.99 -25.75 19.22
C MET D 1217 10.16 -26.00 17.95
N ARG D 1218 10.24 -25.14 16.95
CA ARG D 1218 9.49 -25.35 15.71
C ARG D 1218 10.35 -26.17 14.75
N ASN D 1219 9.80 -27.28 14.24
CA ASN D 1219 10.47 -28.13 13.28
C ASN D 1219 9.58 -28.36 12.06
N SER D 1220 10.08 -27.92 10.90
CA SER D 1220 9.34 -27.86 9.64
C SER D 1220 10.12 -28.59 8.56
N LYS D 1221 9.46 -28.83 7.42
CA LYS D 1221 10.06 -29.48 6.26
C LYS D 1221 10.28 -28.48 5.13
N ASP D 1227 5.12 -30.39 9.59
CA ASP D 1227 5.49 -29.32 10.55
C ASP D 1227 4.94 -29.49 11.99
N TYR D 1228 5.80 -29.29 13.01
CA TYR D 1228 5.39 -29.48 14.40
C TYR D 1228 6.36 -28.80 15.37
N LEU D 1229 5.87 -28.58 16.59
CA LEU D 1229 6.55 -27.87 17.69
C LEU D 1229 6.78 -28.78 18.89
N ILE D 1230 8.04 -28.83 19.39
CA ILE D 1230 8.40 -29.73 20.50
C ILE D 1230 9.14 -28.97 21.60
N SER D 1231 9.01 -29.47 22.85
CA SER D 1231 9.38 -28.77 24.08
C SER D 1231 10.38 -29.60 24.89
N PRO D 1232 11.53 -29.02 25.27
CA PRO D 1232 12.51 -29.77 26.07
C PRO D 1232 12.19 -29.81 27.55
N VAL D 1233 11.41 -28.87 28.05
CA VAL D 1233 11.25 -28.66 29.49
C VAL D 1233 10.07 -29.47 29.98
N ALA D 1234 10.33 -30.28 30.97
CA ALA D 1234 9.25 -31.11 31.42
C ALA D 1234 8.26 -30.28 32.22
N ASP D 1235 7.04 -30.83 32.31
CA ASP D 1235 6.02 -30.36 33.23
C ASP D 1235 6.13 -31.15 34.53
N VAL D 1236 5.15 -31.01 35.42
CA VAL D 1236 5.26 -31.66 36.72
C VAL D 1236 5.28 -33.18 36.55
N ASN D 1237 4.40 -33.72 35.68
CA ASN D 1237 4.45 -35.15 35.39
C ASN D 1237 5.74 -35.56 34.66
N GLY D 1238 6.65 -34.64 34.35
CA GLY D 1238 7.87 -35.01 33.64
C GLY D 1238 7.68 -35.37 32.19
N ASN D 1239 6.55 -35.03 31.59
CA ASN D 1239 6.31 -35.29 30.18
C ASN D 1239 6.68 -34.09 29.33
N PHE D 1240 6.91 -34.35 28.06
CA PHE D 1240 7.47 -33.37 27.15
C PHE D 1240 6.46 -33.10 26.06
N PHE D 1241 6.27 -31.82 25.73
CA PHE D 1241 5.22 -31.38 24.82
C PHE D 1241 5.53 -31.72 23.37
N ASP D 1242 4.57 -32.37 22.71
CA ASP D 1242 4.67 -32.68 21.29
C ASP D 1242 3.37 -32.27 20.61
N SER D 1243 3.48 -31.48 19.52
CA SER D 1243 2.30 -31.05 18.79
C SER D 1243 1.64 -32.21 18.07
N ARG D 1244 2.41 -33.21 17.63
CA ARG D 1244 1.82 -34.39 16.97
C ARG D 1244 0.75 -35.04 17.85
N GLN D 1245 0.89 -34.95 19.15
CA GLN D 1245 -0.12 -35.48 20.04
C GLN D 1245 -0.32 -34.48 21.17
N ALA D 1246 -1.42 -33.73 21.10
CA ALA D 1246 -1.80 -32.78 22.12
C ALA D 1246 -3.30 -32.83 22.25
N PRO D 1247 -3.83 -32.67 23.46
CA PRO D 1247 -5.28 -32.56 23.62
C PRO D 1247 -5.86 -31.38 22.83
N LYS D 1248 -7.19 -31.34 22.76
CA LYS D 1248 -7.83 -30.30 21.96
C LYS D 1248 -7.66 -28.91 22.60
N ASN D 1249 -7.46 -28.83 23.92
CA ASN D 1249 -7.24 -27.54 24.57
C ASN D 1249 -5.84 -26.96 24.35
N MET D 1250 -4.90 -27.73 23.78
CA MET D 1250 -3.57 -27.24 23.48
C MET D 1250 -3.31 -27.25 21.96
N PRO D 1251 -2.38 -26.41 21.45
CA PRO D 1251 -2.18 -26.30 19.98
C PRO D 1251 -1.98 -27.64 19.28
N GLN D 1252 -2.21 -27.66 17.96
CA GLN D 1252 -1.94 -28.87 17.19
C GLN D 1252 -0.63 -28.76 16.41
N ASP D 1253 -0.12 -27.54 16.22
CA ASP D 1253 1.20 -27.36 15.64
C ASP D 1253 1.68 -25.95 15.93
N ALA D 1254 2.92 -25.67 15.53
CA ALA D 1254 3.59 -24.42 15.92
C ALA D 1254 2.83 -23.21 15.40
N ASP D 1255 2.06 -23.38 14.33
CA ASP D 1255 1.31 -22.25 13.80
C ASP D 1255 0.17 -21.87 14.74
N ALA D 1256 -0.59 -22.87 15.19
CA ALA D 1256 -1.66 -22.62 16.16
C ALA D 1256 -1.11 -22.18 17.50
N ASN D 1257 0.11 -22.62 17.82
CA ASN D 1257 0.81 -22.17 19.01
C ASN D 1257 1.18 -20.70 18.90
N GLY D 1258 1.45 -20.23 17.68
CA GLY D 1258 1.62 -18.82 17.41
C GLY D 1258 0.37 -18.03 17.75
N ALA D 1259 -0.76 -18.37 17.11
CA ALA D 1259 -2.02 -17.71 17.41
C ALA D 1259 -2.54 -17.99 18.82
N TYR D 1260 -2.31 -19.21 19.35
CA TYR D 1260 -2.62 -19.52 20.76
C TYR D 1260 -1.97 -18.55 21.72
N HIS D 1261 -0.71 -18.17 21.45
CA HIS D 1261 0.03 -17.26 22.33
C HIS D 1261 -0.26 -15.80 22.07
N ILE D 1262 -0.80 -15.45 20.89
CA ILE D 1262 -1.43 -14.14 20.75
C ILE D 1262 -2.67 -14.07 21.63
N GLY D 1263 -3.42 -15.18 21.70
CA GLY D 1263 -4.61 -15.20 22.52
C GLY D 1263 -4.32 -15.28 24.01
N LEU D 1264 -3.14 -15.79 24.38
CA LEU D 1264 -2.70 -15.71 25.77
C LEU D 1264 -2.35 -14.26 26.14
N LYS D 1265 -1.73 -13.51 25.23
CA LYS D 1265 -1.54 -12.07 25.47
C LYS D 1265 -2.86 -11.33 25.44
N GLY D 1266 -3.87 -11.85 24.74
CA GLY D 1266 -5.22 -11.31 24.88
C GLY D 1266 -5.83 -11.61 26.25
N LEU D 1267 -5.65 -12.85 26.74
CA LEU D 1267 -6.13 -13.22 28.07
C LEU D 1267 -5.56 -12.29 29.13
N MET D 1268 -4.28 -11.96 28.99
CA MET D 1268 -3.62 -10.91 29.77
C MET D 1268 -4.33 -9.58 29.63
N LEU D 1269 -4.61 -9.19 28.39
CA LEU D 1269 -5.29 -7.94 28.12
C LEU D 1269 -6.71 -7.93 28.68
N LEU D 1270 -7.36 -9.09 28.70
CA LEU D 1270 -8.69 -9.14 29.29
C LEU D 1270 -8.60 -8.78 30.76
N GLY D 1271 -7.63 -9.37 31.45
CA GLY D 1271 -7.33 -9.12 32.83
C GLY D 1271 -7.33 -7.66 33.19
N ARG D 1272 -6.46 -6.88 32.54
CA ARG D 1272 -6.30 -5.48 32.90
C ARG D 1272 -7.56 -4.67 32.63
N ILE D 1273 -8.49 -5.23 31.84
CA ILE D 1273 -9.78 -4.61 31.56
C ILE D 1273 -10.77 -4.94 32.67
N LYS D 1274 -10.75 -6.17 33.19
CA LYS D 1274 -11.64 -6.54 34.27
C LYS D 1274 -11.26 -5.83 35.55
N ASN D 1275 -9.96 -5.86 35.90
CA ASN D 1275 -9.38 -5.24 37.08
C ASN D 1275 -9.03 -3.77 36.88
N ASN D 1276 -9.56 -3.13 35.83
CA ASN D 1276 -9.48 -1.67 35.68
C ASN D 1276 -10.45 -0.96 36.62
N GLN D 1277 -10.02 0.18 37.14
CA GLN D 1277 -10.81 0.95 38.08
C GLN D 1277 -11.25 2.27 37.46
N GLU D 1278 -12.34 2.82 37.99
CA GLU D 1278 -13.03 3.90 37.32
C GLU D 1278 -12.27 5.21 37.49
N GLY D 1279 -12.22 5.98 36.41
CA GLY D 1279 -11.39 7.15 36.34
C GLY D 1279 -10.05 6.93 35.68
N LYS D 1280 -9.59 5.68 35.63
CA LYS D 1280 -8.24 5.36 35.17
C LYS D 1280 -8.19 5.17 33.66
N LYS D 1281 -6.96 5.11 33.16
CA LYS D 1281 -6.67 4.81 31.77
C LYS D 1281 -6.17 3.38 31.67
N LEU D 1282 -6.79 2.62 30.78
CA LEU D 1282 -6.33 1.27 30.50
C LEU D 1282 -4.87 1.30 30.03
N ASN D 1283 -4.11 0.29 30.47
CA ASN D 1283 -2.78 0.02 29.93
C ASN D 1283 -2.85 -1.16 28.98
N LEU D 1284 -2.42 -0.95 27.74
CA LEU D 1284 -2.52 -1.98 26.70
C LEU D 1284 -1.15 -2.34 26.12
N VAL D 1285 -0.08 -1.99 26.80
CA VAL D 1285 1.26 -2.37 26.36
C VAL D 1285 1.73 -3.49 27.26
N ILE D 1286 1.88 -4.67 26.69
CA ILE D 1286 2.47 -5.81 27.37
C ILE D 1286 3.97 -5.76 27.14
N LYS D 1287 4.71 -5.85 28.23
CA LYS D 1287 6.14 -6.07 28.15
C LYS D 1287 6.46 -7.55 28.31
N ASN D 1288 7.62 -7.92 27.76
CA ASN D 1288 7.96 -9.33 27.64
C ASN D 1288 8.03 -10.01 29.00
N GLU D 1289 8.36 -9.26 30.06
CA GLU D 1289 8.49 -9.85 31.38
C GLU D 1289 7.14 -10.08 32.04
N GLU D 1290 6.22 -9.13 31.91
CA GLU D 1290 4.87 -9.40 32.41
C GLU D 1290 4.21 -10.55 31.62
N TYR D 1291 4.55 -10.69 30.34
CA TYR D 1291 4.11 -11.87 29.57
C TYR D 1291 4.72 -13.14 30.14
N PHE D 1292 6.07 -13.21 30.18
CA PHE D 1292 6.75 -14.43 30.64
C PHE D 1292 6.22 -14.85 32.00
N GLU D 1293 6.10 -13.90 32.91
CA GLU D 1293 5.55 -14.21 34.20
C GLU D 1293 4.16 -14.82 34.07
N PHE D 1294 3.37 -14.38 33.08
CA PHE D 1294 2.00 -14.86 33.02
C PHE D 1294 1.93 -16.21 32.32
N VAL D 1295 2.66 -16.40 31.23
CA VAL D 1295 2.64 -17.71 30.60
C VAL D 1295 3.47 -18.73 31.39
N GLN D 1296 4.45 -18.28 32.17
CA GLN D 1296 5.34 -19.25 32.81
C GLN D 1296 4.70 -19.90 34.01
N ASN D 1297 4.04 -19.10 34.86
CA ASN D 1297 3.52 -19.51 36.16
C ASN D 1297 2.04 -19.85 36.16
N ARG D 1298 1.33 -19.74 35.02
CA ARG D 1298 -0.09 -20.10 34.97
C ARG D 1298 -0.29 -21.59 35.14
N ASN D 1299 0.42 -22.39 34.36
CA ASN D 1299 0.33 -23.83 34.52
C ASN D 1299 1.01 -24.27 35.81
N ASN D 1300 2.23 -23.78 36.08
CA ASN D 1300 2.99 -24.11 37.29
C ASN D 1300 2.94 -23.02 38.39
MG MG E . -16.20 -15.49 -11.57
MG MG F . -28.49 -13.88 -3.38
#